data_5BZL
# 
_entry.id   5BZL 
# 
_audit_conform.dict_name       mmcif_pdbx.dic 
_audit_conform.dict_version    5.398 
_audit_conform.dict_location   http://mmcif.pdb.org/dictionaries/ascii/mmcif_pdbx.dic 
# 
loop_
_database_2.database_id 
_database_2.database_code 
_database_2.pdbx_database_accession 
_database_2.pdbx_DOI 
PDB   5BZL         pdb_00005bzl 10.2210/pdb5bzl/pdb 
WWPDB D_1000210173 ?            ?                   
# 
loop_
_pdbx_audit_revision_history.ordinal 
_pdbx_audit_revision_history.data_content_type 
_pdbx_audit_revision_history.major_revision 
_pdbx_audit_revision_history.minor_revision 
_pdbx_audit_revision_history.revision_date 
1 'Structure model' 1 0 2016-06-29 
2 'Structure model' 1 1 2024-11-13 
# 
_pdbx_audit_revision_details.ordinal             1 
_pdbx_audit_revision_details.revision_ordinal    1 
_pdbx_audit_revision_details.data_content_type   'Structure model' 
_pdbx_audit_revision_details.provider            repository 
_pdbx_audit_revision_details.type                'Initial release' 
_pdbx_audit_revision_details.description         ? 
_pdbx_audit_revision_details.details             ? 
# 
loop_
_pdbx_audit_revision_group.ordinal 
_pdbx_audit_revision_group.revision_ordinal 
_pdbx_audit_revision_group.data_content_type 
_pdbx_audit_revision_group.group 
1 2 'Structure model' 'Data collection'      
2 2 'Structure model' 'Database references'  
3 2 'Structure model' 'Derived calculations' 
4 2 'Structure model' 'Structure summary'    
# 
loop_
_pdbx_audit_revision_category.ordinal 
_pdbx_audit_revision_category.revision_ordinal 
_pdbx_audit_revision_category.data_content_type 
_pdbx_audit_revision_category.category 
1 2 'Structure model' chem_comp_atom              
2 2 'Structure model' chem_comp_bond              
3 2 'Structure model' citation                    
4 2 'Structure model' database_2                  
5 2 'Structure model' diffrn_radiation_wavelength 
6 2 'Structure model' pdbx_entry_details          
7 2 'Structure model' pdbx_modification_feature   
8 2 'Structure model' pdbx_struct_oper_list       
# 
loop_
_pdbx_audit_revision_item.ordinal 
_pdbx_audit_revision_item.revision_ordinal 
_pdbx_audit_revision_item.data_content_type 
_pdbx_audit_revision_item.item 
1 2 'Structure model' '_citation.journal_id_CSD'                  
2 2 'Structure model' '_database_2.pdbx_DOI'                      
3 2 'Structure model' '_database_2.pdbx_database_accession'       
4 2 'Structure model' '_pdbx_struct_oper_list.symmetry_operation' 
# 
_pdbx_database_status.status_code                     REL 
_pdbx_database_status.status_code_sf                  REL 
_pdbx_database_status.status_code_mr                  ? 
_pdbx_database_status.entry_id                        5BZL 
_pdbx_database_status.recvd_initial_deposition_date   2015-06-11 
_pdbx_database_status.SG_entry                        N 
_pdbx_database_status.deposit_site                    RCSB 
_pdbx_database_status.process_site                    RCSB 
_pdbx_database_status.status_code_cs                  ? 
_pdbx_database_status.methods_development_category    ? 
_pdbx_database_status.pdb_format_compatible           Y 
_pdbx_database_status.status_code_nmr_data            ? 
# 
loop_
_pdbx_database_related.content_type 
_pdbx_database_related.db_id 
_pdbx_database_related.db_name 
_pdbx_database_related.details 
unspecified 5BZC PDB . 
unspecified 5BZE PDB . 
unspecified 5BZF PDB . 
unspecified 5BZG PDB . 
unspecified 5BZH PDB . 
unspecified 5BZI PDB . 
unspecified 5BZL PDB . 
unspecified 5BZM PDB . 
unspecified 5BZN PDB . 
unspecified 5BZO PDB . 
unspecified 5BZQ PDB . 
unspecified 5BZP PDB . 
unspecified 5BZR PDB . 
unspecified 5BZS PDB . 
unspecified 5BZT PDB . 
# 
loop_
_audit_author.name 
_audit_author.pdbx_ordinal 
'Liu, L.K.'    1 
'Finzel, B.C.' 2 
# 
_citation.abstract                  ? 
_citation.abstract_id_CAS           ? 
_citation.book_id_ISBN              ? 
_citation.book_publisher            ? 
_citation.book_publisher_city       ? 
_citation.book_title                ? 
_citation.coordinate_linkage        ? 
_citation.country                   ? 
_citation.database_id_Medline       ? 
_citation.details                   ? 
_citation.id                        primary 
_citation.journal_abbrev            'To Be Published' 
_citation.journal_id_ASTM           ? 
_citation.journal_id_CSD            0353 
_citation.journal_id_ISSN           ? 
_citation.journal_full              ? 
_citation.journal_issue             ? 
_citation.journal_volume            ? 
_citation.language                  ? 
_citation.page_first                ? 
_citation.page_last                 ? 
_citation.title                     'Crystal structure of the murine cd44 hyaluronan binding domain complex with a small molecule' 
_citation.year                      ? 
_citation.database_id_CSD           ? 
_citation.pdbx_database_id_DOI      ? 
_citation.pdbx_database_id_PubMed   ? 
_citation.unpublished_flag          ? 
# 
loop_
_citation_author.citation_id 
_citation_author.name 
_citation_author.ordinal 
_citation_author.identifier_ORCID 
primary 'Liu, L.K.'    1 ? 
primary 'Finzel, B.C.' 2 ? 
# 
loop_
_entity.id 
_entity.type 
_entity.src_method 
_entity.pdbx_description 
_entity.formula_weight 
_entity.pdbx_number_of_molecules 
_entity.pdbx_ec 
_entity.pdbx_mutation 
_entity.pdbx_fragment 
_entity.details 
1 polymer     man 'CD44 antigen'                                                 16855.803 1  ? 'H23M; Q24N' 
'HYALURONAN BINDING DOMAIN, RESIDUES 21-171' ? 
2 non-polymer syn 'DIMETHYL SULFOXIDE'                                           78.133    1  ? ?            ? ? 
3 non-polymer syn 'SULFATE ION'                                                  96.063    1  ? ?            ? ? 
4 non-polymer syn 'methyl 3-(8-amino-3,4-dihydroisoquinolin-2(1H)-yl)propanoate' 234.294   1  ? ?            ? ? 
5 water       nat water                                                          18.015    90 ? ?            ? ? 
# 
_entity_name_com.entity_id   1 
_entity_name_com.name        
;Extracellular matrix receptor III,ECMR-III,GP90 lymphocyte homing/adhesion receptor,HUTCH-I,Hermes antigen,Hyaluronate receptor,Lymphocyte antigen 24,Ly-24,Phagocytic glycoprotein 1,PGP-1,Phagocytic glycoprotein I,PGP-I
;
# 
_entity_poly.entity_id                      1 
_entity_poly.type                           'polypeptide(L)' 
_entity_poly.nstd_linkage                   no 
_entity_poly.nstd_monomer                   no 
_entity_poly.pdbx_seq_one_letter_code       
;MNQIDLNVTCRYAGVFHVEKNGRYSISRTEAADLCQAFNSTLPTMDQMKLALSKGFETCRYGFIEGNVVIPRIHPNAICA
ANHTGVYILVTSNTSHYDTYCFNASAPPEEDCTSVTDLPNSFDGPVTITIVNRDGTRYSKKGEYRTHQEDI
;
_entity_poly.pdbx_seq_one_letter_code_can   
;MNQIDLNVTCRYAGVFHVEKNGRYSISRTEAADLCQAFNSTLPTMDQMKLALSKGFETCRYGFIEGNVVIPRIHPNAICA
ANHTGVYILVTSNTSHYDTYCFNASAPPEEDCTSVTDLPNSFDGPVTITIVNRDGTRYSKKGEYRTHQEDI
;
_entity_poly.pdbx_strand_id                 A 
_entity_poly.pdbx_target_identifier         ? 
# 
loop_
_pdbx_entity_nonpoly.entity_id 
_pdbx_entity_nonpoly.name 
_pdbx_entity_nonpoly.comp_id 
2 'DIMETHYL SULFOXIDE'                                           DMS 
3 'SULFATE ION'                                                  SO4 
4 'methyl 3-(8-amino-3,4-dihydroisoquinolin-2(1H)-yl)propanoate' 4WO 
5 water                                                          HOH 
# 
loop_
_entity_poly_seq.entity_id 
_entity_poly_seq.num 
_entity_poly_seq.mon_id 
_entity_poly_seq.hetero 
1 1   MET n 
1 2   ASN n 
1 3   GLN n 
1 4   ILE n 
1 5   ASP n 
1 6   LEU n 
1 7   ASN n 
1 8   VAL n 
1 9   THR n 
1 10  CYS n 
1 11  ARG n 
1 12  TYR n 
1 13  ALA n 
1 14  GLY n 
1 15  VAL n 
1 16  PHE n 
1 17  HIS n 
1 18  VAL n 
1 19  GLU n 
1 20  LYS n 
1 21  ASN n 
1 22  GLY n 
1 23  ARG n 
1 24  TYR n 
1 25  SER n 
1 26  ILE n 
1 27  SER n 
1 28  ARG n 
1 29  THR n 
1 30  GLU n 
1 31  ALA n 
1 32  ALA n 
1 33  ASP n 
1 34  LEU n 
1 35  CYS n 
1 36  GLN n 
1 37  ALA n 
1 38  PHE n 
1 39  ASN n 
1 40  SER n 
1 41  THR n 
1 42  LEU n 
1 43  PRO n 
1 44  THR n 
1 45  MET n 
1 46  ASP n 
1 47  GLN n 
1 48  MET n 
1 49  LYS n 
1 50  LEU n 
1 51  ALA n 
1 52  LEU n 
1 53  SER n 
1 54  LYS n 
1 55  GLY n 
1 56  PHE n 
1 57  GLU n 
1 58  THR n 
1 59  CYS n 
1 60  ARG n 
1 61  TYR n 
1 62  GLY n 
1 63  PHE n 
1 64  ILE n 
1 65  GLU n 
1 66  GLY n 
1 67  ASN n 
1 68  VAL n 
1 69  VAL n 
1 70  ILE n 
1 71  PRO n 
1 72  ARG n 
1 73  ILE n 
1 74  HIS n 
1 75  PRO n 
1 76  ASN n 
1 77  ALA n 
1 78  ILE n 
1 79  CYS n 
1 80  ALA n 
1 81  ALA n 
1 82  ASN n 
1 83  HIS n 
1 84  THR n 
1 85  GLY n 
1 86  VAL n 
1 87  TYR n 
1 88  ILE n 
1 89  LEU n 
1 90  VAL n 
1 91  THR n 
1 92  SER n 
1 93  ASN n 
1 94  THR n 
1 95  SER n 
1 96  HIS n 
1 97  TYR n 
1 98  ASP n 
1 99  THR n 
1 100 TYR n 
1 101 CYS n 
1 102 PHE n 
1 103 ASN n 
1 104 ALA n 
1 105 SER n 
1 106 ALA n 
1 107 PRO n 
1 108 PRO n 
1 109 GLU n 
1 110 GLU n 
1 111 ASP n 
1 112 CYS n 
1 113 THR n 
1 114 SER n 
1 115 VAL n 
1 116 THR n 
1 117 ASP n 
1 118 LEU n 
1 119 PRO n 
1 120 ASN n 
1 121 SER n 
1 122 PHE n 
1 123 ASP n 
1 124 GLY n 
1 125 PRO n 
1 126 VAL n 
1 127 THR n 
1 128 ILE n 
1 129 THR n 
1 130 ILE n 
1 131 VAL n 
1 132 ASN n 
1 133 ARG n 
1 134 ASP n 
1 135 GLY n 
1 136 THR n 
1 137 ARG n 
1 138 TYR n 
1 139 SER n 
1 140 LYS n 
1 141 LYS n 
1 142 GLY n 
1 143 GLU n 
1 144 TYR n 
1 145 ARG n 
1 146 THR n 
1 147 HIS n 
1 148 GLN n 
1 149 GLU n 
1 150 ASP n 
1 151 ILE n 
# 
_entity_src_gen.entity_id                          1 
_entity_src_gen.pdbx_src_id                        1 
_entity_src_gen.pdbx_alt_source_flag               sample 
_entity_src_gen.pdbx_seq_type                      'Biological sequence' 
_entity_src_gen.pdbx_beg_seq_num                   1 
_entity_src_gen.pdbx_end_seq_num                   151 
_entity_src_gen.gene_src_common_name               Mouse 
_entity_src_gen.gene_src_genus                     ? 
_entity_src_gen.pdbx_gene_src_gene                 'Cd44, Ly-24' 
_entity_src_gen.gene_src_species                   ? 
_entity_src_gen.gene_src_strain                    ? 
_entity_src_gen.gene_src_tissue                    ? 
_entity_src_gen.gene_src_tissue_fraction           ? 
_entity_src_gen.gene_src_details                   ? 
_entity_src_gen.pdbx_gene_src_fragment             ? 
_entity_src_gen.pdbx_gene_src_scientific_name      'Mus musculus' 
_entity_src_gen.pdbx_gene_src_ncbi_taxonomy_id     10090 
_entity_src_gen.pdbx_gene_src_variant              ? 
_entity_src_gen.pdbx_gene_src_cell_line            ? 
_entity_src_gen.pdbx_gene_src_atcc                 ? 
_entity_src_gen.pdbx_gene_src_organ                ? 
_entity_src_gen.pdbx_gene_src_organelle            ? 
_entity_src_gen.pdbx_gene_src_cell                 ? 
_entity_src_gen.pdbx_gene_src_cellular_location    ? 
_entity_src_gen.host_org_common_name               ? 
_entity_src_gen.pdbx_host_org_scientific_name      'Escherichia coli' 
_entity_src_gen.pdbx_host_org_ncbi_taxonomy_id     469008 
_entity_src_gen.host_org_genus                     ? 
_entity_src_gen.pdbx_host_org_gene                 ? 
_entity_src_gen.pdbx_host_org_organ                ? 
_entity_src_gen.host_org_species                   ? 
_entity_src_gen.pdbx_host_org_tissue               ? 
_entity_src_gen.pdbx_host_org_tissue_fraction      ? 
_entity_src_gen.pdbx_host_org_strain               'BL21(DE3)' 
_entity_src_gen.pdbx_host_org_variant              ? 
_entity_src_gen.pdbx_host_org_cell_line            ? 
_entity_src_gen.pdbx_host_org_atcc                 ? 
_entity_src_gen.pdbx_host_org_culture_collection   ? 
_entity_src_gen.pdbx_host_org_cell                 ? 
_entity_src_gen.pdbx_host_org_organelle            ? 
_entity_src_gen.pdbx_host_org_cellular_location    ? 
_entity_src_gen.pdbx_host_org_vector_type          plasmid 
_entity_src_gen.pdbx_host_org_vector               ? 
_entity_src_gen.host_org_details                   ? 
_entity_src_gen.expression_system_id               ? 
_entity_src_gen.plasmid_name                       pMCSG7 
_entity_src_gen.plasmid_details                    ? 
_entity_src_gen.pdbx_description                   ? 
# 
loop_
_chem_comp.id 
_chem_comp.type 
_chem_comp.mon_nstd_flag 
_chem_comp.name 
_chem_comp.pdbx_synonyms 
_chem_comp.formula 
_chem_comp.formula_weight 
4WO non-polymer         . 'methyl 3-(8-amino-3,4-dihydroisoquinolin-2(1H)-yl)propanoate' ? 'C13 H18 N2 O2'  234.294 
ALA 'L-peptide linking' y ALANINE                                                        ? 'C3 H7 N O2'     89.093  
ARG 'L-peptide linking' y ARGININE                                                       ? 'C6 H15 N4 O2 1' 175.209 
ASN 'L-peptide linking' y ASPARAGINE                                                     ? 'C4 H8 N2 O3'    132.118 
ASP 'L-peptide linking' y 'ASPARTIC ACID'                                                ? 'C4 H7 N O4'     133.103 
CYS 'L-peptide linking' y CYSTEINE                                                       ? 'C3 H7 N O2 S'   121.158 
DMS non-polymer         . 'DIMETHYL SULFOXIDE'                                           ? 'C2 H6 O S'      78.133  
GLN 'L-peptide linking' y GLUTAMINE                                                      ? 'C5 H10 N2 O3'   146.144 
GLU 'L-peptide linking' y 'GLUTAMIC ACID'                                                ? 'C5 H9 N O4'     147.129 
GLY 'peptide linking'   y GLYCINE                                                        ? 'C2 H5 N O2'     75.067  
HIS 'L-peptide linking' y HISTIDINE                                                      ? 'C6 H10 N3 O2 1' 156.162 
HOH non-polymer         . WATER                                                          ? 'H2 O'           18.015  
ILE 'L-peptide linking' y ISOLEUCINE                                                     ? 'C6 H13 N O2'    131.173 
LEU 'L-peptide linking' y LEUCINE                                                        ? 'C6 H13 N O2'    131.173 
LYS 'L-peptide linking' y LYSINE                                                         ? 'C6 H15 N2 O2 1' 147.195 
MET 'L-peptide linking' y METHIONINE                                                     ? 'C5 H11 N O2 S'  149.211 
PHE 'L-peptide linking' y PHENYLALANINE                                                  ? 'C9 H11 N O2'    165.189 
PRO 'L-peptide linking' y PROLINE                                                        ? 'C5 H9 N O2'     115.130 
SER 'L-peptide linking' y SERINE                                                         ? 'C3 H7 N O3'     105.093 
SO4 non-polymer         . 'SULFATE ION'                                                  ? 'O4 S -2'        96.063  
THR 'L-peptide linking' y THREONINE                                                      ? 'C4 H9 N O3'     119.119 
TYR 'L-peptide linking' y TYROSINE                                                       ? 'C9 H11 N O3'    181.189 
VAL 'L-peptide linking' y VALINE                                                         ? 'C5 H11 N O2'    117.146 
# 
loop_
_pdbx_poly_seq_scheme.asym_id 
_pdbx_poly_seq_scheme.entity_id 
_pdbx_poly_seq_scheme.seq_id 
_pdbx_poly_seq_scheme.mon_id 
_pdbx_poly_seq_scheme.ndb_seq_num 
_pdbx_poly_seq_scheme.pdb_seq_num 
_pdbx_poly_seq_scheme.auth_seq_num 
_pdbx_poly_seq_scheme.pdb_mon_id 
_pdbx_poly_seq_scheme.auth_mon_id 
_pdbx_poly_seq_scheme.pdb_strand_id 
_pdbx_poly_seq_scheme.pdb_ins_code 
_pdbx_poly_seq_scheme.hetero 
A 1 1   MET 1   23  ?   ?   ?   A . n 
A 1 2   ASN 2   24  24  ASN ASN A . n 
A 1 3   GLN 3   25  25  GLN GLN A . n 
A 1 4   ILE 4   26  26  ILE ILE A . n 
A 1 5   ASP 5   27  27  ASP ASP A . n 
A 1 6   LEU 6   28  28  LEU LEU A . n 
A 1 7   ASN 7   29  29  ASN ASN A . n 
A 1 8   VAL 8   30  30  VAL VAL A . n 
A 1 9   THR 9   31  31  THR THR A . n 
A 1 10  CYS 10  32  32  CYS CYS A . n 
A 1 11  ARG 11  33  33  ARG ARG A . n 
A 1 12  TYR 12  34  34  TYR TYR A . n 
A 1 13  ALA 13  35  35  ALA ALA A . n 
A 1 14  GLY 14  36  36  GLY GLY A . n 
A 1 15  VAL 15  37  37  VAL VAL A . n 
A 1 16  PHE 16  38  38  PHE PHE A . n 
A 1 17  HIS 17  39  39  HIS HIS A . n 
A 1 18  VAL 18  40  40  VAL VAL A . n 
A 1 19  GLU 19  41  41  GLU GLU A . n 
A 1 20  LYS 20  42  42  LYS LYS A . n 
A 1 21  ASN 21  43  43  ASN ASN A . n 
A 1 22  GLY 22  44  44  GLY GLY A . n 
A 1 23  ARG 23  45  45  ARG ARG A . n 
A 1 24  TYR 24  46  46  TYR TYR A . n 
A 1 25  SER 25  47  47  SER SER A . n 
A 1 26  ILE 26  48  48  ILE ILE A . n 
A 1 27  SER 27  49  49  SER SER A . n 
A 1 28  ARG 28  50  50  ARG ARG A . n 
A 1 29  THR 29  51  51  THR THR A . n 
A 1 30  GLU 30  52  52  GLU GLU A . n 
A 1 31  ALA 31  53  53  ALA ALA A . n 
A 1 32  ALA 32  54  54  ALA ALA A . n 
A 1 33  ASP 33  55  55  ASP ASP A . n 
A 1 34  LEU 34  56  56  LEU LEU A . n 
A 1 35  CYS 35  57  57  CYS CYS A . n 
A 1 36  GLN 36  58  58  GLN GLN A . n 
A 1 37  ALA 37  59  59  ALA ALA A . n 
A 1 38  PHE 38  60  60  PHE PHE A . n 
A 1 39  ASN 39  61  61  ASN ASN A . n 
A 1 40  SER 40  62  62  SER SER A . n 
A 1 41  THR 41  63  63  THR THR A . n 
A 1 42  LEU 42  64  64  LEU LEU A . n 
A 1 43  PRO 43  65  65  PRO PRO A . n 
A 1 44  THR 44  66  66  THR THR A . n 
A 1 45  MET 45  67  67  MET MET A . n 
A 1 46  ASP 46  68  68  ASP ASP A . n 
A 1 47  GLN 47  69  69  GLN GLN A . n 
A 1 48  MET 48  70  70  MET MET A . n 
A 1 49  LYS 49  71  71  LYS LYS A . n 
A 1 50  LEU 50  72  72  LEU LEU A . n 
A 1 51  ALA 51  73  73  ALA ALA A . n 
A 1 52  LEU 52  74  74  LEU LEU A . n 
A 1 53  SER 53  75  75  SER SER A . n 
A 1 54  LYS 54  76  76  LYS LYS A . n 
A 1 55  GLY 55  77  77  GLY GLY A . n 
A 1 56  PHE 56  78  78  PHE PHE A . n 
A 1 57  GLU 57  79  79  GLU GLU A . n 
A 1 58  THR 58  80  80  THR THR A . n 
A 1 59  CYS 59  81  81  CYS CYS A . n 
A 1 60  ARG 60  82  82  ARG ARG A . n 
A 1 61  TYR 61  83  83  TYR TYR A . n 
A 1 62  GLY 62  84  84  GLY GLY A . n 
A 1 63  PHE 63  85  85  PHE PHE A . n 
A 1 64  ILE 64  86  86  ILE ILE A . n 
A 1 65  GLU 65  87  87  GLU GLU A . n 
A 1 66  GLY 66  88  88  GLY GLY A . n 
A 1 67  ASN 67  89  89  ASN ASN A . n 
A 1 68  VAL 68  90  90  VAL VAL A . n 
A 1 69  VAL 69  91  91  VAL VAL A . n 
A 1 70  ILE 70  92  92  ILE ILE A . n 
A 1 71  PRO 71  93  93  PRO PRO A . n 
A 1 72  ARG 72  94  94  ARG ARG A . n 
A 1 73  ILE 73  95  95  ILE ILE A . n 
A 1 74  HIS 74  96  96  HIS HIS A . n 
A 1 75  PRO 75  97  97  PRO PRO A . n 
A 1 76  ASN 76  98  98  ASN ASN A . n 
A 1 77  ALA 77  99  99  ALA ALA A . n 
A 1 78  ILE 78  100 100 ILE ILE A . n 
A 1 79  CYS 79  101 101 CYS CYS A . n 
A 1 80  ALA 80  102 102 ALA ALA A . n 
A 1 81  ALA 81  103 103 ALA ALA A . n 
A 1 82  ASN 82  104 104 ASN ASN A . n 
A 1 83  HIS 83  105 105 HIS HIS A . n 
A 1 84  THR 84  106 106 THR THR A . n 
A 1 85  GLY 85  107 107 GLY GLY A . n 
A 1 86  VAL 86  108 108 VAL VAL A . n 
A 1 87  TYR 87  109 109 TYR TYR A . n 
A 1 88  ILE 88  110 110 ILE ILE A . n 
A 1 89  LEU 89  111 111 LEU LEU A . n 
A 1 90  VAL 90  112 112 VAL VAL A . n 
A 1 91  THR 91  113 113 THR THR A . n 
A 1 92  SER 92  114 114 SER SER A . n 
A 1 93  ASN 93  115 115 ASN ASN A . n 
A 1 94  THR 94  116 116 THR THR A . n 
A 1 95  SER 95  117 117 SER SER A . n 
A 1 96  HIS 96  118 118 HIS HIS A . n 
A 1 97  TYR 97  119 119 TYR TYR A . n 
A 1 98  ASP 98  120 120 ASP ASP A . n 
A 1 99  THR 99  121 121 THR THR A . n 
A 1 100 TYR 100 122 122 TYR TYR A . n 
A 1 101 CYS 101 123 123 CYS CYS A . n 
A 1 102 PHE 102 124 124 PHE PHE A . n 
A 1 103 ASN 103 125 125 ASN ASN A . n 
A 1 104 ALA 104 126 126 ALA ALA A . n 
A 1 105 SER 105 127 127 SER SER A . n 
A 1 106 ALA 106 128 128 ALA ALA A . n 
A 1 107 PRO 107 129 129 PRO PRO A . n 
A 1 108 PRO 108 130 130 PRO PRO A . n 
A 1 109 GLU 109 131 131 GLU GLU A . n 
A 1 110 GLU 110 132 132 GLU GLU A . n 
A 1 111 ASP 111 133 133 ASP ASP A . n 
A 1 112 CYS 112 134 134 CYS CYS A . n 
A 1 113 THR 113 135 135 THR THR A . n 
A 1 114 SER 114 136 136 SER SER A . n 
A 1 115 VAL 115 137 137 VAL VAL A . n 
A 1 116 THR 116 138 138 THR THR A . n 
A 1 117 ASP 117 139 139 ASP ASP A . n 
A 1 118 LEU 118 140 140 LEU LEU A . n 
A 1 119 PRO 119 141 141 PRO PRO A . n 
A 1 120 ASN 120 142 142 ASN ASN A . n 
A 1 121 SER 121 143 143 SER SER A . n 
A 1 122 PHE 122 144 144 PHE PHE A . n 
A 1 123 ASP 123 145 145 ASP ASP A . n 
A 1 124 GLY 124 146 146 GLY GLY A . n 
A 1 125 PRO 125 147 147 PRO PRO A . n 
A 1 126 VAL 126 148 148 VAL VAL A . n 
A 1 127 THR 127 149 149 THR THR A . n 
A 1 128 ILE 128 150 150 ILE ILE A . n 
A 1 129 THR 129 151 151 THR THR A . n 
A 1 130 ILE 130 152 152 ILE ILE A . n 
A 1 131 VAL 131 153 153 VAL VAL A . n 
A 1 132 ASN 132 154 154 ASN ASN A . n 
A 1 133 ARG 133 155 155 ARG ARG A . n 
A 1 134 ASP 134 156 156 ASP ASP A . n 
A 1 135 GLY 135 157 157 GLY GLY A . n 
A 1 136 THR 136 158 158 THR THR A . n 
A 1 137 ARG 137 159 159 ARG ARG A . n 
A 1 138 TYR 138 160 160 TYR TYR A . n 
A 1 139 SER 139 161 161 SER SER A . n 
A 1 140 LYS 140 162 162 LYS LYS A . n 
A 1 141 LYS 141 163 163 LYS LYS A . n 
A 1 142 GLY 142 164 164 GLY GLY A . n 
A 1 143 GLU 143 165 165 GLU GLU A . n 
A 1 144 TYR 144 166 166 TYR TYR A . n 
A 1 145 ARG 145 167 167 ARG ARG A . n 
A 1 146 THR 146 168 168 THR THR A . n 
A 1 147 HIS 147 169 169 HIS HIS A . n 
A 1 148 GLN 148 170 170 GLN GLN A . n 
A 1 149 GLU 149 171 171 GLU GLU A . n 
A 1 150 ASP 150 172 172 ASP ASP A . n 
A 1 151 ILE 151 173 173 ILE ILE A . n 
# 
loop_
_pdbx_nonpoly_scheme.asym_id 
_pdbx_nonpoly_scheme.entity_id 
_pdbx_nonpoly_scheme.mon_id 
_pdbx_nonpoly_scheme.ndb_seq_num 
_pdbx_nonpoly_scheme.pdb_seq_num 
_pdbx_nonpoly_scheme.auth_seq_num 
_pdbx_nonpoly_scheme.pdb_mon_id 
_pdbx_nonpoly_scheme.auth_mon_id 
_pdbx_nonpoly_scheme.pdb_strand_id 
_pdbx_nonpoly_scheme.pdb_ins_code 
B 2 DMS 1  201 1  DMS DMS A . 
C 3 SO4 1  202 1  SO4 SO4 A . 
D 4 4WO 1  203 1  4WO DRG A . 
E 5 HOH 1  301 72 HOH HOH A . 
E 5 HOH 2  302 83 HOH HOH A . 
E 5 HOH 3  303 32 HOH HOH A . 
E 5 HOH 4  304 46 HOH HOH A . 
E 5 HOH 5  305 49 HOH HOH A . 
E 5 HOH 6  306 25 HOH HOH A . 
E 5 HOH 7  307 17 HOH HOH A . 
E 5 HOH 8  308 8  HOH HOH A . 
E 5 HOH 9  309 39 HOH HOH A . 
E 5 HOH 10 310 86 HOH HOH A . 
E 5 HOH 11 311 45 HOH HOH A . 
E 5 HOH 12 312 75 HOH HOH A . 
E 5 HOH 13 313 12 HOH HOH A . 
E 5 HOH 14 314 2  HOH HOH A . 
E 5 HOH 15 315 51 HOH HOH A . 
E 5 HOH 16 316 18 HOH HOH A . 
E 5 HOH 17 317 15 HOH HOH A . 
E 5 HOH 18 318 3  HOH HOH A . 
E 5 HOH 19 319 66 HOH HOH A . 
E 5 HOH 20 320 47 HOH HOH A . 
E 5 HOH 21 321 29 HOH HOH A . 
E 5 HOH 22 322 71 HOH HOH A . 
E 5 HOH 23 323 64 HOH HOH A . 
E 5 HOH 24 324 21 HOH HOH A . 
E 5 HOH 25 325 1  HOH HOH A . 
E 5 HOH 26 326 87 HOH HOH A . 
E 5 HOH 27 327 88 HOH HOH A . 
E 5 HOH 28 328 76 HOH HOH A . 
E 5 HOH 29 329 5  HOH HOH A . 
E 5 HOH 30 330 13 HOH HOH A . 
E 5 HOH 31 331 9  HOH HOH A . 
E 5 HOH 32 332 34 HOH HOH A . 
E 5 HOH 33 333 7  HOH HOH A . 
E 5 HOH 34 334 63 HOH HOH A . 
E 5 HOH 35 335 6  HOH HOH A . 
E 5 HOH 36 336 4  HOH HOH A . 
E 5 HOH 37 337 81 HOH HOH A . 
E 5 HOH 38 338 37 HOH HOH A . 
E 5 HOH 39 339 20 HOH HOH A . 
E 5 HOH 40 340 53 HOH HOH A . 
E 5 HOH 41 341 41 HOH HOH A . 
E 5 HOH 42 342 77 HOH HOH A . 
E 5 HOH 43 343 24 HOH HOH A . 
E 5 HOH 44 344 62 HOH HOH A . 
E 5 HOH 45 345 19 HOH HOH A . 
E 5 HOH 46 346 58 HOH HOH A . 
E 5 HOH 47 347 73 HOH HOH A . 
E 5 HOH 48 348 84 HOH HOH A . 
E 5 HOH 49 349 43 HOH HOH A . 
E 5 HOH 50 350 22 HOH HOH A . 
E 5 HOH 51 351 82 HOH HOH A . 
E 5 HOH 52 352 89 HOH HOH A . 
E 5 HOH 53 353 36 HOH HOH A . 
E 5 HOH 54 354 28 HOH HOH A . 
E 5 HOH 55 355 30 HOH HOH A . 
E 5 HOH 56 356 68 HOH HOH A . 
E 5 HOH 57 357 11 HOH HOH A . 
E 5 HOH 58 358 65 HOH HOH A . 
E 5 HOH 59 359 26 HOH HOH A . 
E 5 HOH 60 360 57 HOH HOH A . 
E 5 HOH 61 361 44 HOH HOH A . 
E 5 HOH 62 362 60 HOH HOH A . 
E 5 HOH 63 363 55 HOH HOH A . 
E 5 HOH 64 364 50 HOH HOH A . 
E 5 HOH 65 365 33 HOH HOH A . 
E 5 HOH 66 366 35 HOH HOH A . 
E 5 HOH 67 367 31 HOH HOH A . 
E 5 HOH 68 368 23 HOH HOH A . 
E 5 HOH 69 369 16 HOH HOH A . 
E 5 HOH 70 370 14 HOH HOH A . 
E 5 HOH 71 371 59 HOH HOH A . 
E 5 HOH 72 372 27 HOH HOH A . 
E 5 HOH 73 373 85 HOH HOH A . 
E 5 HOH 74 374 38 HOH HOH A . 
E 5 HOH 75 375 42 HOH HOH A . 
E 5 HOH 76 376 80 HOH HOH A . 
E 5 HOH 77 377 10 HOH HOH A . 
E 5 HOH 78 378 56 HOH HOH A . 
E 5 HOH 79 379 78 HOH HOH A . 
E 5 HOH 80 380 52 HOH HOH A . 
E 5 HOH 81 381 79 HOH HOH A . 
E 5 HOH 82 382 54 HOH HOH A . 
E 5 HOH 83 383 61 HOH HOH A . 
E 5 HOH 84 384 40 HOH HOH A . 
E 5 HOH 85 385 48 HOH HOH A . 
E 5 HOH 86 386 67 HOH HOH A . 
E 5 HOH 87 387 90 HOH HOH A . 
E 5 HOH 88 388 69 HOH HOH A . 
E 5 HOH 89 389 74 HOH HOH A . 
E 5 HOH 90 390 70 HOH HOH A . 
# 
loop_
_software.citation_id 
_software.classification 
_software.compiler_name 
_software.compiler_version 
_software.contact_author 
_software.contact_author_email 
_software.date 
_software.description 
_software.dependencies 
_software.hardware 
_software.language 
_software.location 
_software.mods 
_software.name 
_software.os 
_software.os_version 
_software.type 
_software.version 
_software.pdbx_ordinal 
? 'data scaling'    ? ? ? ? ? ? ? ? ? ? ? SCALA       ? ? ? .     1 
? phasing           ? ? ? ? ? ? ? ? ? ? ? PHASER      ? ? ? 2.1.4 2 
? refinement        ? ? ? ? ? ? ? ? ? ? ? REFMAC      ? ? ? .     3 
? 'data extraction' ? ? ? ? ? ? ? ? ? ? ? PDB_EXTRACT ? ? ? 3.15  4 
# 
_cell.angle_alpha                  90.000 
_cell.angle_alpha_esd              ? 
_cell.angle_beta                   118.090 
_cell.angle_beta_esd               ? 
_cell.angle_gamma                  90.000 
_cell.angle_gamma_esd              ? 
_cell.entry_id                     5BZL 
_cell.details                      ? 
_cell.formula_units_Z              ? 
_cell.length_a                     31.095 
_cell.length_a_esd                 ? 
_cell.length_b                     81.950 
_cell.length_b_esd                 ? 
_cell.length_c                     32.277 
_cell.length_c_esd                 ? 
_cell.volume                       ? 
_cell.volume_esd                   ? 
_cell.Z_PDB                        2 
_cell.reciprocal_angle_alpha       ? 
_cell.reciprocal_angle_beta        ? 
_cell.reciprocal_angle_gamma       ? 
_cell.reciprocal_angle_alpha_esd   ? 
_cell.reciprocal_angle_beta_esd    ? 
_cell.reciprocal_angle_gamma_esd   ? 
_cell.reciprocal_length_a          ? 
_cell.reciprocal_length_b          ? 
_cell.reciprocal_length_c          ? 
_cell.reciprocal_length_a_esd      ? 
_cell.reciprocal_length_b_esd      ? 
_cell.reciprocal_length_c_esd      ? 
_cell.pdbx_unique_axis             ? 
# 
_symmetry.entry_id                         5BZL 
_symmetry.cell_setting                     ? 
_symmetry.Int_Tables_number                4 
_symmetry.space_group_name_Hall            ? 
_symmetry.space_group_name_H-M             'P 1 21 1' 
_symmetry.pdbx_full_space_group_name_H-M   ? 
# 
_exptl.absorpt_coefficient_mu     ? 
_exptl.absorpt_correction_T_max   ? 
_exptl.absorpt_correction_T_min   ? 
_exptl.absorpt_correction_type    ? 
_exptl.absorpt_process_details    ? 
_exptl.entry_id                   5BZL 
_exptl.crystals_number            1 
_exptl.details                    ? 
_exptl.method                     'X-RAY DIFFRACTION' 
_exptl.method_details             ? 
# 
_exptl_crystal.colour                      ? 
_exptl_crystal.density_diffrn              ? 
_exptl_crystal.density_Matthews            2.17 
_exptl_crystal.density_method              ? 
_exptl_crystal.density_percent_sol         43.30 
_exptl_crystal.description                 ? 
_exptl_crystal.F_000                       ? 
_exptl_crystal.id                          1 
_exptl_crystal.preparation                 ? 
_exptl_crystal.size_max                    ? 
_exptl_crystal.size_mid                    ? 
_exptl_crystal.size_min                    ? 
_exptl_crystal.size_rad                    ? 
_exptl_crystal.colour_lustre               ? 
_exptl_crystal.colour_modifier             ? 
_exptl_crystal.colour_primary              ? 
_exptl_crystal.density_meas                ? 
_exptl_crystal.density_meas_esd            ? 
_exptl_crystal.density_meas_gt             ? 
_exptl_crystal.density_meas_lt             ? 
_exptl_crystal.density_meas_temp           ? 
_exptl_crystal.density_meas_temp_esd       ? 
_exptl_crystal.density_meas_temp_gt        ? 
_exptl_crystal.density_meas_temp_lt        ? 
_exptl_crystal.pdbx_crystal_image_url      ? 
_exptl_crystal.pdbx_crystal_image_format   ? 
_exptl_crystal.pdbx_mosaicity              ? 
_exptl_crystal.pdbx_mosaicity_esd          ? 
# 
_exptl_crystal_grow.apparatus       ? 
_exptl_crystal_grow.atmosphere      ? 
_exptl_crystal_grow.crystal_id      1 
_exptl_crystal_grow.details         ? 
_exptl_crystal_grow.method          'VAPOR DIFFUSION, HANGING DROP' 
_exptl_crystal_grow.method_ref      ? 
_exptl_crystal_grow.pH              6.5 
_exptl_crystal_grow.pressure        ? 
_exptl_crystal_grow.pressure_esd    ? 
_exptl_crystal_grow.seeding         ? 
_exptl_crystal_grow.seeding_ref     ? 
_exptl_crystal_grow.temp            298 
_exptl_crystal_grow.temp_details    ? 
_exptl_crystal_grow.temp_esd        ? 
_exptl_crystal_grow.time            ? 
_exptl_crystal_grow.pdbx_details    'PEG MME 5000, MES, (NH4)2SO4' 
_exptl_crystal_grow.pdbx_pH_range   ? 
# 
_diffrn.ambient_environment    ? 
_diffrn.ambient_temp           100 
_diffrn.ambient_temp_details   ? 
_diffrn.ambient_temp_esd       ? 
_diffrn.crystal_id             1 
_diffrn.crystal_support        ? 
_diffrn.crystal_treatment      ? 
_diffrn.details                ? 
_diffrn.id                     1 
_diffrn.ambient_pressure       ? 
_diffrn.ambient_pressure_esd   ? 
_diffrn.ambient_pressure_gt    ? 
_diffrn.ambient_pressure_lt    ? 
_diffrn.ambient_temp_gt        ? 
_diffrn.ambient_temp_lt        ? 
# 
_diffrn_detector.details                      ? 
_diffrn_detector.detector                     PIXEL 
_diffrn_detector.diffrn_id                    1 
_diffrn_detector.type                         'DECTRIS PILATUS 6M' 
_diffrn_detector.area_resol_mean              ? 
_diffrn_detector.dtime                        ? 
_diffrn_detector.pdbx_frames_total            ? 
_diffrn_detector.pdbx_collection_time_total   ? 
_diffrn_detector.pdbx_collection_date         2013-12-15 
# 
_diffrn_radiation.collimation                      ? 
_diffrn_radiation.diffrn_id                        1 
_diffrn_radiation.filter_edge                      ? 
_diffrn_radiation.inhomogeneity                    ? 
_diffrn_radiation.monochromator                    'Si(111)' 
_diffrn_radiation.polarisn_norm                    ? 
_diffrn_radiation.polarisn_ratio                   ? 
_diffrn_radiation.probe                            ? 
_diffrn_radiation.type                             ? 
_diffrn_radiation.xray_symbol                      ? 
_diffrn_radiation.wavelength_id                    1 
_diffrn_radiation.pdbx_monochromatic_or_laue_m_l   M 
_diffrn_radiation.pdbx_wavelength_list             ? 
_diffrn_radiation.pdbx_wavelength                  ? 
_diffrn_radiation.pdbx_diffrn_protocol             'SINGLE WAVELENGTH' 
_diffrn_radiation.pdbx_analyzer                    ? 
_diffrn_radiation.pdbx_scattering_type             x-ray 
# 
_diffrn_radiation_wavelength.id           1 
_diffrn_radiation_wavelength.wavelength   1.000 
_diffrn_radiation_wavelength.wt           1.0 
# 
_diffrn_source.current                     ? 
_diffrn_source.details                     ? 
_diffrn_source.diffrn_id                   1 
_diffrn_source.power                       ? 
_diffrn_source.size                        ? 
_diffrn_source.source                      SYNCHROTRON 
_diffrn_source.target                      ? 
_diffrn_source.type                        'APS BEAMLINE 17-ID' 
_diffrn_source.voltage                     ? 
_diffrn_source.take-off_angle              ? 
_diffrn_source.pdbx_wavelength_list        1.000 
_diffrn_source.pdbx_wavelength             ? 
_diffrn_source.pdbx_synchrotron_beamline   17-ID 
_diffrn_source.pdbx_synchrotron_site       APS 
# 
_reflns.B_iso_Wilson_estimate            ? 
_reflns.entry_id                         5BZL 
_reflns.data_reduction_details           ? 
_reflns.data_reduction_method            ? 
_reflns.d_resolution_high                1.230 
_reflns.d_resolution_low                 81.950 
_reflns.details                          ? 
_reflns.limit_h_max                      ? 
_reflns.limit_h_min                      ? 
_reflns.limit_k_max                      ? 
_reflns.limit_k_min                      ? 
_reflns.limit_l_max                      ? 
_reflns.limit_l_min                      ? 
_reflns.number_all                       ? 
_reflns.number_obs                       39805 
_reflns.observed_criterion               ? 
_reflns.observed_criterion_F_max         ? 
_reflns.observed_criterion_F_min         ? 
_reflns.observed_criterion_I_max         ? 
_reflns.observed_criterion_I_min         ? 
_reflns.observed_criterion_sigma_F       ? 
_reflns.observed_criterion_sigma_I       ? 
_reflns.percent_possible_obs             96.400 
_reflns.R_free_details                   ? 
_reflns.Rmerge_F_all                     ? 
_reflns.Rmerge_F_obs                     ? 
_reflns.Friedel_coverage                 ? 
_reflns.number_gt                        ? 
_reflns.threshold_expression             ? 
_reflns.pdbx_redundancy                  3.300 
_reflns.pdbx_Rmerge_I_obs                0.037 
_reflns.pdbx_Rmerge_I_all                ? 
_reflns.pdbx_Rsym_value                  ? 
_reflns.pdbx_netI_over_av_sigmaI         ? 
_reflns.pdbx_netI_over_sigmaI            20.3 
_reflns.pdbx_res_netI_over_av_sigmaI_2   ? 
_reflns.pdbx_res_netI_over_sigmaI_2      ? 
_reflns.pdbx_chi_squared                 ? 
_reflns.pdbx_scaling_rejects             ? 
_reflns.pdbx_d_res_high_opt              ? 
_reflns.pdbx_d_res_low_opt               ? 
_reflns.pdbx_d_res_opt_method            ? 
_reflns.phase_calculation_details        ? 
_reflns.pdbx_Rrim_I_all                  ? 
_reflns.pdbx_Rpim_I_all                  ? 
_reflns.pdbx_d_opt                       ? 
_reflns.pdbx_number_measured_all         131246 
_reflns.pdbx_diffrn_id                   1 
_reflns.pdbx_ordinal                     1 
_reflns.pdbx_CC_half                     ? 
_reflns.pdbx_R_split                     ? 
# 
loop_
_reflns_shell.d_res_high 
_reflns_shell.d_res_low 
_reflns_shell.meanI_over_sigI_all 
_reflns_shell.meanI_over_sigI_obs 
_reflns_shell.number_measured_all 
_reflns_shell.number_measured_obs 
_reflns_shell.number_possible 
_reflns_shell.number_unique_all 
_reflns_shell.number_unique_obs 
_reflns_shell.percent_possible_all 
_reflns_shell.percent_possible_obs 
_reflns_shell.Rmerge_F_all 
_reflns_shell.Rmerge_F_obs 
_reflns_shell.Rmerge_I_all 
_reflns_shell.Rmerge_I_obs 
_reflns_shell.meanI_over_sigI_gt 
_reflns_shell.meanI_over_uI_all 
_reflns_shell.meanI_over_uI_gt 
_reflns_shell.number_measured_gt 
_reflns_shell.number_unique_gt 
_reflns_shell.percent_possible_gt 
_reflns_shell.Rmerge_F_gt 
_reflns_shell.Rmerge_I_gt 
_reflns_shell.pdbx_redundancy 
_reflns_shell.pdbx_Rsym_value 
_reflns_shell.pdbx_chi_squared 
_reflns_shell.pdbx_netI_over_sigmaI_all 
_reflns_shell.pdbx_netI_over_sigmaI_obs 
_reflns_shell.pdbx_Rrim_I_all 
_reflns_shell.pdbx_Rpim_I_all 
_reflns_shell.pdbx_rejects 
_reflns_shell.pdbx_ordinal 
_reflns_shell.pdbx_diffrn_id 
_reflns_shell.pdbx_CC_half 
_reflns_shell.pdbx_R_split 
1.230 1.234  ? ? 1213 ? ? 385 ? 88.900 ? ? ? ? 0.160 ? ? ? ? ? ? ? ? 3.200 ? ? ? ? ? ? 0 1 1 ? ? 
5.709 81.950 ? ? 1389 ? ? 416 ? 95.600 ? ? ? ? 0.034 ? ? ? ? ? ? ? ? 3.300 ? ? ? ? ? ? 0 2 1 ? ? 
# 
_refine.aniso_B[1][1]                            -0.1000 
_refine.aniso_B[1][2]                            0.0000 
_refine.aniso_B[1][3]                            -0.3000 
_refine.aniso_B[2][2]                            -0.0100 
_refine.aniso_B[2][3]                            0.0000 
_refine.aniso_B[3][3]                            -0.1700 
_refine.B_iso_max                                36.620 
_refine.B_iso_mean                               12.3490 
_refine.B_iso_min                                3.780 
_refine.correlation_coeff_Fo_to_Fc               0.9650 
_refine.correlation_coeff_Fo_to_Fc_free          0.9560 
_refine.details                                  
'HYDROGENS HAVE BEEN ADDED IN THE RIDING POSITIONS U VALUES      : REFINED INDIVIDUALLY' 
_refine.diff_density_max                         ? 
_refine.diff_density_max_esd                     ? 
_refine.diff_density_min                         ? 
_refine.diff_density_min_esd                     ? 
_refine.diff_density_rms                         ? 
_refine.diff_density_rms_esd                     ? 
_refine.entry_id                                 5BZL 
_refine.pdbx_refine_id                           'X-RAY DIFFRACTION' 
_refine.ls_abs_structure_details                 ? 
_refine.ls_abs_structure_Flack                   ? 
_refine.ls_abs_structure_Flack_esd               ? 
_refine.ls_abs_structure_Rogers                  ? 
_refine.ls_abs_structure_Rogers_esd              ? 
_refine.ls_d_res_high                            1.2300 
_refine.ls_d_res_low                             40.9700 
_refine.ls_extinction_coef                       ? 
_refine.ls_extinction_coef_esd                   ? 
_refine.ls_extinction_expression                 ? 
_refine.ls_extinction_method                     ? 
_refine.ls_goodness_of_fit_all                   ? 
_refine.ls_goodness_of_fit_all_esd               ? 
_refine.ls_goodness_of_fit_obs                   ? 
_refine.ls_goodness_of_fit_obs_esd               ? 
_refine.ls_hydrogen_treatment                    ? 
_refine.ls_matrix_type                           ? 
_refine.ls_number_constraints                    ? 
_refine.ls_number_parameters                     ? 
_refine.ls_number_reflns_all                     ? 
_refine.ls_number_reflns_obs                     37426 
_refine.ls_number_reflns_R_free                  2033 
_refine.ls_number_reflns_R_work                  ? 
_refine.ls_number_restraints                     ? 
_refine.ls_percent_reflns_obs                    96.3500 
_refine.ls_percent_reflns_R_free                 5.2000 
_refine.ls_R_factor_all                          ? 
_refine.ls_R_factor_obs                          0.1736 
_refine.ls_R_factor_R_free                       0.1877 
_refine.ls_R_factor_R_free_error                 ? 
_refine.ls_R_factor_R_free_error_details         ? 
_refine.ls_R_factor_R_work                       0.1729 
_refine.ls_R_Fsqd_factor_obs                     ? 
_refine.ls_R_I_factor_obs                        ? 
_refine.ls_redundancy_reflns_all                 ? 
_refine.ls_redundancy_reflns_obs                 ? 
_refine.ls_restrained_S_all                      ? 
_refine.ls_restrained_S_obs                      ? 
_refine.ls_shift_over_esd_max                    ? 
_refine.ls_shift_over_esd_mean                   ? 
_refine.ls_structure_factor_coef                 ? 
_refine.ls_weighting_details                     ? 
_refine.ls_weighting_scheme                      ? 
_refine.ls_wR_factor_all                         ? 
_refine.ls_wR_factor_obs                         ? 
_refine.ls_wR_factor_R_free                      0.2016 
_refine.ls_wR_factor_R_work                      0.1847 
_refine.occupancy_max                            ? 
_refine.occupancy_min                            ? 
_refine.solvent_model_details                    MASK 
_refine.solvent_model_param_bsol                 ? 
_refine.solvent_model_param_ksol                 ? 
_refine.ls_R_factor_gt                           ? 
_refine.ls_goodness_of_fit_gt                    ? 
_refine.ls_goodness_of_fit_ref                   ? 
_refine.ls_shift_over_su_max                     ? 
_refine.ls_shift_over_su_max_lt                  ? 
_refine.ls_shift_over_su_mean                    ? 
_refine.ls_shift_over_su_mean_lt                 ? 
_refine.pdbx_ls_sigma_I                          ? 
_refine.pdbx_ls_sigma_F                          0.000 
_refine.pdbx_ls_sigma_Fsqd                       ? 
_refine.pdbx_data_cutoff_high_absF               ? 
_refine.pdbx_data_cutoff_high_rms_absF           ? 
_refine.pdbx_data_cutoff_low_absF                ? 
_refine.pdbx_isotropic_thermal_model             ? 
_refine.pdbx_ls_cross_valid_method               THROUGHOUT 
_refine.pdbx_method_to_determine_struct          'MOLECULAR REPLACEMENT' 
_refine.pdbx_starting_model                      ? 
_refine.pdbx_stereochemistry_target_values       'MAXIMUM LIKELIHOOD' 
_refine.pdbx_R_Free_selection_details            RANDOM 
_refine.pdbx_stereochem_target_val_spec_case     ? 
_refine.pdbx_overall_ESU_R                       0.0450 
_refine.pdbx_overall_ESU_R_Free                  0.0450 
_refine.pdbx_solvent_vdw_probe_radii             1.4000 
_refine.pdbx_solvent_ion_probe_radii             0.8000 
_refine.pdbx_solvent_shrinkage_radii             0.8000 
_refine.pdbx_real_space_R                        ? 
_refine.pdbx_density_correlation                 ? 
_refine.pdbx_pd_number_of_powder_patterns        ? 
_refine.pdbx_pd_number_of_points                 ? 
_refine.pdbx_pd_meas_number_of_points            ? 
_refine.pdbx_pd_proc_ls_prof_R_factor            ? 
_refine.pdbx_pd_proc_ls_prof_wR_factor           ? 
_refine.pdbx_pd_Marquardt_correlation_coeff      ? 
_refine.pdbx_pd_Fsqrd_R_factor                   ? 
_refine.pdbx_pd_ls_matrix_band_width             ? 
_refine.pdbx_overall_phase_error                 ? 
_refine.pdbx_overall_SU_R_free_Cruickshank_DPI   ? 
_refine.pdbx_overall_SU_R_free_Blow_DPI          ? 
_refine.pdbx_overall_SU_R_Blow_DPI               ? 
_refine.pdbx_TLS_residual_ADP_flag               ? 
_refine.pdbx_diffrn_id                           1 
_refine.overall_SU_B                             0.5920 
_refine.overall_SU_ML                            0.0270 
_refine.overall_SU_R_Cruickshank_DPI             0.0453 
_refine.overall_SU_R_free                        0.0454 
_refine.overall_FOM_free_R_set                   ? 
_refine.overall_FOM_work_R_set                   0.8972 
_refine.pdbx_average_fsc_overall                 ? 
_refine.pdbx_average_fsc_work                    ? 
_refine.pdbx_average_fsc_free                    ? 
# 
_refine_hist.cycle_id                         final 
_refine_hist.pdbx_refine_id                   'X-RAY DIFFRACTION' 
_refine_hist.d_res_high                       1.2300 
_refine_hist.d_res_low                        40.9700 
_refine_hist.pdbx_number_atoms_ligand         26 
_refine_hist.number_atoms_solvent             90 
_refine_hist.number_atoms_total               1287 
_refine_hist.pdbx_number_residues_total       150 
_refine_hist.pdbx_B_iso_mean_ligand           18.60 
_refine_hist.pdbx_B_iso_mean_solvent          19.25 
_refine_hist.pdbx_number_atoms_protein        1171 
_refine_hist.pdbx_number_atoms_nucleic_acid   0 
# 
loop_
_refine_ls_restr.pdbx_refine_id 
_refine_ls_restr.criterion 
_refine_ls_restr.dev_ideal 
_refine_ls_restr.dev_ideal_target 
_refine_ls_restr.number 
_refine_ls_restr.rejects 
_refine_ls_restr.type 
_refine_ls_restr.weight 
_refine_ls_restr.pdbx_restraint_function 
'X-RAY DIFFRACTION' ? 0.011  0.021  1313 ? r_bond_refined_d       ? ? 
'X-RAY DIFFRACTION' ? 1.406  1.958  1804 ? r_angle_refined_deg    ? ? 
'X-RAY DIFFRACTION' ? 7.079  5.000  169  ? r_dihedral_angle_1_deg ? ? 
'X-RAY DIFFRACTION' ? 34.902 24.127 63   ? r_dihedral_angle_2_deg ? ? 
'X-RAY DIFFRACTION' ? 10.906 15.000 204  ? r_dihedral_angle_3_deg ? ? 
'X-RAY DIFFRACTION' ? 19.203 15.000 9    ? r_dihedral_angle_4_deg ? ? 
'X-RAY DIFFRACTION' ? 0.096  0.200  198  ? r_chiral_restr         ? ? 
'X-RAY DIFFRACTION' ? 0.007  0.021  1042 ? r_gen_planes_refined   ? ? 
'X-RAY DIFFRACTION' ? 0.825  1.500  808  ? r_mcbond_it            ? ? 
'X-RAY DIFFRACTION' ? 1.515  2.000  1331 ? r_mcangle_it           ? ? 
'X-RAY DIFFRACTION' ? 2.245  3.000  505  ? r_scbond_it            ? ? 
'X-RAY DIFFRACTION' ? 3.536  4.500  473  ? r_scangle_it           ? ? 
# 
_refine_ls_shell.pdbx_refine_id                   'X-RAY DIFFRACTION' 
_refine_ls_shell.d_res_high                       1.2300 
_refine_ls_shell.d_res_low                        1.2620 
_refine_ls_shell.number_reflns_all                2510 
_refine_ls_shell.number_reflns_obs                ? 
_refine_ls_shell.number_reflns_R_free             140 
_refine_ls_shell.number_reflns_R_work             2370 
_refine_ls_shell.percent_reflns_obs               93.0000 
_refine_ls_shell.percent_reflns_R_free            ? 
_refine_ls_shell.R_factor_all                     ? 
_refine_ls_shell.R_factor_obs                     ? 
_refine_ls_shell.R_factor_R_free                  0.2060 
_refine_ls_shell.R_factor_R_free_error            ? 
_refine_ls_shell.R_factor_R_work                  0.1970 
_refine_ls_shell.redundancy_reflns_all            ? 
_refine_ls_shell.redundancy_reflns_obs            ? 
_refine_ls_shell.wR_factor_all                    ? 
_refine_ls_shell.wR_factor_obs                    ? 
_refine_ls_shell.wR_factor_R_free                 ? 
_refine_ls_shell.wR_factor_R_work                 ? 
_refine_ls_shell.pdbx_total_number_of_bins_used   20 
_refine_ls_shell.pdbx_phase_error                 ? 
_refine_ls_shell.pdbx_fsc_work                    ? 
_refine_ls_shell.pdbx_fsc_free                    ? 
# 
_struct.entry_id                     5BZL 
_struct.title                        'Crystal structure of the murine cd44 hyaluronan binding domain complex with a small molecule' 
_struct.pdbx_model_details           ? 
_struct.pdbx_formula_weight          ? 
_struct.pdbx_formula_weight_method   ? 
_struct.pdbx_model_type_details      ? 
_struct.pdbx_CASP_flag               ? 
# 
_struct_keywords.entry_id        5BZL 
_struct_keywords.text            'Link module, PROTEIN BINDING' 
_struct_keywords.pdbx_keywords   'PROTEIN BINDING' 
# 
loop_
_struct_asym.id 
_struct_asym.pdbx_blank_PDB_chainid_flag 
_struct_asym.pdbx_modified 
_struct_asym.entity_id 
_struct_asym.details 
A N N 1 ? 
B N N 2 ? 
C N N 3 ? 
D N N 4 ? 
E N N 5 ? 
# 
_struct_ref.id                         1 
_struct_ref.db_name                    UNP 
_struct_ref.db_code                    CD44_MOUSE 
_struct_ref.pdbx_db_accession          P15379 
_struct_ref.pdbx_db_isoform            ? 
_struct_ref.entity_id                  1 
_struct_ref.pdbx_seq_one_letter_code   
;HQQIDLNVTCRYAGVFHVEKNGRYSISRTEAADLCQAFNSTLPTMDQMKLALSKGFETCRYGFIEGNVVIPRIHPNAICA
ANHTGVYILVTSNTSHYDTYCFNASAPPEEDCTSVTDLPNSFDGPVTITIVNRDGTRYSKKGEYRTHQEDI
;
_struct_ref.pdbx_align_begin           21 
# 
_struct_ref_seq.align_id                      1 
_struct_ref_seq.ref_id                        1 
_struct_ref_seq.pdbx_PDB_id_code              5BZL 
_struct_ref_seq.pdbx_strand_id                A 
_struct_ref_seq.seq_align_beg                 1 
_struct_ref_seq.pdbx_seq_align_beg_ins_code   ? 
_struct_ref_seq.seq_align_end                 151 
_struct_ref_seq.pdbx_seq_align_end_ins_code   ? 
_struct_ref_seq.pdbx_db_accession             P15379 
_struct_ref_seq.db_align_beg                  21 
_struct_ref_seq.pdbx_db_align_beg_ins_code    ? 
_struct_ref_seq.db_align_end                  171 
_struct_ref_seq.pdbx_db_align_end_ins_code    ? 
_struct_ref_seq.pdbx_auth_seq_align_beg       23 
_struct_ref_seq.pdbx_auth_seq_align_end       173 
# 
loop_
_struct_ref_seq_dif.align_id 
_struct_ref_seq_dif.pdbx_pdb_id_code 
_struct_ref_seq_dif.mon_id 
_struct_ref_seq_dif.pdbx_pdb_strand_id 
_struct_ref_seq_dif.seq_num 
_struct_ref_seq_dif.pdbx_pdb_ins_code 
_struct_ref_seq_dif.pdbx_seq_db_name 
_struct_ref_seq_dif.pdbx_seq_db_accession_code 
_struct_ref_seq_dif.db_mon_id 
_struct_ref_seq_dif.pdbx_seq_db_seq_num 
_struct_ref_seq_dif.details 
_struct_ref_seq_dif.pdbx_auth_seq_num 
_struct_ref_seq_dif.pdbx_ordinal 
1 5BZL MET A 1 ? UNP P15379 HIS 21 'engineered mutation' 23 1 
1 5BZL ASN A 2 ? UNP P15379 GLN 22 'engineered mutation' 24 2 
# 
_pdbx_struct_assembly.id                   1 
_pdbx_struct_assembly.details              author_and_software_defined_assembly 
_pdbx_struct_assembly.method_details       PISA 
_pdbx_struct_assembly.oligomeric_details   monomeric 
_pdbx_struct_assembly.oligomeric_count     1 
# 
_pdbx_struct_assembly_gen.assembly_id       1 
_pdbx_struct_assembly_gen.oper_expression   1 
_pdbx_struct_assembly_gen.asym_id_list      A,B,C,D,E 
# 
_pdbx_struct_oper_list.id                   1 
_pdbx_struct_oper_list.type                 'identity operation' 
_pdbx_struct_oper_list.name                 1_555 
_pdbx_struct_oper_list.symmetry_operation   x,y,z 
_pdbx_struct_oper_list.matrix[1][1]         1.0000000000 
_pdbx_struct_oper_list.matrix[1][2]         0.0000000000 
_pdbx_struct_oper_list.matrix[1][3]         0.0000000000 
_pdbx_struct_oper_list.vector[1]            0.0000000000 
_pdbx_struct_oper_list.matrix[2][1]         0.0000000000 
_pdbx_struct_oper_list.matrix[2][2]         1.0000000000 
_pdbx_struct_oper_list.matrix[2][3]         0.0000000000 
_pdbx_struct_oper_list.vector[2]            0.0000000000 
_pdbx_struct_oper_list.matrix[3][1]         0.0000000000 
_pdbx_struct_oper_list.matrix[3][2]         0.0000000000 
_pdbx_struct_oper_list.matrix[3][3]         1.0000000000 
_pdbx_struct_oper_list.vector[3]            0.0000000000 
# 
loop_
_struct_conf.conf_type_id 
_struct_conf.id 
_struct_conf.pdbx_PDB_helix_id 
_struct_conf.beg_label_comp_id 
_struct_conf.beg_label_asym_id 
_struct_conf.beg_label_seq_id 
_struct_conf.pdbx_beg_PDB_ins_code 
_struct_conf.end_label_comp_id 
_struct_conf.end_label_asym_id 
_struct_conf.end_label_seq_id 
_struct_conf.pdbx_end_PDB_ins_code 
_struct_conf.beg_auth_comp_id 
_struct_conf.beg_auth_asym_id 
_struct_conf.beg_auth_seq_id 
_struct_conf.end_auth_comp_id 
_struct_conf.end_auth_asym_id 
_struct_conf.end_auth_seq_id 
_struct_conf.pdbx_PDB_helix_class 
_struct_conf.details 
_struct_conf.pdbx_PDB_helix_length 
HELX_P HELX_P1 AA1 SER A 27  ? PHE A 38  ? SER A 49  PHE A 60  1 ? 12 
HELX_P HELX_P2 AA2 THR A 44  ? LYS A 54  ? THR A 66  LYS A 76  1 ? 11 
HELX_P HELX_P3 AA3 CYS A 79  ? HIS A 83  ? CYS A 101 HIS A 105 5 ? 5  
HELX_P HELX_P4 AA4 HIS A 147 ? ILE A 151 ? HIS A 169 ILE A 173 5 ? 5  
# 
_struct_conf_type.id          HELX_P 
_struct_conf_type.criteria    ? 
_struct_conf_type.reference   ? 
# 
loop_
_struct_conn.id 
_struct_conn.conn_type_id 
_struct_conn.pdbx_leaving_atom_flag 
_struct_conn.pdbx_PDB_id 
_struct_conn.ptnr1_label_asym_id 
_struct_conn.ptnr1_label_comp_id 
_struct_conn.ptnr1_label_seq_id 
_struct_conn.ptnr1_label_atom_id 
_struct_conn.pdbx_ptnr1_label_alt_id 
_struct_conn.pdbx_ptnr1_PDB_ins_code 
_struct_conn.pdbx_ptnr1_standard_comp_id 
_struct_conn.ptnr1_symmetry 
_struct_conn.ptnr2_label_asym_id 
_struct_conn.ptnr2_label_comp_id 
_struct_conn.ptnr2_label_seq_id 
_struct_conn.ptnr2_label_atom_id 
_struct_conn.pdbx_ptnr2_label_alt_id 
_struct_conn.pdbx_ptnr2_PDB_ins_code 
_struct_conn.ptnr1_auth_asym_id 
_struct_conn.ptnr1_auth_comp_id 
_struct_conn.ptnr1_auth_seq_id 
_struct_conn.ptnr2_auth_asym_id 
_struct_conn.ptnr2_auth_comp_id 
_struct_conn.ptnr2_auth_seq_id 
_struct_conn.ptnr2_symmetry 
_struct_conn.pdbx_ptnr3_label_atom_id 
_struct_conn.pdbx_ptnr3_label_seq_id 
_struct_conn.pdbx_ptnr3_label_comp_id 
_struct_conn.pdbx_ptnr3_label_asym_id 
_struct_conn.pdbx_ptnr3_label_alt_id 
_struct_conn.pdbx_ptnr3_PDB_ins_code 
_struct_conn.details 
_struct_conn.pdbx_dist_value 
_struct_conn.pdbx_value_order 
_struct_conn.pdbx_role 
disulf1 disulf ? ? A CYS 10 SG ? ? ? 1_555 A CYS 112 SG ? ? A CYS 32 A CYS 134 1_555 ? ? ? ? ? ? ? 2.066 ? ? 
disulf2 disulf ? ? A CYS 35 SG ? ? ? 1_555 A CYS 101 SG ? ? A CYS 57 A CYS 123 1_555 ? ? ? ? ? ? ? 2.102 ? ? 
disulf3 disulf ? ? A CYS 59 SG ? ? ? 1_555 A CYS 79  SG ? ? A CYS 81 A CYS 101 1_555 ? ? ? ? ? ? ? 2.027 ? ? 
# 
_struct_conn_type.id          disulf 
_struct_conn_type.criteria    ? 
_struct_conn_type.reference   ? 
# 
loop_
_pdbx_modification_feature.ordinal 
_pdbx_modification_feature.label_comp_id 
_pdbx_modification_feature.label_asym_id 
_pdbx_modification_feature.label_seq_id 
_pdbx_modification_feature.label_alt_id 
_pdbx_modification_feature.modified_residue_label_comp_id 
_pdbx_modification_feature.modified_residue_label_asym_id 
_pdbx_modification_feature.modified_residue_label_seq_id 
_pdbx_modification_feature.modified_residue_label_alt_id 
_pdbx_modification_feature.auth_comp_id 
_pdbx_modification_feature.auth_asym_id 
_pdbx_modification_feature.auth_seq_id 
_pdbx_modification_feature.PDB_ins_code 
_pdbx_modification_feature.symmetry 
_pdbx_modification_feature.modified_residue_auth_comp_id 
_pdbx_modification_feature.modified_residue_auth_asym_id 
_pdbx_modification_feature.modified_residue_auth_seq_id 
_pdbx_modification_feature.modified_residue_PDB_ins_code 
_pdbx_modification_feature.modified_residue_symmetry 
_pdbx_modification_feature.comp_id_linking_atom 
_pdbx_modification_feature.modified_residue_id_linking_atom 
_pdbx_modification_feature.modified_residue_id 
_pdbx_modification_feature.ref_pcm_id 
_pdbx_modification_feature.ref_comp_id 
_pdbx_modification_feature.type 
_pdbx_modification_feature.category 
1 CYS A 10 ? CYS A 112 ? CYS A 32 ? 1_555 CYS A 134 ? 1_555 SG SG . . . None 'Disulfide bridge' 
2 CYS A 35 ? CYS A 101 ? CYS A 57 ? 1_555 CYS A 123 ? 1_555 SG SG . . . None 'Disulfide bridge' 
3 CYS A 59 ? CYS A 79  ? CYS A 81 ? 1_555 CYS A 101 ? 1_555 SG SG . . . None 'Disulfide bridge' 
# 
loop_
_struct_sheet.id 
_struct_sheet.type 
_struct_sheet.number_strands 
_struct_sheet.details 
AA1 ? 8 ? 
AA2 ? 2 ? 
# 
loop_
_struct_sheet_order.sheet_id 
_struct_sheet_order.range_id_1 
_struct_sheet_order.range_id_2 
_struct_sheet_order.offset 
_struct_sheet_order.sense 
AA1 1 2 ? anti-parallel 
AA1 2 3 ? anti-parallel 
AA1 3 4 ? parallel      
AA1 4 5 ? anti-parallel 
AA1 5 6 ? anti-parallel 
AA1 6 7 ? parallel      
AA1 7 8 ? anti-parallel 
AA2 1 2 ? anti-parallel 
# 
loop_
_struct_sheet_range.sheet_id 
_struct_sheet_range.id 
_struct_sheet_range.beg_label_comp_id 
_struct_sheet_range.beg_label_asym_id 
_struct_sheet_range.beg_label_seq_id 
_struct_sheet_range.pdbx_beg_PDB_ins_code 
_struct_sheet_range.end_label_comp_id 
_struct_sheet_range.end_label_asym_id 
_struct_sheet_range.end_label_seq_id 
_struct_sheet_range.pdbx_end_PDB_ins_code 
_struct_sheet_range.beg_auth_comp_id 
_struct_sheet_range.beg_auth_asym_id 
_struct_sheet_range.beg_auth_seq_id 
_struct_sheet_range.end_auth_comp_id 
_struct_sheet_range.end_auth_asym_id 
_struct_sheet_range.end_auth_seq_id 
AA1 1 GLY A 85  ? ILE A 88  ? GLY A 107 ILE A 110 
AA1 2 VAL A 68  ? ARG A 72  ? VAL A 90  ARG A 94  
AA1 3 GLY A 62  ? PHE A 63  ? GLY A 84  PHE A 85  
AA1 4 ASP A 98  ? PHE A 102 ? ASP A 120 PHE A 124 
AA1 5 VAL A 15  ? LYS A 20  ? VAL A 37  LYS A 42  
AA1 6 GLN A 3   ? VAL A 8   ? GLN A 25  VAL A 30  
AA1 7 PHE A 122 ? ASN A 132 ? PHE A 144 ASN A 154 
AA1 8 ARG A 137 ? GLU A 143 ? ARG A 159 GLU A 165 
AA2 1 ARG A 11  ? TYR A 12  ? ARG A 33  TYR A 34  
AA2 2 GLU A 110 ? ASP A 111 ? GLU A 132 ASP A 133 
# 
loop_
_pdbx_struct_sheet_hbond.sheet_id 
_pdbx_struct_sheet_hbond.range_id_1 
_pdbx_struct_sheet_hbond.range_id_2 
_pdbx_struct_sheet_hbond.range_1_label_atom_id 
_pdbx_struct_sheet_hbond.range_1_label_comp_id 
_pdbx_struct_sheet_hbond.range_1_label_asym_id 
_pdbx_struct_sheet_hbond.range_1_label_seq_id 
_pdbx_struct_sheet_hbond.range_1_PDB_ins_code 
_pdbx_struct_sheet_hbond.range_1_auth_atom_id 
_pdbx_struct_sheet_hbond.range_1_auth_comp_id 
_pdbx_struct_sheet_hbond.range_1_auth_asym_id 
_pdbx_struct_sheet_hbond.range_1_auth_seq_id 
_pdbx_struct_sheet_hbond.range_2_label_atom_id 
_pdbx_struct_sheet_hbond.range_2_label_comp_id 
_pdbx_struct_sheet_hbond.range_2_label_asym_id 
_pdbx_struct_sheet_hbond.range_2_label_seq_id 
_pdbx_struct_sheet_hbond.range_2_PDB_ins_code 
_pdbx_struct_sheet_hbond.range_2_auth_atom_id 
_pdbx_struct_sheet_hbond.range_2_auth_comp_id 
_pdbx_struct_sheet_hbond.range_2_auth_asym_id 
_pdbx_struct_sheet_hbond.range_2_auth_seq_id 
AA1 1 2 O GLY A 85  ? O GLY A 107 N ARG A 72  ? N ARG A 94  
AA1 2 3 O VAL A 69  ? O VAL A 91  N GLY A 62  ? N GLY A 84  
AA1 3 4 N PHE A 63  ? N PHE A 85  O TYR A 100 ? O TYR A 122 
AA1 4 5 O THR A 99  ? O THR A 121 N VAL A 18  ? N VAL A 40  
AA1 5 6 O GLU A 19  ? O GLU A 41  N ASN A 7   ? N ASN A 29  
AA1 6 7 N LEU A 6   ? N LEU A 28  O THR A 129 ? O THR A 151 
AA1 7 8 N ILE A 128 ? N ILE A 150 O LYS A 140 ? O LYS A 162 
AA2 1 2 N ARG A 11  ? N ARG A 33  O ASP A 111 ? O ASP A 133 
# 
loop_
_struct_site.id 
_struct_site.pdbx_evidence_code 
_struct_site.pdbx_auth_asym_id 
_struct_site.pdbx_auth_comp_id 
_struct_site.pdbx_auth_seq_id 
_struct_site.pdbx_auth_ins_code 
_struct_site.pdbx_num_residues 
_struct_site.details 
AC1 Software A DMS 201 ? 8  'binding site for residue DMS A 201' 
AC2 Software A SO4 202 ? 5  'binding site for residue SO4 A 202' 
AC3 Software A 4WO 203 ? 13 'binding site for residue 4WO A 203' 
# 
loop_
_struct_site_gen.id 
_struct_site_gen.site_id 
_struct_site_gen.pdbx_num_res 
_struct_site_gen.label_comp_id 
_struct_site_gen.label_asym_id 
_struct_site_gen.label_seq_id 
_struct_site_gen.pdbx_auth_ins_code 
_struct_site_gen.auth_comp_id 
_struct_site_gen.auth_asym_id 
_struct_site_gen.auth_seq_id 
_struct_site_gen.label_atom_id 
_struct_site_gen.label_alt_id 
_struct_site_gen.symmetry 
_struct_site_gen.details 
1  AC1 8  CYS A 10  ? CYS A 32  . ? 1_555 ? 
2  AC1 8  ASN A 67  ? ASN A 89  . ? 1_554 ? 
3  AC1 8  CYS A 112 ? CYS A 134 . ? 1_555 ? 
4  AC1 8  SER A 114 ? SER A 136 . ? 1_555 ? 
5  AC1 8  ARG A 133 ? ARG A 155 . ? 1_555 ? 
6  AC1 8  ASP A 134 ? ASP A 156 . ? 1_555 ? 
7  AC1 8  HOH E .   ? HOH A 313 . ? 1_555 ? 
8  AC1 8  HOH E .   ? HOH A 331 . ? 1_555 ? 
9  AC2 5  ARG A 11  ? ARG A 33  . ? 1_555 ? 
10 AC2 5  PHE A 16  ? PHE A 38  . ? 1_555 ? 
11 AC2 5  PHE A 38  ? PHE A 60  . ? 1_555 ? 
12 AC2 5  ASN A 103 ? ASN A 125 . ? 1_555 ? 
13 AC2 5  VAL A 115 ? VAL A 137 . ? 1_555 ? 
14 AC3 13 ASN A 7   ? ASN A 29  . ? 1_555 ? 
15 AC3 13 VAL A 8   ? VAL A 30  . ? 1_555 ? 
16 AC3 13 THR A 9   ? THR A 31  . ? 1_555 ? 
17 AC3 13 HIS A 17  ? HIS A 39  . ? 1_555 ? 
18 AC3 13 GLU A 19  ? GLU A 41  . ? 1_555 ? 
19 AC3 13 ASP A 46  ? ASP A 68  . ? 1_655 ? 
20 AC3 13 ARG A 60  ? ARG A 82  . ? 1_555 ? 
21 AC3 13 VAL A 131 ? VAL A 153 . ? 1_555 ? 
22 AC3 13 ASN A 132 ? ASN A 154 . ? 1_555 ? 
23 AC3 13 ARG A 133 ? ARG A 155 . ? 1_555 ? 
24 AC3 13 HOH E .   ? HOH A 311 . ? 1_555 ? 
25 AC3 13 HOH E .   ? HOH A 336 . ? 1_555 ? 
26 AC3 13 HOH E .   ? HOH A 365 . ? 1_555 ? 
# 
_pdbx_entry_details.entry_id                   5BZL 
_pdbx_entry_details.compound_details           ? 
_pdbx_entry_details.source_details             ? 
_pdbx_entry_details.nonpolymer_details         ? 
_pdbx_entry_details.sequence_details           ? 
_pdbx_entry_details.has_ligand_of_interest     ? 
_pdbx_entry_details.has_protein_modification   Y 
# 
_pdbx_validate_close_contact.id               1 
_pdbx_validate_close_contact.PDB_model_num    1 
_pdbx_validate_close_contact.auth_atom_id_1   O 
_pdbx_validate_close_contact.auth_asym_id_1   A 
_pdbx_validate_close_contact.auth_comp_id_1   HOH 
_pdbx_validate_close_contact.auth_seq_id_1    347 
_pdbx_validate_close_contact.PDB_ins_code_1   ? 
_pdbx_validate_close_contact.label_alt_id_1   ? 
_pdbx_validate_close_contact.auth_atom_id_2   O 
_pdbx_validate_close_contact.auth_asym_id_2   A 
_pdbx_validate_close_contact.auth_comp_id_2   HOH 
_pdbx_validate_close_contact.auth_seq_id_2    364 
_pdbx_validate_close_contact.PDB_ins_code_2   ? 
_pdbx_validate_close_contact.label_alt_id_2   ? 
_pdbx_validate_close_contact.dist             2.07 
# 
_pdbx_validate_rmsd_angle.id                         1 
_pdbx_validate_rmsd_angle.PDB_model_num              1 
_pdbx_validate_rmsd_angle.auth_atom_id_1             NE 
_pdbx_validate_rmsd_angle.auth_asym_id_1             A 
_pdbx_validate_rmsd_angle.auth_comp_id_1             ARG 
_pdbx_validate_rmsd_angle.auth_seq_id_1              159 
_pdbx_validate_rmsd_angle.PDB_ins_code_1             ? 
_pdbx_validate_rmsd_angle.label_alt_id_1             ? 
_pdbx_validate_rmsd_angle.auth_atom_id_2             CZ 
_pdbx_validate_rmsd_angle.auth_asym_id_2             A 
_pdbx_validate_rmsd_angle.auth_comp_id_2             ARG 
_pdbx_validate_rmsd_angle.auth_seq_id_2              159 
_pdbx_validate_rmsd_angle.PDB_ins_code_2             ? 
_pdbx_validate_rmsd_angle.label_alt_id_2             ? 
_pdbx_validate_rmsd_angle.auth_atom_id_3             NH2 
_pdbx_validate_rmsd_angle.auth_asym_id_3             A 
_pdbx_validate_rmsd_angle.auth_comp_id_3             ARG 
_pdbx_validate_rmsd_angle.auth_seq_id_3              159 
_pdbx_validate_rmsd_angle.PDB_ins_code_3             ? 
_pdbx_validate_rmsd_angle.label_alt_id_3             ? 
_pdbx_validate_rmsd_angle.angle_value                117.18 
_pdbx_validate_rmsd_angle.angle_target_value         120.30 
_pdbx_validate_rmsd_angle.angle_deviation            -3.12 
_pdbx_validate_rmsd_angle.angle_standard_deviation   0.50 
_pdbx_validate_rmsd_angle.linker_flag                N 
# 
loop_
_pdbx_validate_torsion.id 
_pdbx_validate_torsion.PDB_model_num 
_pdbx_validate_torsion.auth_comp_id 
_pdbx_validate_torsion.auth_asym_id 
_pdbx_validate_torsion.auth_seq_id 
_pdbx_validate_torsion.PDB_ins_code 
_pdbx_validate_torsion.label_alt_id 
_pdbx_validate_torsion.phi 
_pdbx_validate_torsion.psi 
1 1 CYS A 32  ? ? -46.32  153.31  
2 1 SER A 47  ? ? -156.90 14.92   
3 1 GLU A 131 ? ? -117.59 -133.25 
# 
_phasing.method   MR 
# 
_pdbx_unobs_or_zero_occ_residues.id               1 
_pdbx_unobs_or_zero_occ_residues.PDB_model_num    1 
_pdbx_unobs_or_zero_occ_residues.polymer_flag     Y 
_pdbx_unobs_or_zero_occ_residues.occupancy_flag   1 
_pdbx_unobs_or_zero_occ_residues.auth_asym_id     A 
_pdbx_unobs_or_zero_occ_residues.auth_comp_id     MET 
_pdbx_unobs_or_zero_occ_residues.auth_seq_id      23 
_pdbx_unobs_or_zero_occ_residues.PDB_ins_code     ? 
_pdbx_unobs_or_zero_occ_residues.label_asym_id    A 
_pdbx_unobs_or_zero_occ_residues.label_comp_id    MET 
_pdbx_unobs_or_zero_occ_residues.label_seq_id     1 
# 
loop_
_chem_comp_atom.comp_id 
_chem_comp_atom.atom_id 
_chem_comp_atom.type_symbol 
_chem_comp_atom.pdbx_aromatic_flag 
_chem_comp_atom.pdbx_stereo_config 
_chem_comp_atom.pdbx_ordinal 
4WO CAJ  C N N 1   
4WO CAH  C N N 2   
4WO CAO  C Y N 3   
4WO CAF  C Y N 4   
4WO CAD  C Y N 5   
4WO CAE  C Y N 6   
4WO CAN  C Y N 7   
4WO NAB  N N N 8   
4WO CAP  C Y N 9   
4WO CAK  C N N 10  
4WO NAQ  N N N 11  
4WO CAI  C N N 12  
4WO CAG  C N N 13  
4WO CAM  C N N 14  
4WO OAC  O N N 15  
4WO OAL  O N N 16  
4WO CAA  C N N 17  
4WO H1   H N N 18  
4WO H2   H N N 19  
4WO H3   H N N 20  
4WO H4   H N N 21  
4WO H5   H N N 22  
4WO H6   H N N 23  
4WO H7   H N N 24  
4WO H8   H N N 25  
4WO H9   H N N 26  
4WO H10  H N N 27  
4WO H11  H N N 28  
4WO H13  H N N 29  
4WO H14  H N N 30  
4WO H15  H N N 31  
4WO H16  H N N 32  
4WO H17  H N N 33  
4WO H18  H N N 34  
4WO H19  H N N 35  
ALA N    N N N 36  
ALA CA   C N S 37  
ALA C    C N N 38  
ALA O    O N N 39  
ALA CB   C N N 40  
ALA OXT  O N N 41  
ALA H    H N N 42  
ALA H2   H N N 43  
ALA HA   H N N 44  
ALA HB1  H N N 45  
ALA HB2  H N N 46  
ALA HB3  H N N 47  
ALA HXT  H N N 48  
ARG N    N N N 49  
ARG CA   C N S 50  
ARG C    C N N 51  
ARG O    O N N 52  
ARG CB   C N N 53  
ARG CG   C N N 54  
ARG CD   C N N 55  
ARG NE   N N N 56  
ARG CZ   C N N 57  
ARG NH1  N N N 58  
ARG NH2  N N N 59  
ARG OXT  O N N 60  
ARG H    H N N 61  
ARG H2   H N N 62  
ARG HA   H N N 63  
ARG HB2  H N N 64  
ARG HB3  H N N 65  
ARG HG2  H N N 66  
ARG HG3  H N N 67  
ARG HD2  H N N 68  
ARG HD3  H N N 69  
ARG HE   H N N 70  
ARG HH11 H N N 71  
ARG HH12 H N N 72  
ARG HH21 H N N 73  
ARG HH22 H N N 74  
ARG HXT  H N N 75  
ASN N    N N N 76  
ASN CA   C N S 77  
ASN C    C N N 78  
ASN O    O N N 79  
ASN CB   C N N 80  
ASN CG   C N N 81  
ASN OD1  O N N 82  
ASN ND2  N N N 83  
ASN OXT  O N N 84  
ASN H    H N N 85  
ASN H2   H N N 86  
ASN HA   H N N 87  
ASN HB2  H N N 88  
ASN HB3  H N N 89  
ASN HD21 H N N 90  
ASN HD22 H N N 91  
ASN HXT  H N N 92  
ASP N    N N N 93  
ASP CA   C N S 94  
ASP C    C N N 95  
ASP O    O N N 96  
ASP CB   C N N 97  
ASP CG   C N N 98  
ASP OD1  O N N 99  
ASP OD2  O N N 100 
ASP OXT  O N N 101 
ASP H    H N N 102 
ASP H2   H N N 103 
ASP HA   H N N 104 
ASP HB2  H N N 105 
ASP HB3  H N N 106 
ASP HD2  H N N 107 
ASP HXT  H N N 108 
CYS N    N N N 109 
CYS CA   C N R 110 
CYS C    C N N 111 
CYS O    O N N 112 
CYS CB   C N N 113 
CYS SG   S N N 114 
CYS OXT  O N N 115 
CYS H    H N N 116 
CYS H2   H N N 117 
CYS HA   H N N 118 
CYS HB2  H N N 119 
CYS HB3  H N N 120 
CYS HG   H N N 121 
CYS HXT  H N N 122 
DMS S    S N N 123 
DMS O    O N N 124 
DMS C1   C N N 125 
DMS C2   C N N 126 
DMS H11  H N N 127 
DMS H12  H N N 128 
DMS H13  H N N 129 
DMS H21  H N N 130 
DMS H22  H N N 131 
DMS H23  H N N 132 
GLN N    N N N 133 
GLN CA   C N S 134 
GLN C    C N N 135 
GLN O    O N N 136 
GLN CB   C N N 137 
GLN CG   C N N 138 
GLN CD   C N N 139 
GLN OE1  O N N 140 
GLN NE2  N N N 141 
GLN OXT  O N N 142 
GLN H    H N N 143 
GLN H2   H N N 144 
GLN HA   H N N 145 
GLN HB2  H N N 146 
GLN HB3  H N N 147 
GLN HG2  H N N 148 
GLN HG3  H N N 149 
GLN HE21 H N N 150 
GLN HE22 H N N 151 
GLN HXT  H N N 152 
GLU N    N N N 153 
GLU CA   C N S 154 
GLU C    C N N 155 
GLU O    O N N 156 
GLU CB   C N N 157 
GLU CG   C N N 158 
GLU CD   C N N 159 
GLU OE1  O N N 160 
GLU OE2  O N N 161 
GLU OXT  O N N 162 
GLU H    H N N 163 
GLU H2   H N N 164 
GLU HA   H N N 165 
GLU HB2  H N N 166 
GLU HB3  H N N 167 
GLU HG2  H N N 168 
GLU HG3  H N N 169 
GLU HE2  H N N 170 
GLU HXT  H N N 171 
GLY N    N N N 172 
GLY CA   C N N 173 
GLY C    C N N 174 
GLY O    O N N 175 
GLY OXT  O N N 176 
GLY H    H N N 177 
GLY H2   H N N 178 
GLY HA2  H N N 179 
GLY HA3  H N N 180 
GLY HXT  H N N 181 
HIS N    N N N 182 
HIS CA   C N S 183 
HIS C    C N N 184 
HIS O    O N N 185 
HIS CB   C N N 186 
HIS CG   C Y N 187 
HIS ND1  N Y N 188 
HIS CD2  C Y N 189 
HIS CE1  C Y N 190 
HIS NE2  N Y N 191 
HIS OXT  O N N 192 
HIS H    H N N 193 
HIS H2   H N N 194 
HIS HA   H N N 195 
HIS HB2  H N N 196 
HIS HB3  H N N 197 
HIS HD1  H N N 198 
HIS HD2  H N N 199 
HIS HE1  H N N 200 
HIS HE2  H N N 201 
HIS HXT  H N N 202 
HOH O    O N N 203 
HOH H1   H N N 204 
HOH H2   H N N 205 
ILE N    N N N 206 
ILE CA   C N S 207 
ILE C    C N N 208 
ILE O    O N N 209 
ILE CB   C N S 210 
ILE CG1  C N N 211 
ILE CG2  C N N 212 
ILE CD1  C N N 213 
ILE OXT  O N N 214 
ILE H    H N N 215 
ILE H2   H N N 216 
ILE HA   H N N 217 
ILE HB   H N N 218 
ILE HG12 H N N 219 
ILE HG13 H N N 220 
ILE HG21 H N N 221 
ILE HG22 H N N 222 
ILE HG23 H N N 223 
ILE HD11 H N N 224 
ILE HD12 H N N 225 
ILE HD13 H N N 226 
ILE HXT  H N N 227 
LEU N    N N N 228 
LEU CA   C N S 229 
LEU C    C N N 230 
LEU O    O N N 231 
LEU CB   C N N 232 
LEU CG   C N N 233 
LEU CD1  C N N 234 
LEU CD2  C N N 235 
LEU OXT  O N N 236 
LEU H    H N N 237 
LEU H2   H N N 238 
LEU HA   H N N 239 
LEU HB2  H N N 240 
LEU HB3  H N N 241 
LEU HG   H N N 242 
LEU HD11 H N N 243 
LEU HD12 H N N 244 
LEU HD13 H N N 245 
LEU HD21 H N N 246 
LEU HD22 H N N 247 
LEU HD23 H N N 248 
LEU HXT  H N N 249 
LYS N    N N N 250 
LYS CA   C N S 251 
LYS C    C N N 252 
LYS O    O N N 253 
LYS CB   C N N 254 
LYS CG   C N N 255 
LYS CD   C N N 256 
LYS CE   C N N 257 
LYS NZ   N N N 258 
LYS OXT  O N N 259 
LYS H    H N N 260 
LYS H2   H N N 261 
LYS HA   H N N 262 
LYS HB2  H N N 263 
LYS HB3  H N N 264 
LYS HG2  H N N 265 
LYS HG3  H N N 266 
LYS HD2  H N N 267 
LYS HD3  H N N 268 
LYS HE2  H N N 269 
LYS HE3  H N N 270 
LYS HZ1  H N N 271 
LYS HZ2  H N N 272 
LYS HZ3  H N N 273 
LYS HXT  H N N 274 
MET N    N N N 275 
MET CA   C N S 276 
MET C    C N N 277 
MET O    O N N 278 
MET CB   C N N 279 
MET CG   C N N 280 
MET SD   S N N 281 
MET CE   C N N 282 
MET OXT  O N N 283 
MET H    H N N 284 
MET H2   H N N 285 
MET HA   H N N 286 
MET HB2  H N N 287 
MET HB3  H N N 288 
MET HG2  H N N 289 
MET HG3  H N N 290 
MET HE1  H N N 291 
MET HE2  H N N 292 
MET HE3  H N N 293 
MET HXT  H N N 294 
PHE N    N N N 295 
PHE CA   C N S 296 
PHE C    C N N 297 
PHE O    O N N 298 
PHE CB   C N N 299 
PHE CG   C Y N 300 
PHE CD1  C Y N 301 
PHE CD2  C Y N 302 
PHE CE1  C Y N 303 
PHE CE2  C Y N 304 
PHE CZ   C Y N 305 
PHE OXT  O N N 306 
PHE H    H N N 307 
PHE H2   H N N 308 
PHE HA   H N N 309 
PHE HB2  H N N 310 
PHE HB3  H N N 311 
PHE HD1  H N N 312 
PHE HD2  H N N 313 
PHE HE1  H N N 314 
PHE HE2  H N N 315 
PHE HZ   H N N 316 
PHE HXT  H N N 317 
PRO N    N N N 318 
PRO CA   C N S 319 
PRO C    C N N 320 
PRO O    O N N 321 
PRO CB   C N N 322 
PRO CG   C N N 323 
PRO CD   C N N 324 
PRO OXT  O N N 325 
PRO H    H N N 326 
PRO HA   H N N 327 
PRO HB2  H N N 328 
PRO HB3  H N N 329 
PRO HG2  H N N 330 
PRO HG3  H N N 331 
PRO HD2  H N N 332 
PRO HD3  H N N 333 
PRO HXT  H N N 334 
SER N    N N N 335 
SER CA   C N S 336 
SER C    C N N 337 
SER O    O N N 338 
SER CB   C N N 339 
SER OG   O N N 340 
SER OXT  O N N 341 
SER H    H N N 342 
SER H2   H N N 343 
SER HA   H N N 344 
SER HB2  H N N 345 
SER HB3  H N N 346 
SER HG   H N N 347 
SER HXT  H N N 348 
SO4 S    S N N 349 
SO4 O1   O N N 350 
SO4 O2   O N N 351 
SO4 O3   O N N 352 
SO4 O4   O N N 353 
THR N    N N N 354 
THR CA   C N S 355 
THR C    C N N 356 
THR O    O N N 357 
THR CB   C N R 358 
THR OG1  O N N 359 
THR CG2  C N N 360 
THR OXT  O N N 361 
THR H    H N N 362 
THR H2   H N N 363 
THR HA   H N N 364 
THR HB   H N N 365 
THR HG1  H N N 366 
THR HG21 H N N 367 
THR HG22 H N N 368 
THR HG23 H N N 369 
THR HXT  H N N 370 
TYR N    N N N 371 
TYR CA   C N S 372 
TYR C    C N N 373 
TYR O    O N N 374 
TYR CB   C N N 375 
TYR CG   C Y N 376 
TYR CD1  C Y N 377 
TYR CD2  C Y N 378 
TYR CE1  C Y N 379 
TYR CE2  C Y N 380 
TYR CZ   C Y N 381 
TYR OH   O N N 382 
TYR OXT  O N N 383 
TYR H    H N N 384 
TYR H2   H N N 385 
TYR HA   H N N 386 
TYR HB2  H N N 387 
TYR HB3  H N N 388 
TYR HD1  H N N 389 
TYR HD2  H N N 390 
TYR HE1  H N N 391 
TYR HE2  H N N 392 
TYR HH   H N N 393 
TYR HXT  H N N 394 
VAL N    N N N 395 
VAL CA   C N S 396 
VAL C    C N N 397 
VAL O    O N N 398 
VAL CB   C N N 399 
VAL CG1  C N N 400 
VAL CG2  C N N 401 
VAL OXT  O N N 402 
VAL H    H N N 403 
VAL H2   H N N 404 
VAL HA   H N N 405 
VAL HB   H N N 406 
VAL HG11 H N N 407 
VAL HG12 H N N 408 
VAL HG13 H N N 409 
VAL HG21 H N N 410 
VAL HG22 H N N 411 
VAL HG23 H N N 412 
VAL HXT  H N N 413 
# 
loop_
_chem_comp_bond.comp_id 
_chem_comp_bond.atom_id_1 
_chem_comp_bond.atom_id_2 
_chem_comp_bond.value_order 
_chem_comp_bond.pdbx_aromatic_flag 
_chem_comp_bond.pdbx_stereo_config 
_chem_comp_bond.pdbx_ordinal 
4WO CAE CAD  doub Y N 1   
4WO CAE CAN  sing Y N 2   
4WO CAD CAF  sing Y N 3   
4WO NAB CAN  sing N N 4   
4WO CAN CAP  doub Y N 5   
4WO CAF CAO  doub Y N 6   
4WO CAP CAO  sing Y N 7   
4WO CAP CAK  sing N N 8   
4WO CAO CAH  sing N N 9   
4WO CAK NAQ  sing N N 10  
4WO CAH CAJ  sing N N 11  
4WO OAC CAM  doub N N 12  
4WO CAJ NAQ  sing N N 13  
4WO CAA OAL  sing N N 14  
4WO NAQ CAI  sing N N 15  
4WO CAM OAL  sing N N 16  
4WO CAM CAG  sing N N 17  
4WO CAI CAG  sing N N 18  
4WO CAJ H1   sing N N 19  
4WO CAJ H2   sing N N 20  
4WO CAH H3   sing N N 21  
4WO CAH H4   sing N N 22  
4WO CAF H5   sing N N 23  
4WO CAD H6   sing N N 24  
4WO CAE H7   sing N N 25  
4WO NAB H8   sing N N 26  
4WO NAB H9   sing N N 27  
4WO CAK H10  sing N N 28  
4WO CAK H11  sing N N 29  
4WO CAI H13  sing N N 30  
4WO CAI H14  sing N N 31  
4WO CAG H15  sing N N 32  
4WO CAG H16  sing N N 33  
4WO CAA H17  sing N N 34  
4WO CAA H18  sing N N 35  
4WO CAA H19  sing N N 36  
ALA N   CA   sing N N 37  
ALA N   H    sing N N 38  
ALA N   H2   sing N N 39  
ALA CA  C    sing N N 40  
ALA CA  CB   sing N N 41  
ALA CA  HA   sing N N 42  
ALA C   O    doub N N 43  
ALA C   OXT  sing N N 44  
ALA CB  HB1  sing N N 45  
ALA CB  HB2  sing N N 46  
ALA CB  HB3  sing N N 47  
ALA OXT HXT  sing N N 48  
ARG N   CA   sing N N 49  
ARG N   H    sing N N 50  
ARG N   H2   sing N N 51  
ARG CA  C    sing N N 52  
ARG CA  CB   sing N N 53  
ARG CA  HA   sing N N 54  
ARG C   O    doub N N 55  
ARG C   OXT  sing N N 56  
ARG CB  CG   sing N N 57  
ARG CB  HB2  sing N N 58  
ARG CB  HB3  sing N N 59  
ARG CG  CD   sing N N 60  
ARG CG  HG2  sing N N 61  
ARG CG  HG3  sing N N 62  
ARG CD  NE   sing N N 63  
ARG CD  HD2  sing N N 64  
ARG CD  HD3  sing N N 65  
ARG NE  CZ   sing N N 66  
ARG NE  HE   sing N N 67  
ARG CZ  NH1  sing N N 68  
ARG CZ  NH2  doub N N 69  
ARG NH1 HH11 sing N N 70  
ARG NH1 HH12 sing N N 71  
ARG NH2 HH21 sing N N 72  
ARG NH2 HH22 sing N N 73  
ARG OXT HXT  sing N N 74  
ASN N   CA   sing N N 75  
ASN N   H    sing N N 76  
ASN N   H2   sing N N 77  
ASN CA  C    sing N N 78  
ASN CA  CB   sing N N 79  
ASN CA  HA   sing N N 80  
ASN C   O    doub N N 81  
ASN C   OXT  sing N N 82  
ASN CB  CG   sing N N 83  
ASN CB  HB2  sing N N 84  
ASN CB  HB3  sing N N 85  
ASN CG  OD1  doub N N 86  
ASN CG  ND2  sing N N 87  
ASN ND2 HD21 sing N N 88  
ASN ND2 HD22 sing N N 89  
ASN OXT HXT  sing N N 90  
ASP N   CA   sing N N 91  
ASP N   H    sing N N 92  
ASP N   H2   sing N N 93  
ASP CA  C    sing N N 94  
ASP CA  CB   sing N N 95  
ASP CA  HA   sing N N 96  
ASP C   O    doub N N 97  
ASP C   OXT  sing N N 98  
ASP CB  CG   sing N N 99  
ASP CB  HB2  sing N N 100 
ASP CB  HB3  sing N N 101 
ASP CG  OD1  doub N N 102 
ASP CG  OD2  sing N N 103 
ASP OD2 HD2  sing N N 104 
ASP OXT HXT  sing N N 105 
CYS N   CA   sing N N 106 
CYS N   H    sing N N 107 
CYS N   H2   sing N N 108 
CYS CA  C    sing N N 109 
CYS CA  CB   sing N N 110 
CYS CA  HA   sing N N 111 
CYS C   O    doub N N 112 
CYS C   OXT  sing N N 113 
CYS CB  SG   sing N N 114 
CYS CB  HB2  sing N N 115 
CYS CB  HB3  sing N N 116 
CYS SG  HG   sing N N 117 
CYS OXT HXT  sing N N 118 
DMS S   O    doub N N 119 
DMS S   C1   sing N N 120 
DMS S   C2   sing N N 121 
DMS C1  H11  sing N N 122 
DMS C1  H12  sing N N 123 
DMS C1  H13  sing N N 124 
DMS C2  H21  sing N N 125 
DMS C2  H22  sing N N 126 
DMS C2  H23  sing N N 127 
GLN N   CA   sing N N 128 
GLN N   H    sing N N 129 
GLN N   H2   sing N N 130 
GLN CA  C    sing N N 131 
GLN CA  CB   sing N N 132 
GLN CA  HA   sing N N 133 
GLN C   O    doub N N 134 
GLN C   OXT  sing N N 135 
GLN CB  CG   sing N N 136 
GLN CB  HB2  sing N N 137 
GLN CB  HB3  sing N N 138 
GLN CG  CD   sing N N 139 
GLN CG  HG2  sing N N 140 
GLN CG  HG3  sing N N 141 
GLN CD  OE1  doub N N 142 
GLN CD  NE2  sing N N 143 
GLN NE2 HE21 sing N N 144 
GLN NE2 HE22 sing N N 145 
GLN OXT HXT  sing N N 146 
GLU N   CA   sing N N 147 
GLU N   H    sing N N 148 
GLU N   H2   sing N N 149 
GLU CA  C    sing N N 150 
GLU CA  CB   sing N N 151 
GLU CA  HA   sing N N 152 
GLU C   O    doub N N 153 
GLU C   OXT  sing N N 154 
GLU CB  CG   sing N N 155 
GLU CB  HB2  sing N N 156 
GLU CB  HB3  sing N N 157 
GLU CG  CD   sing N N 158 
GLU CG  HG2  sing N N 159 
GLU CG  HG3  sing N N 160 
GLU CD  OE1  doub N N 161 
GLU CD  OE2  sing N N 162 
GLU OE2 HE2  sing N N 163 
GLU OXT HXT  sing N N 164 
GLY N   CA   sing N N 165 
GLY N   H    sing N N 166 
GLY N   H2   sing N N 167 
GLY CA  C    sing N N 168 
GLY CA  HA2  sing N N 169 
GLY CA  HA3  sing N N 170 
GLY C   O    doub N N 171 
GLY C   OXT  sing N N 172 
GLY OXT HXT  sing N N 173 
HIS N   CA   sing N N 174 
HIS N   H    sing N N 175 
HIS N   H2   sing N N 176 
HIS CA  C    sing N N 177 
HIS CA  CB   sing N N 178 
HIS CA  HA   sing N N 179 
HIS C   O    doub N N 180 
HIS C   OXT  sing N N 181 
HIS CB  CG   sing N N 182 
HIS CB  HB2  sing N N 183 
HIS CB  HB3  sing N N 184 
HIS CG  ND1  sing Y N 185 
HIS CG  CD2  doub Y N 186 
HIS ND1 CE1  doub Y N 187 
HIS ND1 HD1  sing N N 188 
HIS CD2 NE2  sing Y N 189 
HIS CD2 HD2  sing N N 190 
HIS CE1 NE2  sing Y N 191 
HIS CE1 HE1  sing N N 192 
HIS NE2 HE2  sing N N 193 
HIS OXT HXT  sing N N 194 
HOH O   H1   sing N N 195 
HOH O   H2   sing N N 196 
ILE N   CA   sing N N 197 
ILE N   H    sing N N 198 
ILE N   H2   sing N N 199 
ILE CA  C    sing N N 200 
ILE CA  CB   sing N N 201 
ILE CA  HA   sing N N 202 
ILE C   O    doub N N 203 
ILE C   OXT  sing N N 204 
ILE CB  CG1  sing N N 205 
ILE CB  CG2  sing N N 206 
ILE CB  HB   sing N N 207 
ILE CG1 CD1  sing N N 208 
ILE CG1 HG12 sing N N 209 
ILE CG1 HG13 sing N N 210 
ILE CG2 HG21 sing N N 211 
ILE CG2 HG22 sing N N 212 
ILE CG2 HG23 sing N N 213 
ILE CD1 HD11 sing N N 214 
ILE CD1 HD12 sing N N 215 
ILE CD1 HD13 sing N N 216 
ILE OXT HXT  sing N N 217 
LEU N   CA   sing N N 218 
LEU N   H    sing N N 219 
LEU N   H2   sing N N 220 
LEU CA  C    sing N N 221 
LEU CA  CB   sing N N 222 
LEU CA  HA   sing N N 223 
LEU C   O    doub N N 224 
LEU C   OXT  sing N N 225 
LEU CB  CG   sing N N 226 
LEU CB  HB2  sing N N 227 
LEU CB  HB3  sing N N 228 
LEU CG  CD1  sing N N 229 
LEU CG  CD2  sing N N 230 
LEU CG  HG   sing N N 231 
LEU CD1 HD11 sing N N 232 
LEU CD1 HD12 sing N N 233 
LEU CD1 HD13 sing N N 234 
LEU CD2 HD21 sing N N 235 
LEU CD2 HD22 sing N N 236 
LEU CD2 HD23 sing N N 237 
LEU OXT HXT  sing N N 238 
LYS N   CA   sing N N 239 
LYS N   H    sing N N 240 
LYS N   H2   sing N N 241 
LYS CA  C    sing N N 242 
LYS CA  CB   sing N N 243 
LYS CA  HA   sing N N 244 
LYS C   O    doub N N 245 
LYS C   OXT  sing N N 246 
LYS CB  CG   sing N N 247 
LYS CB  HB2  sing N N 248 
LYS CB  HB3  sing N N 249 
LYS CG  CD   sing N N 250 
LYS CG  HG2  sing N N 251 
LYS CG  HG3  sing N N 252 
LYS CD  CE   sing N N 253 
LYS CD  HD2  sing N N 254 
LYS CD  HD3  sing N N 255 
LYS CE  NZ   sing N N 256 
LYS CE  HE2  sing N N 257 
LYS CE  HE3  sing N N 258 
LYS NZ  HZ1  sing N N 259 
LYS NZ  HZ2  sing N N 260 
LYS NZ  HZ3  sing N N 261 
LYS OXT HXT  sing N N 262 
MET N   CA   sing N N 263 
MET N   H    sing N N 264 
MET N   H2   sing N N 265 
MET CA  C    sing N N 266 
MET CA  CB   sing N N 267 
MET CA  HA   sing N N 268 
MET C   O    doub N N 269 
MET C   OXT  sing N N 270 
MET CB  CG   sing N N 271 
MET CB  HB2  sing N N 272 
MET CB  HB3  sing N N 273 
MET CG  SD   sing N N 274 
MET CG  HG2  sing N N 275 
MET CG  HG3  sing N N 276 
MET SD  CE   sing N N 277 
MET CE  HE1  sing N N 278 
MET CE  HE2  sing N N 279 
MET CE  HE3  sing N N 280 
MET OXT HXT  sing N N 281 
PHE N   CA   sing N N 282 
PHE N   H    sing N N 283 
PHE N   H2   sing N N 284 
PHE CA  C    sing N N 285 
PHE CA  CB   sing N N 286 
PHE CA  HA   sing N N 287 
PHE C   O    doub N N 288 
PHE C   OXT  sing N N 289 
PHE CB  CG   sing N N 290 
PHE CB  HB2  sing N N 291 
PHE CB  HB3  sing N N 292 
PHE CG  CD1  doub Y N 293 
PHE CG  CD2  sing Y N 294 
PHE CD1 CE1  sing Y N 295 
PHE CD1 HD1  sing N N 296 
PHE CD2 CE2  doub Y N 297 
PHE CD2 HD2  sing N N 298 
PHE CE1 CZ   doub Y N 299 
PHE CE1 HE1  sing N N 300 
PHE CE2 CZ   sing Y N 301 
PHE CE2 HE2  sing N N 302 
PHE CZ  HZ   sing N N 303 
PHE OXT HXT  sing N N 304 
PRO N   CA   sing N N 305 
PRO N   CD   sing N N 306 
PRO N   H    sing N N 307 
PRO CA  C    sing N N 308 
PRO CA  CB   sing N N 309 
PRO CA  HA   sing N N 310 
PRO C   O    doub N N 311 
PRO C   OXT  sing N N 312 
PRO CB  CG   sing N N 313 
PRO CB  HB2  sing N N 314 
PRO CB  HB3  sing N N 315 
PRO CG  CD   sing N N 316 
PRO CG  HG2  sing N N 317 
PRO CG  HG3  sing N N 318 
PRO CD  HD2  sing N N 319 
PRO CD  HD3  sing N N 320 
PRO OXT HXT  sing N N 321 
SER N   CA   sing N N 322 
SER N   H    sing N N 323 
SER N   H2   sing N N 324 
SER CA  C    sing N N 325 
SER CA  CB   sing N N 326 
SER CA  HA   sing N N 327 
SER C   O    doub N N 328 
SER C   OXT  sing N N 329 
SER CB  OG   sing N N 330 
SER CB  HB2  sing N N 331 
SER CB  HB3  sing N N 332 
SER OG  HG   sing N N 333 
SER OXT HXT  sing N N 334 
SO4 S   O1   doub N N 335 
SO4 S   O2   doub N N 336 
SO4 S   O3   sing N N 337 
SO4 S   O4   sing N N 338 
THR N   CA   sing N N 339 
THR N   H    sing N N 340 
THR N   H2   sing N N 341 
THR CA  C    sing N N 342 
THR CA  CB   sing N N 343 
THR CA  HA   sing N N 344 
THR C   O    doub N N 345 
THR C   OXT  sing N N 346 
THR CB  OG1  sing N N 347 
THR CB  CG2  sing N N 348 
THR CB  HB   sing N N 349 
THR OG1 HG1  sing N N 350 
THR CG2 HG21 sing N N 351 
THR CG2 HG22 sing N N 352 
THR CG2 HG23 sing N N 353 
THR OXT HXT  sing N N 354 
TYR N   CA   sing N N 355 
TYR N   H    sing N N 356 
TYR N   H2   sing N N 357 
TYR CA  C    sing N N 358 
TYR CA  CB   sing N N 359 
TYR CA  HA   sing N N 360 
TYR C   O    doub N N 361 
TYR C   OXT  sing N N 362 
TYR CB  CG   sing N N 363 
TYR CB  HB2  sing N N 364 
TYR CB  HB3  sing N N 365 
TYR CG  CD1  doub Y N 366 
TYR CG  CD2  sing Y N 367 
TYR CD1 CE1  sing Y N 368 
TYR CD1 HD1  sing N N 369 
TYR CD2 CE2  doub Y N 370 
TYR CD2 HD2  sing N N 371 
TYR CE1 CZ   doub Y N 372 
TYR CE1 HE1  sing N N 373 
TYR CE2 CZ   sing Y N 374 
TYR CE2 HE2  sing N N 375 
TYR CZ  OH   sing N N 376 
TYR OH  HH   sing N N 377 
TYR OXT HXT  sing N N 378 
VAL N   CA   sing N N 379 
VAL N   H    sing N N 380 
VAL N   H2   sing N N 381 
VAL CA  C    sing N N 382 
VAL CA  CB   sing N N 383 
VAL CA  HA   sing N N 384 
VAL C   O    doub N N 385 
VAL C   OXT  sing N N 386 
VAL CB  CG1  sing N N 387 
VAL CB  CG2  sing N N 388 
VAL CB  HB   sing N N 389 
VAL CG1 HG11 sing N N 390 
VAL CG1 HG12 sing N N 391 
VAL CG1 HG13 sing N N 392 
VAL CG2 HG21 sing N N 393 
VAL CG2 HG22 sing N N 394 
VAL CG2 HG23 sing N N 395 
VAL OXT HXT  sing N N 396 
# 
_atom_sites.entry_id                    5BZL 
_atom_sites.fract_transf_matrix[1][1]   -0.00289473 
_atom_sites.fract_transf_matrix[1][2]   0.03466772 
_atom_sites.fract_transf_matrix[1][3]   -0.01089212 
_atom_sites.fract_transf_matrix[2][1]   0.01207410 
_atom_sites.fract_transf_matrix[2][2]   0.00047259 
_atom_sites.fract_transf_matrix[2][3]   -0.00170470 
_atom_sites.fract_transf_matrix[3][1]   -0.00507048 
_atom_sites.fract_transf_matrix[3][2]   0.00622201 
_atom_sites.fract_transf_matrix[3][3]   -0.03418846 
_atom_sites.fract_transf_vector[1]      0.087091 
_atom_sites.fract_transf_vector[2]      -0.006387 
_atom_sites.fract_transf_vector[3]      0.073369 
# 
loop_
_atom_type.symbol 
C 
N 
O 
S 
# 
loop_
_atom_site.group_PDB 
_atom_site.id 
_atom_site.type_symbol 
_atom_site.label_atom_id 
_atom_site.label_alt_id 
_atom_site.label_comp_id 
_atom_site.label_asym_id 
_atom_site.label_entity_id 
_atom_site.label_seq_id 
_atom_site.pdbx_PDB_ins_code 
_atom_site.Cartn_x 
_atom_site.Cartn_y 
_atom_site.Cartn_z 
_atom_site.occupancy 
_atom_site.B_iso_or_equiv 
_atom_site.pdbx_formal_charge 
_atom_site.auth_seq_id 
_atom_site.auth_comp_id 
_atom_site.auth_asym_id 
_atom_site.auth_atom_id 
_atom_site.pdbx_PDB_model_num 
ATOM   1    N N   . ASN A 1 2   ? 14.087  17.176  -1.485  1.00 23.82 ? 24  ASN A N   1 
ATOM   2    C CA  . ASN A 1 2   ? 14.121  15.742  -1.879  1.00 22.57 ? 24  ASN A CA  1 
ATOM   3    C C   . ASN A 1 2   ? 13.474  14.891  -0.791  1.00 21.07 ? 24  ASN A C   1 
ATOM   4    O O   . ASN A 1 2   ? 14.160  14.300  0.059   1.00 19.81 ? 24  ASN A O   1 
ATOM   5    C CB  . ASN A 1 2   ? 15.556  15.284  -2.159  1.00 23.44 ? 24  ASN A CB  1 
ATOM   6    C CG  . ASN A 1 2   ? 15.614  14.081  -3.085  1.00 25.27 ? 24  ASN A CG  1 
ATOM   7    O OD1 . ASN A 1 2   ? 14.602  13.410  -3.324  1.00 29.33 ? 24  ASN A OD1 1 
ATOM   8    N ND2 . ASN A 1 2   ? 16.792  13.807  -3.621  1.00 25.90 ? 24  ASN A ND2 1 
ATOM   9    N N   . GLN A 1 3   ? 12.139  14.863  -0.823  1.00 19.55 ? 25  GLN A N   1 
ATOM   10   C CA  . GLN A 1 3   ? 11.333  14.315  0.262   1.00 18.55 ? 25  GLN A CA  1 
ATOM   11   C C   . GLN A 1 3   ? 10.144  13.552  -0.310  1.00 17.16 ? 25  GLN A C   1 
ATOM   12   O O   . GLN A 1 3   ? 9.546   13.974  -1.305  1.00 17.68 ? 25  GLN A O   1 
ATOM   13   C CB  . GLN A 1 3   ? 10.828  15.446  1.161   1.00 19.32 ? 25  GLN A CB  1 
ATOM   14   C CG  . GLN A 1 3   ? 10.787  15.138  2.653   1.00 22.60 ? 25  GLN A CG  1 
ATOM   15   C CD  . GLN A 1 3   ? 9.589   14.309  3.070   1.00 26.99 ? 25  GLN A CD  1 
ATOM   16   O OE1 . GLN A 1 3   ? 8.435   14.644  2.762   1.00 30.14 ? 25  GLN A OE1 1 
ATOM   17   N NE2 . GLN A 1 3   ? 9.854   13.222  3.796   1.00 24.22 ? 25  GLN A NE2 1 
ATOM   18   N N   . ILE A 1 4   ? 9.839   12.415  0.310   1.00 14.76 ? 26  ILE A N   1 
ATOM   19   C CA  . ILE A 1 4   ? 8.679   11.585  -0.061  1.00 13.22 ? 26  ILE A CA  1 
ATOM   20   C C   . ILE A 1 4   ? 7.925   11.228  1.216   1.00 12.39 ? 26  ILE A C   1 
ATOM   21   O O   . ILE A 1 4   ? 8.545   10.733  2.164   1.00 12.64 ? 26  ILE A O   1 
ATOM   22   C CB  . ILE A 1 4   ? 9.138   10.289  -0.772  1.00 12.98 ? 26  ILE A CB  1 
ATOM   23   C CG1 . ILE A 1 4   ? 9.822   10.606  -2.115  1.00 14.11 ? 26  ILE A CG1 1 
ATOM   24   C CG2 . ILE A 1 4   ? 7.958   9.320   -0.986  1.00 13.77 ? 26  ILE A CG2 1 
ATOM   25   C CD1 . ILE A 1 4   ? 10.423  9.402   -2.802  1.00 17.98 ? 26  ILE A CD1 1 
ATOM   26   N N   . ASP A 1 5   ? 6.622   11.508  1.254   1.00 11.78 ? 27  ASP A N   1 
ATOM   27   C CA  . ASP A 1 5   ? 5.723   11.026  2.316   1.00 11.33 ? 27  ASP A CA  1 
ATOM   28   C C   . ASP A 1 5   ? 5.073   9.728   1.826   1.00 8.84  ? 27  ASP A C   1 
ATOM   29   O O   . ASP A 1 5   ? 4.567   9.653   0.692   1.00 9.86  ? 27  ASP A O   1 
ATOM   30   C CB  . ASP A 1 5   ? 4.564   12.003  2.585   1.00 13.25 ? 27  ASP A CB  1 
ATOM   31   C CG  . ASP A 1 5   ? 4.914   13.179  3.500   1.00 18.03 ? 27  ASP A CG  1 
ATOM   32   O OD1 . ASP A 1 5   ? 5.949   13.184  4.192   1.00 21.28 ? 27  ASP A OD1 1 
ATOM   33   O OD2 . ASP A 1 5   ? 4.079   14.115  3.533   1.00 24.22 ? 27  ASP A OD2 1 
ATOM   34   N N   . LEU A 1 6   ? 5.038   8.735   2.698   1.00 7.90  ? 28  LEU A N   1 
ATOM   35   C CA  . LEU A 1 6   ? 4.335   7.457   2.459   1.00 7.04  ? 28  LEU A CA  1 
ATOM   36   C C   . LEU A 1 6   ? 3.264   7.316   3.528   1.00 7.05  ? 28  LEU A C   1 
ATOM   37   O O   . LEU A 1 6   ? 3.570   7.080   4.712   1.00 8.16  ? 28  LEU A O   1 
ATOM   38   C CB  . LEU A 1 6   ? 5.312   6.285   2.525   1.00 7.98  ? 28  LEU A CB  1 
ATOM   39   C CG  . LEU A 1 6   ? 6.483   6.335   1.541   1.00 8.05  ? 28  LEU A CG  1 
ATOM   40   C CD1 . LEU A 1 6   ? 7.431   5.197   1.823   1.00 11.80 ? 28  LEU A CD1 1 
ATOM   41   C CD2 . LEU A 1 6   ? 6.004   6.256   0.082   1.00 9.98  ? 28  LEU A CD2 1 
ATOM   42   N N   . ASN A 1 7   ? 2.014   7.474   3.140   1.00 5.80  ? 29  ASN A N   1 
ATOM   43   C CA  . ASN A 1 7   ? 0.899   7.389   4.075   1.00 6.26  ? 29  ASN A CA  1 
ATOM   44   C C   . ASN A 1 7   ? 0.449   5.950   4.134   1.00 5.75  ? 29  ASN A C   1 
ATOM   45   O O   . ASN A 1 7   ? 0.072   5.380   3.085   1.00 6.81  ? 29  ASN A O   1 
ATOM   46   C CB  . ASN A 1 7   ? -0.265  8.248   3.592   1.00 7.15  ? 29  ASN A CB  1 
ATOM   47   C CG  . ASN A 1 7   ? 0.085   9.705   3.466   1.00 9.43  ? 29  ASN A CG  1 
ATOM   48   O OD1 . ASN A 1 7   ? 0.974   10.218  4.135   1.00 10.12 ? 29  ASN A OD1 1 
ATOM   49   N ND2 . ASN A 1 7   ? -0.658  10.397  2.609   1.00 12.10 ? 29  ASN A ND2 1 
ATOM   50   N N   . VAL A 1 8   ? 0.478   5.341   5.309   1.00 5.69  ? 30  VAL A N   1 
ATOM   51   C CA  . VAL A 1 8   ? 0.247   3.899   5.455   1.00 6.47  ? 30  VAL A CA  1 
ATOM   52   C C   . VAL A 1 8   ? -0.973  3.614   6.336   1.00 6.42  ? 30  VAL A C   1 
ATOM   53   O O   . VAL A 1 8   ? -1.308  4.411   7.235   1.00 7.05  ? 30  VAL A O   1 
ATOM   54   C CB  . VAL A 1 8   ? 1.486   3.178   6.020   1.00 6.48  ? 30  VAL A CB  1 
ATOM   55   C CG1 . VAL A 1 8   ? 2.692   3.425   5.140   1.00 9.57  ? 30  VAL A CG1 1 
ATOM   56   C CG2 . VAL A 1 8   ? 1.807   3.622   7.433   1.00 8.68  ? 30  VAL A CG2 1 
ATOM   57   N N   . THR A 1 9   ? -1.629  2.477   6.120   1.00 6.54  ? 31  THR A N   1 
ATOM   58   C CA  . THR A 1 9   ? -2.778  2.071   6.912   1.00 6.76  ? 31  THR A CA  1 
ATOM   59   C C   . THR A 1 9   ? -2.419  1.012   7.951   1.00 6.52  ? 31  THR A C   1 
ATOM   60   O O   . THR A 1 9   ? -1.332  0.451   7.949   1.00 7.13  ? 31  THR A O   1 
ATOM   61   C CB  . THR A 1 9   ? -3.897  1.477   6.010   1.00 6.78  ? 31  THR A CB  1 
ATOM   62   O OG1 . THR A 1 9   ? -3.435  0.274   5.374   1.00 5.97  ? 31  THR A OG1 1 
ATOM   63   C CG2 . THR A 1 9   ? -4.327  2.472   4.951   1.00 8.36  ? 31  THR A CG2 1 
ATOM   64   N N   . CYS A 1 10  ? -3.393  0.717   8.802   1.00 6.52  ? 32  CYS A N   1 
ATOM   65   C CA  . CYS A 1 10  ? -3.463  -0.537  9.538   1.00 6.38  ? 32  CYS A CA  1 
ATOM   66   C C   . CYS A 1 10  ? -3.195  -1.715  8.600   1.00 5.57  ? 32  CYS A C   1 
ATOM   67   O O   . CYS A 1 10  ? -3.495  -1.650  7.376   1.00 6.35  ? 32  CYS A O   1 
ATOM   68   C CB  . CYS A 1 10  ? -4.883  -0.720  10.089  1.00 6.60  ? 32  CYS A CB  1 
ATOM   69   S SG  . CYS A 1 10  ? -5.484  0.486   11.233  1.00 11.45 ? 32  CYS A SG  1 
ATOM   70   N N   . ARG A 1 11  ? -2.693  -2.802  9.165   1.00 5.79  ? 33  ARG A N   1 
ATOM   71   C CA  . ARG A 1 11  ? -2.543  -4.079  8.428   1.00 5.87  ? 33  ARG A CA  1 
ATOM   72   C C   . ARG A 1 11  ? -3.711  -4.995  8.776   1.00 6.59  ? 33  ARG A C   1 
ATOM   73   O O   . ARG A 1 11  ? -4.151  -5.062  9.950   1.00 7.66  ? 33  ARG A O   1 
ATOM   74   C CB  . ARG A 1 11  ? -1.235  -4.781  8.779   1.00 6.83  ? 33  ARG A CB  1 
ATOM   75   C CG  . ARG A 1 11  ? -0.022  -4.293  8.004   1.00 6.88  ? 33  ARG A CG  1 
ATOM   76   C CD  . ARG A 1 11  ? 0.418   -2.865  8.373   1.00 6.27  ? 33  ARG A CD  1 
ATOM   77   N NE  . ARG A 1 11  ? 0.817   -2.842  9.792   1.00 7.12  ? 33  ARG A NE  1 
ATOM   78   C CZ  . ARG A 1 11  ? 0.597   -1.856  10.672  1.00 6.86  ? 33  ARG A CZ  1 
ATOM   79   N NH1 . ARG A 1 11  ? 1.032   -2.033  11.917  1.00 9.07  ? 33  ARG A NH1 1 
ATOM   80   N NH2 . ARG A 1 11  ? -0.017  -0.733  10.348  1.00 7.21  ? 33  ARG A NH2 1 
ATOM   81   N N   . TYR A 1 12  ? -4.213  -5.736  7.804   1.00 5.77  ? 34  TYR A N   1 
ATOM   82   C CA  . TYR A 1 12  ? -5.274  -6.718  7.979   1.00 6.09  ? 34  TYR A CA  1 
ATOM   83   C C   . TYR A 1 12  ? -4.790  -7.997  7.370   1.00 5.46  ? 34  TYR A C   1 
ATOM   84   O O   . TYR A 1 12  ? -4.578  -8.062  6.147   1.00 5.26  ? 34  TYR A O   1 
ATOM   85   C CB  . TYR A 1 12  ? -6.532  -6.248  7.254   1.00 6.90  ? 34  TYR A CB  1 
ATOM   86   C CG  . TYR A 1 12  ? -7.203  -5.123  7.978   1.00 8.92  ? 34  TYR A CG  1 
ATOM   87   C CD1 . TYR A 1 12  ? -8.174  -5.401  8.923   1.00 11.69 ? 34  TYR A CD1 1 
ATOM   88   C CD2 . TYR A 1 12  ? -6.855  -3.796  7.760   1.00 11.07 ? 34  TYR A CD2 1 
ATOM   89   C CE1 . TYR A 1 12  ? -8.807  -4.409  9.617   1.00 15.33 ? 34  TYR A CE1 1 
ATOM   90   C CE2 . TYR A 1 12  ? -7.504  -2.756  8.482   1.00 12.85 ? 34  TYR A CE2 1 
ATOM   91   C CZ  . TYR A 1 12  ? -8.467  -3.103  9.390   1.00 12.14 ? 34  TYR A CZ  1 
ATOM   92   O OH  . TYR A 1 12  ? -9.122  -2.115  10.109  1.00 18.50 ? 34  TYR A OH  1 
ATOM   93   N N   . ALA A 1 13  ? -4.552  -9.026  8.180   1.00 5.75  ? 35  ALA A N   1 
ATOM   94   C CA  . ALA A 1 13  ? -3.928  -10.251 7.676   1.00 5.33  ? 35  ALA A CA  1 
ATOM   95   C C   . ALA A 1 13  ? -2.678  -9.935  6.845   1.00 5.24  ? 35  ALA A C   1 
ATOM   96   O O   . ALA A 1 13  ? -2.434  -10.555 5.795   1.00 5.70  ? 35  ALA A O   1 
ATOM   97   C CB  . ALA A 1 13  ? -4.938  -11.104 6.890   1.00 6.98  ? 35  ALA A CB  1 
ATOM   98   N N   . GLY A 1 14  ? -1.906  -8.962  7.310   1.00 5.35  ? 36  GLY A N   1 
ATOM   99   C CA  . GLY A 1 14  ? -0.670  -8.597  6.663   1.00 5.72  ? 36  GLY A CA  1 
ATOM   100  C C   . GLY A 1 14  ? -0.772  -7.620  5.509   1.00 4.66  ? 36  GLY A C   1 
ATOM   101  O O   . GLY A 1 14  ? 0.274   -7.149  5.048   1.00 5.73  ? 36  GLY A O   1 
ATOM   102  N N   . VAL A 1 15  ? -1.984  -7.294  5.061   1.00 4.83  ? 37  VAL A N   1 
ATOM   103  C CA  . VAL A 1 15  ? -2.158  -6.423  3.908   1.00 4.90  ? 37  VAL A CA  1 
ATOM   104  C C   . VAL A 1 15  ? -2.385  -4.986  4.369   1.00 4.96  ? 37  VAL A C   1 
ATOM   105  O O   . VAL A 1 15  ? -3.148  -4.738  5.305   1.00 5.08  ? 37  VAL A O   1 
ATOM   106  C CB  . VAL A 1 15  ? -3.347  -6.909  3.031   1.00 5.59  ? 37  VAL A CB  1 
ATOM   107  C CG1 . VAL A 1 15  ? -3.569  -5.973  1.817   1.00 5.78  ? 37  VAL A CG1 1 
ATOM   108  C CG2 . VAL A 1 15  ? -3.090  -8.337  2.540   1.00 6.49  ? 37  VAL A CG2 1 
ATOM   109  N N   . PHE A 1 16  ? -1.734  -4.046  3.699   1.00 4.72  ? 38  PHE A N   1 
ATOM   110  C CA  . PHE A 1 16  ? -1.905  -2.633  3.991   1.00 4.57  ? 38  PHE A CA  1 
ATOM   111  C C   . PHE A 1 16  ? -1.856  -1.844  2.710   1.00 5.44  ? 38  PHE A C   1 
ATOM   112  O O   . PHE A 1 16  ? -1.425  -2.359  1.656   1.00 6.05  ? 38  PHE A O   1 
ATOM   113  C CB  . PHE A 1 16  ? -0.895  -2.125  5.041   1.00 5.62  ? 38  PHE A CB  1 
ATOM   114  C CG  . PHE A 1 16  ? 0.565   -2.270  4.673   1.00 6.13  ? 38  PHE A CG  1 
ATOM   115  C CD1 . PHE A 1 16  ? 1.325   -1.140  4.332   1.00 7.97  ? 38  PHE A CD1 1 
ATOM   116  C CD2 . PHE A 1 16  ? 1.204   -3.510  4.696   1.00 6.24  ? 38  PHE A CD2 1 
ATOM   117  C CE1 . PHE A 1 16  ? 2.676   -1.251  4.040   1.00 8.73  ? 38  PHE A CE1 1 
ATOM   118  C CE2 . PHE A 1 16  ? 2.565   -3.612  4.397   1.00 6.55  ? 38  PHE A CE2 1 
ATOM   119  C CZ  . PHE A 1 16  ? 3.295   -2.460  4.064   1.00 8.95  ? 38  PHE A CZ  1 
ATOM   120  N N   . HIS A 1 17  ? -2.285  -0.590  2.795   1.00 4.90  ? 39  HIS A N   1 
ATOM   121  C CA  . HIS A 1 17  ? -2.323  0.380   1.686   1.00 4.93  ? 39  HIS A CA  1 
ATOM   122  C C   . HIS A 1 17  ? -1.277  1.465   1.919   1.00 4.35  ? 39  HIS A C   1 
ATOM   123  O O   . HIS A 1 17  ? -1.054  1.902   3.076   1.00 5.19  ? 39  HIS A O   1 
ATOM   124  C CB  . HIS A 1 17  ? -3.738  0.962   1.614   1.00 5.75  ? 39  HIS A CB  1 
ATOM   125  C CG  . HIS A 1 17  ? -3.885  2.173   0.748   1.00 6.24  ? 39  HIS A CG  1 
ATOM   126  N ND1 . HIS A 1 17  ? -3.792  3.452   1.245   1.00 10.62 ? 39  HIS A ND1 1 
ATOM   127  C CD2 . HIS A 1 17  ? -4.144  2.307   -0.574  1.00 8.16  ? 39  HIS A CD2 1 
ATOM   128  C CE1 . HIS A 1 17  ? -3.994  4.323   0.272   1.00 8.53  ? 39  HIS A CE1 1 
ATOM   129  N NE2 . HIS A 1 17  ? -4.220  3.652   -0.842  1.00 6.43  ? 39  HIS A NE2 1 
ATOM   130  N N   . VAL A 1 18  ? -0.634  1.900   0.838   1.00 4.56  ? 40  VAL A N   1 
ATOM   131  C CA  . VAL A 1 18  ? 0.342   2.977   0.874   1.00 5.82  ? 40  VAL A CA  1 
ATOM   132  C C   . VAL A 1 18  ? 0.017   3.961   -0.240  1.00 5.73  ? 40  VAL A C   1 
ATOM   133  O O   . VAL A 1 18  ? -0.178  3.574   -1.413  1.00 6.15  ? 40  VAL A O   1 
ATOM   134  C CB  . VAL A 1 18  ? 1.772   2.454   0.633   1.00 6.50  ? 40  VAL A CB  1 
ATOM   135  C CG1 . VAL A 1 18  ? 2.793   3.582   0.799   1.00 8.52  ? 40  VAL A CG1 1 
ATOM   136  C CG2 . VAL A 1 18  ? 2.123   1.298   1.551   1.00 8.50  ? 40  VAL A CG2 1 
ATOM   137  N N   . GLU A 1 19  ? -0.053  5.236   0.112   1.00 6.45  ? 41  GLU A N   1 
ATOM   138  C CA  . GLU A 1 19  ? -0.106  6.306   -0.891  1.00 7.51  ? 41  GLU A CA  1 
ATOM   139  C C   . GLU A 1 19  ? 1.134   7.166   -0.801  1.00 7.33  ? 41  GLU A C   1 
ATOM   140  O O   . GLU A 1 19  ? 1.616   7.471   0.299   1.00 8.45  ? 41  GLU A O   1 
ATOM   141  C CB  . GLU A 1 19  ? -1.359  7.157   -0.756  1.00 10.35 ? 41  GLU A CB  1 
ATOM   142  C CG  . GLU A 1 19  ? -1.527  7.909   0.477   1.00 15.14 ? 41  GLU A CG  1 
ATOM   143  C CD  . GLU A 1 19  ? -2.887  8.574   0.548   1.00 18.05 ? 41  GLU A CD  1 
ATOM   144  O OE1 . GLU A 1 19  ? -3.777  8.281   -0.286  1.00 21.57 ? 41  GLU A OE1 1 
ATOM   145  O OE2 . GLU A 1 19  ? -3.060  9.375   1.458   1.00 18.23 ? 41  GLU A OE2 1 
ATOM   146  N N   . LYS A 1 20  ? 1.654   7.536   -1.955  1.00 7.26  ? 42  LYS A N   1 
ATOM   147  C CA  . LYS A 1 20  ? 2.854   8.351   -2.031  1.00 8.74  ? 42  LYS A CA  1 
ATOM   148  C C   . LYS A 1 20  ? 2.416   9.800   -2.180  1.00 9.13  ? 42  LYS A C   1 
ATOM   149  O O   . LYS A 1 20  ? 1.745   10.174  -3.162  1.00 10.03 ? 42  LYS A O   1 
ATOM   150  C CB  . LYS A 1 20  ? 3.683   7.921   -3.229  1.00 9.62  ? 42  LYS A CB  1 
ATOM   151  C CG  . LYS A 1 20  ? 4.953   8.730   -3.392  1.00 11.75 ? 42  LYS A CG  1 
ATOM   152  C CD  . LYS A 1 20  ? 5.707   8.283   -4.635  1.00 14.50 ? 42  LYS A CD  1 
ATOM   153  C CE  . LYS A 1 20  ? 6.989   9.082   -4.849  1.00 17.59 ? 42  LYS A CE  1 
ATOM   154  N NZ  . LYS A 1 20  ? 7.563   8.739   -6.170  1.00 19.51 ? 42  LYS A NZ  1 
ATOM   155  N N   . ASN A 1 21  ? 2.788   10.632  -1.208  1.00 10.28 ? 43  ASN A N   1 
ATOM   156  C CA  . ASN A 1 21  ? 2.465   12.060  -1.190  1.00 12.65 ? 43  ASN A CA  1 
ATOM   157  C C   . ASN A 1 21  ? 0.969   12.357  -1.249  1.00 13.52 ? 43  ASN A C   1 
ATOM   158  O O   . ASN A 1 21  ? 0.569   13.445  -1.674  1.00 15.56 ? 43  ASN A O   1 
ATOM   159  C CB  . ASN A 1 21  ? 3.224   12.820  -2.288  1.00 12.96 ? 43  ASN A CB  1 
ATOM   160  C CG  . ASN A 1 21  ? 4.733   12.756  -2.106  1.00 14.53 ? 43  ASN A CG  1 
ATOM   161  O OD1 . ASN A 1 21  ? 5.246   12.835  -0.983  1.00 14.47 ? 43  ASN A OD1 1 
ATOM   162  N ND2 . ASN A 1 21  ? 5.448   12.564  -3.205  1.00 15.48 ? 43  ASN A ND2 1 
ATOM   163  N N   . GLY A 1 22  ? 0.149   11.405  -0.807  1.00 14.57 ? 44  GLY A N   1 
ATOM   164  C CA  . GLY A 1 22  ? -1.291  11.595  -0.716  1.00 15.45 ? 44  GLY A CA  1 
ATOM   165  C C   . GLY A 1 22  ? -2.009  11.849  -2.037  1.00 15.37 ? 44  GLY A C   1 
ATOM   166  O O   . GLY A 1 22  ? -3.101  12.440  -2.039  1.00 17.18 ? 44  GLY A O   1 
ATOM   167  N N   . ARG A 1 23  ? -1.430  11.384  -3.147  1.00 14.38 ? 45  ARG A N   1 
ATOM   168  C CA  . ARG A 1 23  ? -2.047  11.513  -4.459  1.00 14.17 ? 45  ARG A CA  1 
ATOM   169  C C   . ARG A 1 23  ? -1.644  10.291  -5.269  1.00 12.54 ? 45  ARG A C   1 
ATOM   170  O O   . ARG A 1 23  ? -0.552  9.732   -5.046  1.00 11.94 ? 45  ARG A O   1 
ATOM   171  C CB  . ARG A 1 23  ? -1.558  12.787  -5.165  1.00 15.33 ? 45  ARG A CB  1 
ATOM   172  C CG  . ARG A 1 23  ? -0.042  12.867  -5.382  1.00 18.80 ? 45  ARG A CG  1 
ATOM   173  C CD  . ARG A 1 23  ? 0.399   14.274  -5.809  1.00 24.69 ? 45  ARG A CD  1 
ATOM   174  N NE  . ARG A 1 23  ? 1.841   14.356  -6.080  1.00 27.88 ? 45  ARG A NE  1 
ATOM   175  C CZ  . ARG A 1 23  ? 2.716   15.076  -5.374  1.00 30.26 ? 45  ARG A CZ  1 
ATOM   176  N NH1 . ARG A 1 23  ? 2.325   15.808  -4.330  1.00 30.72 ? 45  ARG A NH1 1 
ATOM   177  N NH2 . ARG A 1 23  ? 4.002   15.077  -5.718  1.00 32.16 ? 45  ARG A NH2 1 
ATOM   178  N N   . TYR A 1 24  ? -2.492  9.906   -6.226  1.00 11.34 ? 46  TYR A N   1 
ATOM   179  C CA  . TYR A 1 24  ? -2.205  8.737   -7.073  1.00 11.28 ? 46  TYR A CA  1 
ATOM   180  C C   . TYR A 1 24  ? -0.934  8.990   -7.856  1.00 10.86 ? 46  TYR A C   1 
ATOM   181  O O   . TYR A 1 24  ? -0.902  9.879   -8.731  1.00 13.94 ? 46  TYR A O   1 
ATOM   182  C CB  . TYR A 1 24  ? -3.353  8.505   -8.051  1.00 10.85 ? 46  TYR A CB  1 
ATOM   183  C CG  . TYR A 1 24  ? -4.614  7.895   -7.483  1.00 8.52  ? 46  TYR A CG  1 
ATOM   184  C CD1 . TYR A 1 24  ? -4.577  6.703   -6.744  1.00 8.65  ? 46  TYR A CD1 1 
ATOM   185  C CD2 . TYR A 1 24  ? -5.859  8.474   -7.736  1.00 10.31 ? 46  TYR A CD2 1 
ATOM   186  C CE1 . TYR A 1 24  ? -5.729  6.128   -6.268  1.00 8.48  ? 46  TYR A CE1 1 
ATOM   187  C CE2 . TYR A 1 24  ? -7.035  7.910   -7.249  1.00 9.80  ? 46  TYR A CE2 1 
ATOM   188  C CZ  . TYR A 1 24  ? -6.963  6.724   -6.512  1.00 9.58  ? 46  TYR A CZ  1 
ATOM   189  O OH  . TYR A 1 24  ? -8.115  6.159   -6.035  1.00 9.88  ? 46  TYR A OH  1 
ATOM   190  N N   . SER A 1 25  ? 0.137   8.276   -7.559  1.00 9.35  ? 47  SER A N   1 
ATOM   191  C CA  . SER A 1 25  ? 1.428   8.671   -8.143  1.00 9.65  ? 47  SER A CA  1 
ATOM   192  C C   . SER A 1 25  ? 2.448   7.566   -8.222  1.00 9.10  ? 47  SER A C   1 
ATOM   193  O O   . SER A 1 25  ? 3.634   7.825   -8.449  1.00 9.66  ? 47  SER A O   1 
ATOM   194  C CB  . SER A 1 25  ? 2.028   9.868   -7.404  1.00 11.05 ? 47  SER A CB  1 
ATOM   195  O OG  . SER A 1 25  ? 2.254   9.544   -6.046  1.00 11.67 ? 47  SER A OG  1 
ATOM   196  N N   . ILE A 1 26  ? 2.005   6.324   -8.059  1.00 7.87  ? 48  ILE A N   1 
ATOM   197  C CA  . ILE A 1 26  ? 2.908   5.180   -8.054  1.00 8.51  ? 48  ILE A CA  1 
ATOM   198  C C   . ILE A 1 26  ? 2.687   4.351   -9.336  1.00 8.39  ? 48  ILE A C   1 
ATOM   199  O O   . ILE A 1 26  ? 1.558   3.991   -9.641  1.00 7.72  ? 48  ILE A O   1 
ATOM   200  C CB  . ILE A 1 26  ? 2.692   4.303   -6.763  1.00 7.64  ? 48  ILE A CB  1 
ATOM   201  C CG1 . ILE A 1 26  ? 2.789   5.154   -5.491  1.00 8.78  ? 48  ILE A CG1 1 
ATOM   202  C CG2 . ILE A 1 26  ? 3.656   3.127   -6.730  1.00 10.93 ? 48  ILE A CG2 1 
ATOM   203  C CD1 . ILE A 1 26  ? 2.377   4.412   -4.200  1.00 8.54  ? 48  ILE A CD1 1 
ATOM   204  N N   . SER A 1 27  ? 3.748   4.045   -10.078 1.00 8.01  ? 49  SER A N   1 
ATOM   205  C CA  . SER A 1 27  ? 3.681   3.084   -11.199 1.00 9.23  ? 49  SER A CA  1 
ATOM   206  C C   . SER A 1 27  ? 3.756   1.648   -10.706 1.00 9.31  ? 49  SER A C   1 
ATOM   207  O O   . SER A 1 27  ? 4.123   1.402   -9.562  1.00 8.27  ? 49  SER A O   1 
ATOM   208  C CB  . SER A 1 27  ? 4.823   3.313   -12.181 1.00 10.19 ? 49  SER A CB  1 
ATOM   209  O OG  . SER A 1 27  ? 6.037   2.933   -11.559 1.00 12.91 ? 49  SER A OG  1 
ATOM   210  N N   A ARG A 1 28  ? 3.468   0.717   -11.601 0.50 9.49  ? 50  ARG A N   1 
ATOM   211  N N   B ARG A 1 28  ? 3.441   0.664   -11.551 0.50 9.23  ? 50  ARG A N   1 
ATOM   212  C CA  A ARG A 1 28  ? 3.521   -0.698  -11.286 0.50 10.40 ? 50  ARG A CA  1 
ATOM   213  C CA  B ARG A 1 28  ? 3.531   -0.734  -11.080 0.50 9.90  ? 50  ARG A CA  1 
ATOM   214  C C   A ARG A 1 28  ? 4.913   -1.118  -10.771 0.50 10.96 ? 50  ARG A C   1 
ATOM   215  C C   B ARG A 1 28  ? 4.965   -1.112  -10.682 0.50 10.53 ? 50  ARG A C   1 
ATOM   216  O O   A ARG A 1 28  ? 5.025   -1.840  -9.783  0.50 10.88 ? 50  ARG A O   1 
ATOM   217  O O   B ARG A 1 28  ? 5.161   -1.819  -9.694  0.50 10.23 ? 50  ARG A O   1 
ATOM   218  C CB  A ARG A 1 28  ? 3.094   -1.515  -12.516 0.50 10.97 ? 50  ARG A CB  1 
ATOM   219  C CB  B ARG A 1 28  ? 2.936   -1.781  -12.050 0.50 10.10 ? 50  ARG A CB  1 
ATOM   220  C CG  A ARG A 1 28  ? 3.101   -3.015  -12.305 0.50 12.43 ? 50  ARG A CG  1 
ATOM   221  C CG  B ARG A 1 28  ? 3.122   -3.230  -11.547 0.50 11.41 ? 50  ARG A CG  1 
ATOM   222  C CD  A ARG A 1 28  ? 2.337   -3.424  -11.052 0.50 14.37 ? 50  ARG A CD  1 
ATOM   223  C CD  B ARG A 1 28  ? 2.441   -4.295  -12.406 0.50 10.85 ? 50  ARG A CD  1 
ATOM   224  N NE  A ARG A 1 28  ? 2.405   -4.869  -10.868 0.50 15.65 ? 50  ARG A NE  1 
ATOM   225  N NE  B ARG A 1 28  ? 0.993   -4.353  -12.229 0.50 9.70  ? 50  ARG A NE  1 
ATOM   226  C CZ  A ARG A 1 28  ? 3.506   -5.507  -10.488 0.50 15.86 ? 50  ARG A CZ  1 
ATOM   227  C CZ  B ARG A 1 28  ? 0.387   -4.807  -11.135 0.50 8.93  ? 50  ARG A CZ  1 
ATOM   228  N NH1 A ARG A 1 28  ? 4.613   -4.824  -10.229 0.50 16.34 ? 50  ARG A NH1 1 
ATOM   229  N NH1 B ARG A 1 28  ? 1.102   -5.219  -10.097 0.50 9.66  ? 50  ARG A NH1 1 
ATOM   230  N NH2 A ARG A 1 28  ? 3.503   -6.822  -10.360 0.50 15.32 ? 50  ARG A NH2 1 
ATOM   231  N NH2 B ARG A 1 28  ? -0.924  -4.842  -11.082 0.50 3.78  ? 50  ARG A NH2 1 
ATOM   232  N N   . THR A 1 29  ? 5.967   -0.635  -11.425 1.00 11.15 ? 51  THR A N   1 
ATOM   233  C CA  . THR A 1 29  ? 7.361   -0.956  -11.035 1.00 12.12 ? 51  THR A CA  1 
ATOM   234  C C   . THR A 1 29  ? 7.735   -0.312  -9.713  1.00 11.29 ? 51  THR A C   1 
ATOM   235  O O   . THR A 1 29  ? 8.354   -0.968  -8.873  1.00 12.13 ? 51  THR A O   1 
ATOM   236  C CB  . THR A 1 29  ? 8.387   -0.633  -12.125 1.00 14.01 ? 51  THR A CB  1 
ATOM   237  O OG1 . THR A 1 29  ? 8.252   0.731   -12.514 1.00 14.90 ? 51  THR A OG1 1 
ATOM   238  C CG2 . THR A 1 29  ? 8.214   -1.557  -13.308 1.00 16.63 ? 51  THR A CG2 1 
ATOM   239  N N   . GLU A 1 30  ? 7.331   0.936   -9.506  1.00 10.43 ? 52  GLU A N   1 
ATOM   240  C CA  . GLU A 1 30  ? 7.600   1.602   -8.253  1.00 10.45 ? 52  GLU A CA  1 
ATOM   241  C C   . GLU A 1 30  ? 6.864   0.916   -7.097  1.00 9.38  ? 52  GLU A C   1 
ATOM   242  O O   . GLU A 1 30  ? 7.407   0.831   -5.993  1.00 9.33  ? 52  GLU A O   1 
ATOM   243  C CB  . GLU A 1 30  ? 7.273   3.095   -8.307  1.00 11.25 ? 52  GLU A CB  1 
ATOM   244  C CG  . GLU A 1 30  ? 7.572   3.814   -6.997  1.00 13.19 ? 52  GLU A CG  1 
ATOM   245  C CD  . GLU A 1 30  ? 7.717   5.328   -7.122  1.00 16.50 ? 52  GLU A CD  1 
ATOM   246  O OE1 . GLU A 1 30  ? 7.849   5.859   -8.251  1.00 18.72 ? 52  GLU A OE1 1 
ATOM   247  O OE2 . GLU A 1 30  ? 7.741   6.004   -6.079  1.00 15.99 ? 52  GLU A OE2 1 
ATOM   248  N N   . ALA A 1 31  ? 5.655   0.407   -7.351  1.00 8.75  ? 53  ALA A N   1 
ATOM   249  C CA  . ALA A 1 31  ? 4.881   -0.284  -6.322  1.00 8.06  ? 53  ALA A CA  1 
ATOM   250  C C   . ALA A 1 31  ? 5.607   -1.512  -5.814  1.00 8.22  ? 53  ALA A C   1 
ATOM   251  O O   . ALA A 1 31  ? 5.670   -1.743  -4.608  1.00 8.15  ? 53  ALA A O   1 
ATOM   252  C CB  . ALA A 1 31  ? 3.512   -0.661  -6.864  1.00 8.22  ? 53  ALA A CB  1 
ATOM   253  N N   . ALA A 1 32  ? 6.130   -2.315  -6.738  1.00 8.72  ? 54  ALA A N   1 
ATOM   254  C CA  . ALA A 1 32  ? 6.879   -3.501  -6.339  1.00 9.70  ? 54  ALA A CA  1 
ATOM   255  C C   . ALA A 1 32  ? 8.086   -3.123  -5.475  1.00 9.37  ? 54  ALA A C   1 
ATOM   256  O O   . ALA A 1 32  ? 8.396   -3.775  -4.481  1.00 9.47  ? 54  ALA A O   1 
ATOM   257  C CB  . ALA A 1 32  ? 7.307   -4.307  -7.560  1.00 10.31 ? 54  ALA A CB  1 
ATOM   258  N N   . ASP A 1 33  ? 8.780   -2.064  -5.877  1.00 9.36  ? 55  ASP A N   1 
ATOM   259  C CA  . ASP A 1 33  ? 9.971   -1.626  -5.154  1.00 9.76  ? 55  ASP A CA  1 
ATOM   260  C C   . ASP A 1 33  ? 9.618   -1.073  -3.773  1.00 8.80  ? 55  ASP A C   1 
ATOM   261  O O   . ASP A 1 33  ? 10.339  -1.321  -2.791  1.00 8.80  ? 55  ASP A O   1 
ATOM   262  C CB  . ASP A 1 33  ? 10.715  -0.564  -5.966  1.00 10.85 ? 55  ASP A CB  1 
ATOM   263  C CG  . ASP A 1 33  ? 11.469  -1.142  -7.163  1.00 13.46 ? 55  ASP A CG  1 
ATOM   264  O OD1 . ASP A 1 33  ? 11.608  -2.373  -7.270  1.00 17.30 ? 55  ASP A OD1 1 
ATOM   265  O OD2 . ASP A 1 33  ? 11.920  -0.330  -8.001  1.00 15.91 ? 55  ASP A OD2 1 
ATOM   266  N N   . LEU A 1 34  ? 8.497   -0.358  -3.689  1.00 7.99  ? 56  LEU A N   1 
ATOM   267  C CA  . LEU A 1 34  ? 8.028   0.177   -2.437  1.00 8.50  ? 56  LEU A CA  1 
ATOM   268  C C   . LEU A 1 34  ? 7.663   -0.946  -1.481  1.00 7.92  ? 56  LEU A C   1 
ATOM   269  O O   . LEU A 1 34  ? 8.108   -0.942  -0.321  1.00 8.38  ? 56  LEU A O   1 
ATOM   270  C CB  . LEU A 1 34  ? 6.847   1.096   -2.727  1.00 9.15  ? 56  LEU A CB  1 
ATOM   271  C CG  . LEU A 1 34  ? 6.304   1.888   -1.555  1.00 10.96 ? 56  LEU A CG  1 
ATOM   272  C CD1 . LEU A 1 34  ? 7.426   2.622   -0.807  1.00 15.50 ? 56  LEU A CD1 1 
ATOM   273  C CD2 . LEU A 1 34  ? 5.258   2.857   -2.059  1.00 13.45 ? 56  LEU A CD2 1 
ATOM   274  N N   . CYS A 1 35  ? 6.905   -1.936  -1.941  1.00 7.72  ? 57  CYS A N   1 
ATOM   275  C CA  . CYS A 1 35  ? 6.623   -3.040  -1.041  1.00 8.09  ? 57  CYS A CA  1 
ATOM   276  C C   . CYS A 1 35  ? 7.902   -3.747  -0.594  1.00 8.53  ? 57  CYS A C   1 
ATOM   277  O O   . CYS A 1 35  ? 8.011   -4.093  0.581   1.00 8.05  ? 57  CYS A O   1 
ATOM   278  C CB  . CYS A 1 35  ? 5.635   -4.045  -1.643  1.00 8.99  ? 57  CYS A CB  1 
ATOM   279  S SG  . CYS A 1 35  ? 3.993   -3.375  -2.013  1.00 9.63  ? 57  CYS A SG  1 
ATOM   280  N N   A GLN A 1 36  ? 8.846   -3.972  -1.508  0.50 8.31  ? 58  GLN A N   1 
ATOM   281  N N   B GLN A 1 36  ? 8.834   -3.970  -1.520  0.50 8.28  ? 58  GLN A N   1 
ATOM   282  C CA  A GLN A 1 36  ? 10.123  -4.582  -1.130  0.50 9.30  ? 58  GLN A CA  1 
ATOM   283  C CA  B GLN A 1 36  ? 10.135  -4.556  -1.190  0.50 9.20  ? 58  GLN A CA  1 
ATOM   284  C C   A GLN A 1 36  ? 10.812  -3.811  0.002   0.50 8.88  ? 58  GLN A C   1 
ATOM   285  C C   B GLN A 1 36  ? 10.828  -3.812  -0.040  0.50 8.87  ? 58  GLN A C   1 
ATOM   286  O O   A GLN A 1 36  ? 11.401  -4.416  0.910   0.50 9.48  ? 58  GLN A O   1 
ATOM   287  O O   B GLN A 1 36  ? 11.429  -4.443  0.840   0.50 9.63  ? 58  GLN A O   1 
ATOM   288  C CB  A GLN A 1 36  ? 11.059  -4.738  -2.331  0.50 9.67  ? 58  GLN A CB  1 
ATOM   289  C CB  B GLN A 1 36  ? 11.035  -4.619  -2.429  0.50 9.63  ? 58  GLN A CB  1 
ATOM   290  C CG  A GLN A 1 36  ? 12.304  -5.562  -2.016  0.50 12.71 ? 58  GLN A CG  1 
ATOM   291  C CG  B GLN A 1 36  ? 12.479  -5.010  -2.137  0.50 11.73 ? 58  GLN A CG  1 
ATOM   292  C CD  A GLN A 1 36  ? 13.152  -5.842  -3.242  0.50 16.53 ? 58  GLN A CD  1 
ATOM   293  C CD  B GLN A 1 36  ? 12.632  -6.428  -1.600  0.50 15.15 ? 58  GLN A CD  1 
ATOM   294  O OE1 A GLN A 1 36  ? 14.366  -5.624  -3.232  0.50 19.49 ? 58  GLN A OE1 1 
ATOM   295  O OE1 B GLN A 1 36  ? 13.670  -6.774  -1.037  0.50 18.04 ? 58  GLN A OE1 1 
ATOM   296  N NE2 A GLN A 1 36  ? 12.517  -6.318  -4.306  0.50 18.03 ? 58  GLN A NE2 1 
ATOM   297  N NE2 B GLN A 1 36  ? 11.610  -7.254  -1.781  0.50 15.42 ? 58  GLN A NE2 1 
ATOM   298  N N   . ALA A 1 37  ? 10.706  -2.489  -0.021  1.00 8.58  ? 59  ALA A N   1 
ATOM   299  C CA  . ALA A 1 37  ? 11.320  -1.680  1.032   1.00 8.54  ? 59  ALA A CA  1 
ATOM   300  C C   . ALA A 1 37  ? 10.696  -1.893  2.411   1.00 9.05  ? 59  ALA A C   1 
ATOM   301  O O   . ALA A 1 37  ? 11.353  -1.690  3.441   1.00 9.14  ? 59  ALA A O   1 
ATOM   302  C CB  . ALA A 1 37  ? 11.306  -0.204  0.646   1.00 9.74  ? 59  ALA A CB  1 
ATOM   303  N N   . PHE A 1 38  ? 9.415   -2.311  2.433   1.00 9.19  ? 60  PHE A N   1 
ATOM   304  C CA  . PHE A 1 38  ? 8.708   -2.713  3.649   1.00 9.86  ? 60  PHE A CA  1 
ATOM   305  C C   . PHE A 1 38  ? 8.861   -4.217  3.916   1.00 9.66  ? 60  PHE A C   1 
ATOM   306  O O   . PHE A 1 38  ? 8.083   -4.783  4.700   1.00 10.69 ? 60  PHE A O   1 
ATOM   307  C CB  . PHE A 1 38  ? 7.204   -2.394  3.544   1.00 9.99  ? 60  PHE A CB  1 
ATOM   308  C CG  . PHE A 1 38  ? 6.860   -0.938  3.685   1.00 9.19  ? 60  PHE A CG  1 
ATOM   309  C CD1 . PHE A 1 38  ? 6.848   -0.333  4.938   1.00 10.69 ? 60  PHE A CD1 1 
ATOM   310  C CD2 . PHE A 1 38  ? 6.466   -0.183  2.575   1.00 9.98  ? 60  PHE A CD2 1 
ATOM   311  C CE1 . PHE A 1 38  ? 6.485   1.021   5.072   1.00 11.25 ? 60  PHE A CE1 1 
ATOM   312  C CE2 . PHE A 1 38  ? 6.112   1.150   2.712   1.00 9.06  ? 60  PHE A CE2 1 
ATOM   313  C CZ  . PHE A 1 38  ? 6.128   1.756   3.956   1.00 10.23 ? 60  PHE A CZ  1 
ATOM   314  N N   . ASN A 1 39  ? 9.821   -4.886  3.271   1.00 9.97  ? 61  ASN A N   1 
ATOM   315  C CA  . ASN A 1 39  ? 9.940   -6.341  3.422   1.00 10.97 ? 61  ASN A CA  1 
ATOM   316  C C   . ASN A 1 39  ? 8.631   -7.061  3.112   1.00 10.35 ? 61  ASN A C   1 
ATOM   317  O O   . ASN A 1 39  ? 8.271   -8.045  3.764   1.00 11.38 ? 61  ASN A O   1 
ATOM   318  C CB  . ASN A 1 39  ? 10.494  -6.728  4.817   1.00 12.17 ? 61  ASN A CB  1 
ATOM   319  C CG  . ASN A 1 39  ? 12.022  -6.616  4.897   1.00 16.27 ? 61  ASN A CG  1 
ATOM   320  O OD1 . ASN A 1 39  ? 12.724  -6.768  3.894   1.00 20.03 ? 61  ASN A OD1 1 
ATOM   321  N ND2 . ASN A 1 39  ? 12.533  -6.342  6.088   1.00 20.96 ? 61  ASN A ND2 1 
ATOM   322  N N   . SER A 1 40  ? 7.951   -6.577  2.074   1.00 8.98  ? 62  SER A N   1 
ATOM   323  C CA  . SER A 1 40  ? 6.614   -7.002  1.707   1.00 8.46  ? 62  SER A CA  1 
ATOM   324  C C   . SER A 1 40  ? 6.564   -7.266  0.208   1.00 8.51  ? 62  SER A C   1 
ATOM   325  O O   . SER A 1 40  ? 7.514   -6.986  -0.529  1.00 9.05  ? 62  SER A O   1 
ATOM   326  C CB  . SER A 1 40  ? 5.640   -5.909  2.125   1.00 8.07  ? 62  SER A CB  1 
ATOM   327  O OG  . SER A 1 40  ? 5.571   -5.770  3.540   1.00 8.77  ? 62  SER A OG  1 
ATOM   328  N N   . THR A 1 41  ? 5.461   -7.812  -0.252  1.00 8.12  ? 63  THR A N   1 
ATOM   329  C CA  . THR A 1 41  ? 5.265   -8.083  -1.665  1.00 8.50  ? 63  THR A CA  1 
ATOM   330  C C   . THR A 1 41  ? 3.907   -7.510  -2.073  1.00 7.58  ? 63  THR A C   1 
ATOM   331  O O   . THR A 1 41  ? 3.068   -7.201  -1.210  1.00 8.39  ? 63  THR A O   1 
ATOM   332  C CB  . THR A 1 41  ? 5.238   -9.614  -1.912  1.00 9.20  ? 63  THR A CB  1 
ATOM   333  O OG1 . THR A 1 41  ? 4.329   -10.259 -1.007  1.00 11.55 ? 63  THR A OG1 1 
ATOM   334  C CG2 . THR A 1 41  ? 6.625   -10.239 -1.754  1.00 12.66 ? 63  THR A CG2 1 
ATOM   335  N N   A LEU A 1 42  ? 3.662   -7.367  -3.372  0.50 7.21  ? 64  LEU A N   1 
ATOM   336  N N   B LEU A 1 42  ? 3.652   -7.382  -3.370  0.50 6.87  ? 64  LEU A N   1 
ATOM   337  C CA  A LEU A 1 42  ? 2.303   -7.073  -3.810  0.50 7.57  ? 64  LEU A CA  1 
ATOM   338  C CA  B LEU A 1 42  ? 2.299   -7.048  -3.810  0.50 6.95  ? 64  LEU A CA  1 
ATOM   339  C C   A LEU A 1 42  ? 1.411   -8.236  -3.388  0.50 7.10  ? 64  LEU A C   1 
ATOM   340  C C   B LEU A 1 42  ? 1.357   -8.210  -3.506  0.50 6.79  ? 64  LEU A C   1 
ATOM   341  O O   A LEU A 1 42  ? 1.802   -9.396  -3.548  0.50 7.14  ? 64  LEU A O   1 
ATOM   342  O O   B LEU A 1 42  ? 1.648   -9.342  -3.891  0.50 6.61  ? 64  LEU A O   1 
ATOM   343  C CB  A LEU A 1 42  ? 2.239   -6.907  -5.322  0.50 8.16  ? 64  LEU A CB  1 
ATOM   344  C CB  B LEU A 1 42  ? 2.281   -6.787  -5.304  0.50 7.01  ? 64  LEU A CB  1 
ATOM   345  C CG  A LEU A 1 42  ? 2.709   -5.558  -5.842  0.50 8.73  ? 64  LEU A CG  1 
ATOM   346  C CG  B LEU A 1 42  ? 3.075   -5.573  -5.745  0.50 6.53  ? 64  LEU A CG  1 
ATOM   347  C CD1 A LEU A 1 42  ? 1.766   -4.450  -5.441  0.50 9.08  ? 64  LEU A CD1 1 
ATOM   348  C CD1 B LEU A 1 42  ? 3.078   -5.550  -7.252  0.50 8.28  ? 64  LEU A CD1 1 
ATOM   349  C CD2 A LEU A 1 42  ? 4.081   -5.272  -5.338  0.50 11.38 ? 64  LEU A CD2 1 
ATOM   350  C CD2 B LEU A 1 42  ? 2.440   -4.320  -5.215  0.50 7.92  ? 64  LEU A CD2 1 
ATOM   351  N N   . PRO A 1 43  ? 0.213   -7.953  -2.850  1.00 7.23  ? 65  PRO A N   1 
ATOM   352  C CA  . PRO A 1 43  ? -0.655  -9.052  -2.432  1.00 6.73  ? 65  PRO A CA  1 
ATOM   353  C C   . PRO A 1 43  ? -1.202  -9.828  -3.624  1.00 6.64  ? 65  PRO A C   1 
ATOM   354  O O   . PRO A 1 43  ? -1.430  -9.257  -4.694  1.00 7.59  ? 65  PRO A O   1 
ATOM   355  C CB  . PRO A 1 43  ? -1.802  -8.338  -1.707  1.00 6.97  ? 65  PRO A CB  1 
ATOM   356  C CG  . PRO A 1 43  ? -1.270  -6.993  -1.351  1.00 7.10  ? 65  PRO A CG  1 
ATOM   357  C CD  . PRO A 1 43  ? -0.306  -6.635  -2.423  1.00 6.54  ? 65  PRO A CD  1 
ATOM   358  N N   . THR A 1 44  ? -1.450  -11.117 -3.432  1.00 6.42  ? 66  THR A N   1 
ATOM   359  C CA  . THR A 1 44  ? -2.272  -11.846 -4.381  1.00 7.39  ? 66  THR A CA  1 
ATOM   360  C C   . THR A 1 44  ? -3.742  -11.491 -4.125  1.00 7.01  ? 66  THR A C   1 
ATOM   361  O O   . THR A 1 44  ? -4.104  -10.957 -3.055  1.00 6.59  ? 66  THR A O   1 
ATOM   362  C CB  . THR A 1 44  ? -2.109  -13.364 -4.232  1.00 7.52  ? 66  THR A CB  1 
ATOM   363  O OG1 . THR A 1 44  ? -2.610  -13.757 -2.952  1.00 8.17  ? 66  THR A OG1 1 
ATOM   364  C CG2 . THR A 1 44  ? -0.638  -13.794 -4.384  1.00 10.26 ? 66  THR A CG2 1 
ATOM   365  N N   . MET A 1 45  ? -4.595  -11.842 -5.086  1.00 7.05  ? 67  MET A N   1 
ATOM   366  C CA  . MET A 1 45  ? -6.016  -11.670 -4.914  1.00 7.18  ? 67  MET A CA  1 
ATOM   367  C C   . MET A 1 45  ? -6.534  -12.439 -3.683  1.00 7.28  ? 67  MET A C   1 
ATOM   368  O O   . MET A 1 45  ? -7.339  -11.912 -2.923  1.00 7.44  ? 67  MET A O   1 
ATOM   369  C CB  . MET A 1 45  ? -6.768  -12.081 -6.180  1.00 8.12  ? 67  MET A CB  1 
ATOM   370  C CG  . MET A 1 45  ? -8.282  -11.951 -6.036  1.00 9.71  ? 67  MET A CG  1 
ATOM   371  S SD  . MET A 1 45  ? -8.871  -10.278 -5.685  1.00 13.77 ? 67  MET A SD  1 
ATOM   372  C CE  . MET A 1 45  ? -8.666  -9.563  -7.278  1.00 16.60 ? 67  MET A CE  1 
ATOM   373  N N   A ASP A 1 46  ? -6.066  -13.672 -3.488  0.50 7.29  ? 68  ASP A N   1 
ATOM   374  N N   B ASP A 1 46  ? -6.080  -13.670 -3.486  0.50 7.18  ? 68  ASP A N   1 
ATOM   375  C CA  A ASP A 1 46  ? -6.445  -14.468 -2.308  0.50 7.74  ? 68  ASP A CA  1 
ATOM   376  C CA  B ASP A 1 46  ? -6.510  -14.426 -2.311  0.50 7.58  ? 68  ASP A CA  1 
ATOM   377  C C   A ASP A 1 46  ? -6.071  -13.761 -1.007  0.50 7.12  ? 68  ASP A C   1 
ATOM   378  C C   B ASP A 1 46  ? -6.070  -13.778 -0.992  0.50 7.04  ? 68  ASP A C   1 
ATOM   379  O O   A ASP A 1 46  ? -6.862  -13.703 -0.071  0.50 6.81  ? 68  ASP A O   1 
ATOM   380  O O   B ASP A 1 46  ? -6.823  -13.778 -0.023  0.50 6.87  ? 68  ASP A O   1 
ATOM   381  C CB  A ASP A 1 46  ? -5.804  -15.868 -2.343  0.50 8.90  ? 68  ASP A CB  1 
ATOM   382  C CB  B ASP A 1 46  ? -6.049  -15.885 -2.390  0.50 8.52  ? 68  ASP A CB  1 
ATOM   383  C CG  A ASP A 1 46  ? -6.430  -16.833 -1.330  0.50 10.75 ? 68  ASP A CG  1 
ATOM   384  C CG  B ASP A 1 46  ? -6.924  -16.732 -3.306  0.50 10.55 ? 68  ASP A CG  1 
ATOM   385  O OD1 A ASP A 1 46  ? -7.605  -17.212 -1.527  0.50 15.44 ? 68  ASP A OD1 1 
ATOM   386  O OD1 B ASP A 1 46  ? -7.984  -16.245 -3.746  0.50 12.80 ? 68  ASP A OD1 1 
ATOM   387  O OD2 A ASP A 1 46  ? -5.756  -17.227 -0.352  0.50 14.63 ? 68  ASP A OD2 1 
ATOM   388  O OD2 B ASP A 1 46  ? -6.546  -17.894 -3.579  0.50 15.12 ? 68  ASP A OD2 1 
ATOM   389  N N   . GLN A 1 47  ? -4.863  -13.214 -0.961  1.00 6.63  ? 69  GLN A N   1 
ATOM   390  C CA  . GLN A 1 47  ? -4.409  -12.482 0.250   1.00 5.70  ? 69  GLN A CA  1 
ATOM   391  C C   . GLN A 1 47  ? -5.274  -11.268 0.500   1.00 5.57  ? 69  GLN A C   1 
ATOM   392  O O   . GLN A 1 47  ? -5.652  -10.984 1.650   1.00 5.52  ? 69  GLN A O   1 
ATOM   393  C CB  . GLN A 1 47  ? -2.934  -12.093 0.110   1.00 5.47  ? 69  GLN A CB  1 
ATOM   394  C CG  . GLN A 1 47  ? -2.021  -13.303 0.221   1.00 7.14  ? 69  GLN A CG  1 
ATOM   395  C CD  . GLN A 1 47  ? -0.602  -13.032 -0.246  1.00 7.31  ? 69  GLN A CD  1 
ATOM   396  O OE1 . GLN A 1 47  ? -0.296  -12.046 -0.921  1.00 8.32  ? 69  GLN A OE1 1 
ATOM   397  N NE2 . GLN A 1 47  ? 0.296   -13.924 0.128   1.00 9.13  ? 69  GLN A NE2 1 
ATOM   398  N N   . MET A 1 48  ? -5.635  -10.556 -0.564  1.00 5.38  ? 70  MET A N   1 
ATOM   399  C CA  . MET A 1 48  ? -6.492  -9.391  -0.411  1.00 5.79  ? 70  MET A CA  1 
ATOM   400  C C   . MET A 1 48  ? -7.904  -9.782  0.047   1.00 5.88  ? 70  MET A C   1 
ATOM   401  O O   . MET A 1 48  ? -8.523  -9.108  0.864   1.00 6.03  ? 70  MET A O   1 
ATOM   402  C CB  . MET A 1 48  ? -6.566  -8.638  -1.739  1.00 6.77  ? 70  MET A CB  1 
ATOM   403  C CG  . MET A 1 48  ? -7.459  -7.402  -1.693  1.00 7.82  ? 70  MET A CG  1 
ATOM   404  S SD  . MET A 1 48  ? -7.020  -6.143  -0.502  1.00 7.98  ? 70  MET A SD  1 
ATOM   405  C CE  . MET A 1 48  ? -5.734  -5.319  -1.416  1.00 11.26 ? 70  MET A CE  1 
ATOM   406  N N   . LYS A 1 49  ? -8.433  -10.889 -0.467  1.00 6.27  ? 71  LYS A N   1 
ATOM   407  C CA  . LYS A 1 49  ? -9.761  -11.326 -0.051  1.00 6.50  ? 71  LYS A CA  1 
ATOM   408  C C   . LYS A 1 49  ? -9.777  -11.694 1.429   1.00 6.59  ? 71  LYS A C   1 
ATOM   409  O O   . LYS A 1 49  ? -10.741 -11.394 2.133   1.00 6.64  ? 71  LYS A O   1 
ATOM   410  C CB  . LYS A 1 49  ? -10.216 -12.519 -0.909  1.00 7.65  ? 71  LYS A CB  1 
ATOM   411  C CG  . LYS A 1 49  ? -10.708 -12.102 -2.281  1.00 9.55  ? 71  LYS A CG  1 
ATOM   412  C CD  . LYS A 1 49  ? -11.070 -13.277 -3.186  1.00 12.95 ? 71  LYS A CD  1 
ATOM   413  C CE  . LYS A 1 49  ? -11.600 -12.806 -4.542  1.00 15.61 ? 71  LYS A CE  1 
ATOM   414  N NZ  . LYS A 1 49  ? -11.971 -13.953 -5.424  1.00 19.32 ? 71  LYS A NZ  1 
ATOM   415  N N   . LEU A 1 50  ? -8.721  -12.335 1.911   1.00 6.31  ? 72  LEU A N   1 
ATOM   416  C CA  . LEU A 1 50  ? -8.668  -12.647 3.334   1.00 6.98  ? 72  LEU A CA  1 
ATOM   417  C C   . LEU A 1 50  ? -8.575  -11.353 4.170   1.00 6.01  ? 72  LEU A C   1 
ATOM   418  O O   . LEU A 1 50  ? -9.246  -11.210 5.198   1.00 6.46  ? 72  LEU A O   1 
ATOM   419  C CB  . LEU A 1 50  ? -7.525  -13.617 3.646   1.00 7.88  ? 72  LEU A CB  1 
ATOM   420  C CG  . LEU A 1 50  ? -7.659  -14.175 5.078   1.00 9.94  ? 72  LEU A CG  1 
ATOM   421  C CD1 . LEU A 1 50  ? -8.852  -15.109 5.270   1.00 13.59 ? 72  LEU A CD1 1 
ATOM   422  C CD2 . LEU A 1 50  ? -6.367  -14.834 5.547   1.00 13.65 ? 72  LEU A CD2 1 
ATOM   423  N N   . ALA A 1 51  ? -7.757  -10.395 3.727   1.00 5.66  ? 73  ALA A N   1 
ATOM   424  C CA  . ALA A 1 51  ? -7.667  -9.105  4.411   1.00 5.82  ? 73  ALA A CA  1 
ATOM   425  C C   . ALA A 1 51  ? -9.027  -8.407  4.504   1.00 6.13  ? 73  ALA A C   1 
ATOM   426  O O   . ALA A 1 51  ? -9.422  -7.908  5.580   1.00 6.02  ? 73  ALA A O   1 
ATOM   427  C CB  . ALA A 1 51  ? -6.662  -8.205  3.721   1.00 6.06  ? 73  ALA A CB  1 
ATOM   428  N N   A LEU A 1 52  ? -9.739  -8.349  3.382   0.50 6.37  ? 74  LEU A N   1 
ATOM   429  N N   B LEU A 1 52  ? -9.746  -8.357  3.386   0.50 6.42  ? 74  LEU A N   1 
ATOM   430  C CA  A LEU A 1 52  ? -11.099 -7.825  3.355   0.50 7.32  ? 74  LEU A CA  1 
ATOM   431  C CA  B LEU A 1 52  ? -11.093 -7.802  3.367   0.50 7.35  ? 74  LEU A CA  1 
ATOM   432  C C   A LEU A 1 52  ? -11.981 -8.480  4.421   0.50 7.72  ? 74  LEU A C   1 
ATOM   433  C C   B LEU A 1 52  ? -11.993 -8.480  4.412   0.50 7.76  ? 74  LEU A C   1 
ATOM   434  O O   A LEU A 1 52  ? -12.696 -7.802  5.173   0.50 7.99  ? 74  LEU A O   1 
ATOM   435  O O   B LEU A 1 52  ? -12.715 -7.808  5.162   0.50 8.04  ? 74  LEU A O   1 
ATOM   436  C CB  A LEU A 1 52  ? -11.685 -8.042  1.965   0.50 7.85  ? 74  LEU A CB  1 
ATOM   437  C CB  B LEU A 1 52  ? -11.657 -7.912  1.951   0.50 7.85  ? 74  LEU A CB  1 
ATOM   438  C CG  A LEU A 1 52  ? -13.164 -7.699  1.809   0.50 10.14 ? 74  LEU A CG  1 
ATOM   439  C CG  B LEU A 1 52  ? -13.021 -7.306  1.615   0.50 10.06 ? 74  LEU A CG  1 
ATOM   440  C CD1 A LEU A 1 52  ? -13.251 -6.226  1.579   0.50 12.95 ? 74  LEU A CD1 1 
ATOM   441  C CD1 B LEU A 1 52  ? -13.442 -7.852  0.261   0.50 14.30 ? 74  LEU A CD1 1 
ATOM   442  C CD2 A LEU A 1 52  ? -13.762 -8.471  0.641   0.50 11.80 ? 74  LEU A CD2 1 
ATOM   443  C CD2 B LEU A 1 52  ? -14.038 -7.704  2.623   0.50 12.33 ? 74  LEU A CD2 1 
ATOM   444  N N   . SER A 1 53  ? -11.904 -9.804  4.509   1.00 8.01  ? 75  SER A N   1 
ATOM   445  C CA  . SER A 1 53  ? -12.713 -10.563 5.486   1.00 9.20  ? 75  SER A CA  1 
ATOM   446  C C   . SER A 1 53  ? -12.399 -10.218 6.944   1.00 10.18 ? 75  SER A C   1 
ATOM   447  O O   . SER A 1 53  ? -13.245 -10.443 7.825   1.00 11.31 ? 75  SER A O   1 
ATOM   448  C CB  . SER A 1 53  ? -12.586 -12.066 5.226   1.00 10.39 ? 75  SER A CB  1 
ATOM   449  O OG  . SER A 1 53  ? -11.425 -12.609 5.799   1.00 11.82 ? 75  SER A OG  1 
ATOM   450  N N   . LYS A 1 54  ? -11.203 -9.688  7.202   1.00 8.66  ? 76  LYS A N   1 
ATOM   451  C CA  . LYS A 1 54  ? -10.787 -9.265  8.545   1.00 9.63  ? 76  LYS A CA  1 
ATOM   452  C C   . LYS A 1 54  ? -11.084 -7.799  8.821   1.00 9.64  ? 76  LYS A C   1 
ATOM   453  O O   . LYS A 1 54  ? -10.814 -7.318  9.917   1.00 11.50 ? 76  LYS A O   1 
ATOM   454  C CB  . LYS A 1 54  ? -9.282  -9.507  8.759   1.00 10.41 ? 76  LYS A CB  1 
ATOM   455  C CG  . LYS A 1 54  ? -8.792  -10.944 8.527   1.00 12.25 ? 76  LYS A CG  1 
ATOM   456  C CD  . LYS A 1 54  ? -9.484  -11.956 9.406   1.00 15.62 ? 76  LYS A CD  1 
ATOM   457  C CE  . LYS A 1 54  ? -8.908  -13.360 9.150   1.00 17.85 ? 76  LYS A CE  1 
ATOM   458  N NZ  . LYS A 1 54  ? -9.517  -14.385 10.046  1.00 20.21 ? 76  LYS A NZ  1 
ATOM   459  N N   . GLY A 1 55  ? -11.646 -7.085  7.850   1.00 9.11  ? 77  GLY A N   1 
ATOM   460  C CA  . GLY A 1 55  ? -12.042 -5.701  8.107   1.00 9.17  ? 77  GLY A CA  1 
ATOM   461  C C   . GLY A 1 55  ? -11.392 -4.639  7.237   1.00 8.51  ? 77  GLY A C   1 
ATOM   462  O O   . GLY A 1 55  ? -11.630 -3.459  7.440   1.00 9.89  ? 77  GLY A O   1 
ATOM   463  N N   . PHE A 1 56  ? -10.602 -5.040  6.242   1.00 7.67  ? 78  PHE A N   1 
ATOM   464  C CA  . PHE A 1 56  ? -9.908  -4.069  5.375   1.00 6.61  ? 78  PHE A CA  1 
ATOM   465  C C   . PHE A 1 56  ? -10.813 -3.474  4.304   1.00 6.44  ? 78  PHE A C   1 
ATOM   466  O O   . PHE A 1 56  ? -11.335 -4.225  3.466   1.00 7.20  ? 78  PHE A O   1 
ATOM   467  C CB  . PHE A 1 56  ? -8.722  -4.758  4.704   1.00 7.41  ? 78  PHE A CB  1 
ATOM   468  C CG  . PHE A 1 56  ? -7.729  -3.831  4.021   1.00 6.08  ? 78  PHE A CG  1 
ATOM   469  C CD1 . PHE A 1 56  ? -7.357  -2.593  4.581   1.00 8.75  ? 78  PHE A CD1 1 
ATOM   470  C CD2 . PHE A 1 56  ? -7.137  -4.226  2.825   1.00 7.86  ? 78  PHE A CD2 1 
ATOM   471  C CE1 . PHE A 1 56  ? -6.392  -1.778  3.953   1.00 8.70  ? 78  PHE A CE1 1 
ATOM   472  C CE2 . PHE A 1 56  ? -6.196  -3.416  2.208   1.00 7.31  ? 78  PHE A CE2 1 
ATOM   473  C CZ  . PHE A 1 56  ? -5.811  -2.202  2.782   1.00 7.54  ? 78  PHE A CZ  1 
ATOM   474  N N   . GLU A 1 57  ? -10.914 -2.141  4.265   1.00 6.67  ? 79  GLU A N   1 
ATOM   475  C CA  . GLU A 1 57  ? -11.486 -1.463  3.121   1.00 6.96  ? 79  GLU A CA  1 
ATOM   476  C C   . GLU A 1 57  ? -10.831 -0.113  2.938   1.00 6.67  ? 79  GLU A C   1 
ATOM   477  O O   . GLU A 1 57  ? -10.332 0.474   3.904   1.00 7.65  ? 79  GLU A O   1 
ATOM   478  C CB  . GLU A 1 57  ? -13.010 -1.363  3.205   1.00 8.34  ? 79  GLU A CB  1 
ATOM   479  C CG  . GLU A 1 57  ? -13.537 -0.478  4.307   1.00 11.02 ? 79  GLU A CG  1 
ATOM   480  C CD  . GLU A 1 57  ? -15.059 -0.223  4.202   1.00 11.96 ? 79  GLU A CD  1 
ATOM   481  O OE1 . GLU A 1 57  ? -15.727 -0.575  3.210   1.00 11.90 ? 79  GLU A OE1 1 
ATOM   482  O OE2 . GLU A 1 57  ? -15.586 0.384   5.144   1.00 11.06 ? 79  GLU A OE2 1 
ATOM   483  N N   . THR A 1 58  ? -10.779 0.340   1.690   1.00 6.69  ? 80  THR A N   1 
ATOM   484  C CA  . THR A 1 58  ? -10.276 1.688   1.397   1.00 7.83  ? 80  THR A CA  1 
ATOM   485  C C   . THR A 1 58  ? -11.212 2.322   0.370   1.00 7.68  ? 80  THR A C   1 
ATOM   486  O O   . THR A 1 58  ? -12.100 1.674   -0.186  1.00 7.76  ? 80  THR A O   1 
ATOM   487  C CB  . THR A 1 58  ? -8.861  1.688   0.772   1.00 7.50  ? 80  THR A CB  1 
ATOM   488  O OG1 . THR A 1 58  ? -8.968  1.313   -0.604  1.00 7.79  ? 80  THR A OG1 1 
ATOM   489  C CG2 . THR A 1 58  ? -7.903  0.751   1.517   1.00 8.13  ? 80  THR A CG2 1 
ATOM   490  N N   . CYS A 1 59  ? -10.924 3.574   0.025   1.00 8.65  ? 81  CYS A N   1 
ATOM   491  C CA  . CYS A 1 59  ? -11.596 4.210   -1.089  1.00 9.47  ? 81  CYS A CA  1 
ATOM   492  C C   . CYS A 1 59  ? -10.599 4.625   -2.152  1.00 9.25  ? 81  CYS A C   1 
ATOM   493  O O   . CYS A 1 59  ? -10.736 5.687   -2.769  1.00 11.02 ? 81  CYS A O   1 
ATOM   494  C CB  . CYS A 1 59  ? -12.414 5.417   -0.617  1.00 11.30 ? 81  CYS A CB  1 
ATOM   495  S SG  . CYS A 1 59  ? -13.619 6.060   -1.864  1.00 17.05 ? 81  CYS A SG  1 
ATOM   496  N N   . ARG A 1 60  ? -9.589  3.779   -2.380  1.00 8.49  ? 82  ARG A N   1 
ATOM   497  C CA  . ARG A 1 60  ? -8.488  4.129   -3.271  1.00 8.00  ? 82  ARG A CA  1 
ATOM   498  C C   . ARG A 1 60  ? -8.086  2.959   -4.137  1.00 7.48  ? 82  ARG A C   1 
ATOM   499  O O   . ARG A 1 60  ? -7.921  1.830   -3.652  1.00 8.53  ? 82  ARG A O   1 
ATOM   500  C CB  . ARG A 1 60  ? -7.250  4.515   -2.448  1.00 8.93  ? 82  ARG A CB  1 
ATOM   501  C CG  . ARG A 1 60  ? -7.381  5.758   -1.586  1.00 10.86 ? 82  ARG A CG  1 
ATOM   502  C CD  . ARG A 1 60  ? -7.378  7.063   -2.431  1.00 13.31 ? 82  ARG A CD  1 
ATOM   503  N NE  . ARG A 1 60  ? -6.003  7.377   -2.875  1.00 16.06 ? 82  ARG A NE  1 
ATOM   504  C CZ  . ARG A 1 60  ? -5.635  8.447   -3.590  1.00 16.96 ? 82  ARG A CZ  1 
ATOM   505  N NH1 . ARG A 1 60  ? -6.533  9.340   -3.966  1.00 17.16 ? 82  ARG A NH1 1 
ATOM   506  N NH2 . ARG A 1 60  ? -4.360  8.629   -3.940  1.00 17.15 ? 82  ARG A NH2 1 
ATOM   507  N N   . TYR A 1 61  ? -7.886  3.233   -5.424  1.00 7.31  ? 83  TYR A N   1 
ATOM   508  C CA  . TYR A 1 61  ? -7.309  2.236   -6.321  1.00 6.41  ? 83  TYR A CA  1 
ATOM   509  C C   . TYR A 1 61  ? -5.860  1.972   -5.956  1.00 6.07  ? 83  TYR A C   1 
ATOM   510  O O   . TYR A 1 61  ? -5.085  2.910   -5.780  1.00 7.33  ? 83  TYR A O   1 
ATOM   511  C CB  . TYR A 1 61  ? -7.289  2.772   -7.740  1.00 8.08  ? 83  TYR A CB  1 
ATOM   512  C CG  . TYR A 1 61  ? -8.624  2.907   -8.371  1.00 9.93  ? 83  TYR A CG  1 
ATOM   513  C CD1 . TYR A 1 61  ? -9.401  1.781   -8.642  1.00 11.71 ? 83  TYR A CD1 1 
ATOM   514  C CD2 . TYR A 1 61  ? -9.092  4.160   -8.762  1.00 13.64 ? 83  TYR A CD2 1 
ATOM   515  C CE1 . TYR A 1 61  ? -10.653 1.897   -9.270  1.00 16.13 ? 83  TYR A CE1 1 
ATOM   516  C CE2 . TYR A 1 61  ? -10.330 4.297   -9.397  1.00 19.55 ? 83  TYR A CE2 1 
ATOM   517  C CZ  . TYR A 1 61  ? -11.101 3.162   -9.636  1.00 17.75 ? 83  TYR A CZ  1 
ATOM   518  O OH  . TYR A 1 61  ? -12.330 3.279   -10.258 1.00 23.95 ? 83  TYR A OH  1 
ATOM   519  N N   . GLY A 1 62  ? -5.475  0.700   -5.917  1.00 6.36  ? 84  GLY A N   1 
ATOM   520  C CA  . GLY A 1 62  ? -4.073  0.362   -5.711  1.00 5.19  ? 84  GLY A CA  1 
ATOM   521  C C   . GLY A 1 62  ? -3.699  -0.963  -6.346  1.00 4.91  ? 84  GLY A C   1 
ATOM   522  O O   . GLY A 1 62  ? -4.534  -1.858  -6.509  1.00 5.35  ? 84  GLY A O   1 
ATOM   523  N N   . PHE A 1 63  ? -2.416  -1.101  -6.663  1.00 4.50  ? 85  PHE A N   1 
ATOM   524  C CA  . PHE A 1 63  ? -1.908  -2.316  -7.253  1.00 5.55  ? 85  PHE A CA  1 
ATOM   525  C C   . PHE A 1 63  ? -1.958  -3.470  -6.270  1.00 5.29  ? 85  PHE A C   1 
ATOM   526  O O   . PHE A 1 63  ? -1.595  -3.351  -5.076  1.00 5.63  ? 85  PHE A O   1 
ATOM   527  C CB  . PHE A 1 63  ? -0.442  -2.153  -7.650  1.00 6.17  ? 85  PHE A CB  1 
ATOM   528  C CG  . PHE A 1 63  ? -0.212  -1.097  -8.649  1.00 6.64  ? 85  PHE A CG  1 
ATOM   529  C CD1 . PHE A 1 63  ? -0.494  -1.269  -9.980  1.00 8.34  ? 85  PHE A CD1 1 
ATOM   530  C CD2 . PHE A 1 63  ? 0.328   0.114   -8.230  1.00 9.12  ? 85  PHE A CD2 1 
ATOM   531  C CE1 . PHE A 1 63  ? -0.237  -0.206  -10.876 1.00 9.75  ? 85  PHE A CE1 1 
ATOM   532  C CE2 . PHE A 1 63  ? 0.563   1.144   -9.091  1.00 11.01 ? 85  PHE A CE2 1 
ATOM   533  C CZ  . PHE A 1 63  ? 0.272   0.975   -10.408 1.00 8.04  ? 85  PHE A CZ  1 
ATOM   534  N N   . ILE A 1 64  ? -2.357  -4.626  -6.790  1.00 5.74  ? 86  ILE A N   1 
ATOM   535  C CA  . ILE A 1 64  ? -2.003  -5.922  -6.230  1.00 5.75  ? 86  ILE A CA  1 
ATOM   536  C C   . ILE A 1 64  ? -1.262  -6.677  -7.338  1.00 6.62  ? 86  ILE A C   1 
ATOM   537  O O   . ILE A 1 64  ? -0.970  -6.099  -8.399  1.00 7.79  ? 86  ILE A O   1 
ATOM   538  C CB  . ILE A 1 64  ? -3.204  -6.708  -5.705  1.00 5.95  ? 86  ILE A CB  1 
ATOM   539  C CG1 . ILE A 1 64  ? -4.190  -7.056  -6.836  1.00 6.55  ? 86  ILE A CG1 1 
ATOM   540  C CG2 . ILE A 1 64  ? -3.872  -5.960  -4.562  1.00 6.93  ? 86  ILE A CG2 1 
ATOM   541  C CD1 . ILE A 1 64  ? -5.257  -8.123  -6.471  1.00 9.45  ? 86  ILE A CD1 1 
ATOM   542  N N   . GLU A 1 65  ? -0.886  -7.932  -7.106  1.00 6.61  ? 87  GLU A N   1 
ATOM   543  C CA  . GLU A 1 65  ? -0.294  -8.735  -8.171  1.00 9.56  ? 87  GLU A CA  1 
ATOM   544  C C   . GLU A 1 65  ? -1.346  -8.960  -9.254  1.00 10.50 ? 87  GLU A C   1 
ATOM   545  O O   . GLU A 1 65  ? -2.391  -9.566  -8.989  1.00 12.60 ? 87  GLU A O   1 
ATOM   546  C CB  . GLU A 1 65  ? 0.206   -10.061 -7.621  1.00 9.65  ? 87  GLU A CB  1 
ATOM   547  C CG  . GLU A 1 65  ? 1.062   -10.832 -8.633  1.00 15.21 ? 87  GLU A CG  1 
ATOM   548  C CD  . GLU A 1 65  ? 2.360   -10.119 -9.002  1.00 20.03 ? 87  GLU A CD  1 
ATOM   549  O OE1 . GLU A 1 65  ? 3.086   -9.660  -8.093  1.00 22.66 ? 87  GLU A OE1 1 
ATOM   550  O OE2 . GLU A 1 65  ? 2.660   -10.020 -10.210 1.00 25.95 ? 87  GLU A OE2 1 
ATOM   551  N N   . GLY A 1 66  ? -1.098  -8.424  -10.436 1.00 10.11 ? 88  GLY A N   1 
ATOM   552  C CA  . GLY A 1 66  ? -1.985  -8.684  -11.538 1.00 9.33  ? 88  GLY A CA  1 
ATOM   553  C C   . GLY A 1 66  ? -3.069  -7.670  -11.820 1.00 9.01  ? 88  GLY A C   1 
ATOM   554  O O   . GLY A 1 66  ? -3.473  -7.544  -12.955 1.00 9.47  ? 88  GLY A O   1 
ATOM   555  N N   . ASN A 1 67  ? -3.561  -6.909  -10.847 1.00 7.11  ? 89  ASN A N   1 
ATOM   556  C CA  . ASN A 1 67  ? -4.704  -6.030  -11.060 1.00 6.40  ? 89  ASN A CA  1 
ATOM   557  C C   . ASN A 1 67  ? -4.555  -4.781  -10.229 1.00 5.53  ? 89  ASN A C   1 
ATOM   558  O O   . ASN A 1 67  ? -3.656  -4.705  -9.380  1.00 6.76  ? 89  ASN A O   1 
ATOM   559  C CB  . ASN A 1 67  ? -6.034  -6.733  -10.723 1.00 6.98  ? 89  ASN A CB  1 
ATOM   560  C CG  . ASN A 1 67  ? -6.428  -7.768  -11.768 1.00 8.33  ? 89  ASN A CG  1 
ATOM   561  O OD1 . ASN A 1 67  ? -6.174  -8.963  -11.601 1.00 9.04  ? 89  ASN A OD1 1 
ATOM   562  N ND2 . ASN A 1 67  ? -6.995  -7.310  -12.862 1.00 8.41  ? 89  ASN A ND2 1 
ATOM   563  N N   . VAL A 1 68  ? -5.456  -3.843  -10.446 1.00 5.54  ? 90  VAL A N   1 
ATOM   564  C CA  . VAL A 1 68  ? -5.610  -2.654  -9.633  1.00 5.80  ? 90  VAL A CA  1 
ATOM   565  C C   . VAL A 1 68  ? -6.998  -2.772  -9.009  1.00 5.82  ? 90  VAL A C   1 
ATOM   566  O O   . VAL A 1 68  ? -7.973  -3.031  -9.734  1.00 6.72  ? 90  VAL A O   1 
ATOM   567  C CB  . VAL A 1 68  ? -5.533  -1.394  -10.515 1.00 5.62  ? 90  VAL A CB  1 
ATOM   568  C CG1 . VAL A 1 68  ? -5.903  -0.148  -9.720  1.00 7.51  ? 90  VAL A CG1 1 
ATOM   569  C CG2 . VAL A 1 68  ? -4.143  -1.260  -11.111 1.00 8.24  ? 90  VAL A CG2 1 
ATOM   570  N N   . VAL A 1 69  ? -7.096  -2.603  -7.684  1.00 5.47  ? 91  VAL A N   1 
ATOM   571  C CA  . VAL A 1 69  ? -8.318  -2.957  -6.974  1.00 5.96  ? 91  VAL A CA  1 
ATOM   572  C C   . VAL A 1 69  ? -8.649  -1.945  -5.885  1.00 5.57  ? 91  VAL A C   1 
ATOM   573  O O   . VAL A 1 69  ? -7.818  -1.114  -5.473  1.00 6.05  ? 91  VAL A O   1 
ATOM   574  C CB  . VAL A 1 69  ? -8.225  -4.376  -6.338  1.00 6.16  ? 91  VAL A CB  1 
ATOM   575  C CG1 . VAL A 1 69  ? -7.874  -5.428  -7.380  1.00 6.73  ? 91  VAL A CG1 1 
ATOM   576  C CG2 . VAL A 1 69  ? -7.260  -4.420  -5.141  1.00 6.93  ? 91  VAL A CG2 1 
ATOM   577  N N   . ILE A 1 70  ? -9.886  -2.047  -5.391  1.00 6.32  ? 92  ILE A N   1 
ATOM   578  C CA  . ILE A 1 70  ? -10.327 -1.372  -4.159  1.00 6.97  ? 92  ILE A CA  1 
ATOM   579  C C   . ILE A 1 70  ? -11.071 -2.405  -3.299  1.00 6.76  ? 92  ILE A C   1 
ATOM   580  O O   . ILE A 1 70  ? -12.114 -2.920  -3.736  1.00 7.27  ? 92  ILE A O   1 
ATOM   581  C CB  . ILE A 1 70  ? -11.290 -0.184  -4.405  1.00 7.86  ? 92  ILE A CB  1 
ATOM   582  C CG1 . ILE A 1 70  ? -10.717 0.772   -5.460  1.00 8.79  ? 92  ILE A CG1 1 
ATOM   583  C CG2 . ILE A 1 70  ? -11.581 0.541   -3.074  1.00 8.49  ? 92  ILE A CG2 1 
ATOM   584  C CD1 . ILE A 1 70  ? -11.603 1.983   -5.773  1.00 12.63 ? 92  ILE A CD1 1 
ATOM   585  N N   . PRO A 1 71  ? -10.593 -2.695  -2.079  1.00 6.38  ? 93  PRO A N   1 
ATOM   586  C CA  . PRO A 1 71  ? -11.383 -3.565  -1.203  1.00 6.67  ? 93  PRO A CA  1 
ATOM   587  C C   . PRO A 1 71  ? -12.505 -2.756  -0.568  1.00 6.14  ? 93  PRO A C   1 
ATOM   588  O O   . PRO A 1 71  ? -12.267 -1.686  0.001   1.00 6.64  ? 93  PRO A O   1 
ATOM   589  C CB  . PRO A 1 71  ? -10.351 -4.027  -0.160  1.00 6.65  ? 93  PRO A CB  1 
ATOM   590  C CG  . PRO A 1 71  ? -9.352  -2.892  -0.085  1.00 7.19  ? 93  PRO A CG  1 
ATOM   591  C CD  . PRO A 1 71  ? -9.338  -2.227  -1.445  1.00 7.59  ? 93  PRO A CD  1 
ATOM   592  N N   . ARG A 1 72  ? -13.711 -3.304  -0.646  1.00 7.12  ? 94  ARG A N   1 
ATOM   593  C CA  . ARG A 1 72  ? -14.893 -2.622  -0.103  1.00 7.75  ? 94  ARG A CA  1 
ATOM   594  C C   . ARG A 1 72  ? -15.710 -3.543  0.793   1.00 8.21  ? 94  ARG A C   1 
ATOM   595  O O   . ARG A 1 72  ? -16.085 -4.642  0.394   1.00 8.59  ? 94  ARG A O   1 
ATOM   596  C CB  . ARG A 1 72  ? -15.820 -2.131  -1.233  1.00 9.66  ? 94  ARG A CB  1 
ATOM   597  C CG  . ARG A 1 72  ? -15.292 -0.988  -2.104  1.00 10.23 ? 94  ARG A CG  1 
ATOM   598  C CD  . ARG A 1 72  ? -14.881 0.216   -1.313  1.00 10.87 ? 94  ARG A CD  1 
ATOM   599  N NE  . ARG A 1 72  ? -16.001 0.759   -0.538  1.00 11.59 ? 94  ARG A NE  1 
ATOM   600  C CZ  . ARG A 1 72  ? -15.865 1.578   0.486   1.00 12.42 ? 94  ARG A CZ  1 
ATOM   601  N NH1 . ARG A 1 72  ? -14.660 1.981   0.881   1.00 14.56 ? 94  ARG A NH1 1 
ATOM   602  N NH2 . ARG A 1 72  ? -16.962 2.012   1.112   1.00 16.02 ? 94  ARG A NH2 1 
ATOM   603  N N   . ILE A 1 73  ? -16.004 -3.071  1.990   1.00 8.43  ? 95  ILE A N   1 
ATOM   604  C CA  . ILE A 1 73  ? -16.911 -3.794  2.874   1.00 10.08 ? 95  ILE A CA  1 
ATOM   605  C C   . ILE A 1 73  ? -18.318 -3.197  2.792   1.00 11.21 ? 95  ILE A C   1 
ATOM   606  O O   . ILE A 1 73  ? -19.289 -3.937  2.568   1.00 11.93 ? 95  ILE A O   1 
ATOM   607  C CB  . ILE A 1 73  ? -16.390 -3.810  4.308   1.00 9.65  ? 95  ILE A CB  1 
ATOM   608  C CG1 . ILE A 1 73  ? -15.099 -4.628  4.367   1.00 10.58 ? 95  ILE A CG1 1 
ATOM   609  C CG2 . ILE A 1 73  ? -17.450 -4.394  5.279   1.00 11.22 ? 95  ILE A CG2 1 
ATOM   610  C CD1 . ILE A 1 73  ? -14.364 -4.512  5.677   1.00 13.13 ? 95  ILE A CD1 1 
ATOM   611  N N   . HIS A 1 74  ? -18.412 -1.878  2.950   1.00 12.49 ? 96  HIS A N   1 
ATOM   612  C CA  . HIS A 1 74  ? -19.690 -1.169  2.949   1.00 14.82 ? 96  HIS A CA  1 
ATOM   613  C C   . HIS A 1 74  ? -19.913 -0.488  1.609   1.00 16.30 ? 96  HIS A C   1 
ATOM   614  O O   . HIS A 1 74  ? -18.985 0.110   1.046   1.00 17.57 ? 96  HIS A O   1 
ATOM   615  C CB  . HIS A 1 74  ? -19.699 -0.123  4.060   1.00 15.79 ? 96  HIS A CB  1 
ATOM   616  C CG  . HIS A 1 74  ? -19.383 -0.682  5.409   1.00 17.69 ? 96  HIS A CG  1 
ATOM   617  N ND1 . HIS A 1 74  ? -18.118 -0.649  5.958   1.00 19.80 ? 96  HIS A ND1 1 
ATOM   618  C CD2 . HIS A 1 74  ? -20.168 -1.316  6.315   1.00 18.91 ? 96  HIS A CD2 1 
ATOM   619  C CE1 . HIS A 1 74  ? -18.137 -1.233  7.142   1.00 20.46 ? 96  HIS A CE1 1 
ATOM   620  N NE2 . HIS A 1 74  ? -19.370 -1.646  7.385   1.00 18.80 ? 96  HIS A NE2 1 
ATOM   621  N N   . PRO A 1 75  ? -21.133 -0.593  1.058   1.00 16.40 ? 97  PRO A N   1 
ATOM   622  C CA  . PRO A 1 75  ? -21.420 0.095   -0.201  1.00 17.87 ? 97  PRO A CA  1 
ATOM   623  C C   . PRO A 1 75  ? -21.370 1.603   -0.013  1.00 18.97 ? 97  PRO A C   1 
ATOM   624  O O   . PRO A 1 75  ? -21.921 2.142   0.949   1.00 20.05 ? 97  PRO A O   1 
ATOM   625  C CB  . PRO A 1 75  ? -22.852 -0.332  -0.549  1.00 18.12 ? 97  PRO A CB  1 
ATOM   626  C CG  . PRO A 1 75  ? -23.260 -1.313  0.451   1.00 17.33 ? 97  PRO A CG  1 
ATOM   627  C CD  . PRO A 1 75  ? -22.242 -1.451  1.518   1.00 16.07 ? 97  PRO A CD  1 
ATOM   628  N N   . ASN A 1 76  ? -20.660 2.273   -0.907  1.00 19.62 ? 98  ASN A N   1 
ATOM   629  C CA  . ASN A 1 76  ? -20.573 3.725   -0.899  1.00 20.82 ? 98  ASN A CA  1 
ATOM   630  C C   . ASN A 1 76  ? -20.561 4.151   -2.358  1.00 21.18 ? 98  ASN A C   1 
ATOM   631  O O   . ASN A 1 76  ? -19.760 3.647   -3.149  1.00 20.82 ? 98  ASN A O   1 
ATOM   632  C CB  . ASN A 1 76  ? -19.315 4.173   -0.144  1.00 21.32 ? 98  ASN A CB  1 
ATOM   633  C CG  . ASN A 1 76  ? -19.228 5.676   0.025   1.00 23.38 ? 98  ASN A CG  1 
ATOM   634  O OD1 . ASN A 1 76  ? -19.610 6.428   -0.859  1.00 25.63 ? 98  ASN A OD1 1 
ATOM   635  N ND2 . ASN A 1 76  ? -18.686 6.118   1.158   1.00 25.81 ? 98  ASN A ND2 1 
ATOM   636  N N   . ALA A 1 77  ? -21.474 5.053   -2.716  1.00 22.11 ? 99  ALA A N   1 
ATOM   637  C CA  . ALA A 1 77  ? -21.649 5.478   -4.105  1.00 22.58 ? 99  ALA A CA  1 
ATOM   638  C C   . ALA A 1 77  ? -20.397 6.069   -4.749  1.00 22.66 ? 99  ALA A C   1 
ATOM   639  O O   . ALA A 1 77  ? -20.185 5.889   -5.948  1.00 23.56 ? 99  ALA A O   1 
ATOM   640  C CB  . ALA A 1 77  ? -22.810 6.459   -4.216  1.00 22.65 ? 99  ALA A CB  1 
ATOM   641  N N   . ILE A 1 78  ? -19.591 6.763   -3.952  1.00 22.72 ? 100 ILE A N   1 
ATOM   642  C CA  . ILE A 1 78  ? -18.355 7.416   -4.427  1.00 23.03 ? 100 ILE A CA  1 
ATOM   643  C C   . ILE A 1 78  ? -17.089 6.523   -4.370  1.00 22.29 ? 100 ILE A C   1 
ATOM   644  O O   . ILE A 1 78  ? -16.024 6.933   -4.836  1.00 22.81 ? 100 ILE A O   1 
ATOM   645  C CB  . ILE A 1 78  ? -18.084 8.772   -3.681  1.00 23.49 ? 100 ILE A CB  1 
ATOM   646  C CG1 . ILE A 1 78  ? -17.661 8.541   -2.225  1.00 25.08 ? 100 ILE A CG1 1 
ATOM   647  C CG2 . ILE A 1 78  ? -19.299 9.706   -3.771  1.00 24.25 ? 100 ILE A CG2 1 
ATOM   648  C CD1 . ILE A 1 78  ? -17.164 9.789   -1.503  1.00 27.62 ? 100 ILE A CD1 1 
ATOM   649  N N   . CYS A 1 79  ? -17.204 5.324   -3.798  1.00 20.97 ? 101 CYS A N   1 
ATOM   650  C CA  . CYS A 1 79  ? -16.077 4.388   -3.686  1.00 20.21 ? 101 CYS A CA  1 
ATOM   651  C C   . CYS A 1 79  ? -16.398 3.107   -4.436  1.00 20.08 ? 101 CYS A C   1 
ATOM   652  O O   . CYS A 1 79  ? -17.241 2.327   -3.991  1.00 20.06 ? 101 CYS A O   1 
ATOM   653  C CB  . CYS A 1 79  ? -15.806 4.059   -2.214  1.00 19.91 ? 101 CYS A CB  1 
ATOM   654  S SG  . CYS A 1 79  ? -15.421 5.460   -1.158  1.00 19.50 ? 101 CYS A SG  1 
ATOM   655  N N   . ALA A 1 80  ? -15.743 2.888   -5.578  1.00 20.05 ? 102 ALA A N   1 
ATOM   656  C CA  . ALA A 1 80  ? -15.898 1.663   -6.379  1.00 20.71 ? 102 ALA A CA  1 
ATOM   657  C C   . ALA A 1 80  ? -17.315 1.443   -6.918  1.00 21.41 ? 102 ALA A C   1 
ATOM   658  O O   . ALA A 1 80  ? -17.790 0.304   -7.047  1.00 21.59 ? 102 ALA A O   1 
ATOM   659  C CB  . ALA A 1 80  ? -15.418 0.429   -5.593  1.00 20.44 ? 102 ALA A CB  1 
ATOM   660  N N   . ALA A 1 81  ? -17.990 2.551   -7.231  1.00 22.36 ? 103 ALA A N   1 
ATOM   661  C CA  . ALA A 1 81  ? -19.324 2.526   -7.846  1.00 22.54 ? 103 ALA A CA  1 
ATOM   662  C C   . ALA A 1 81  ? -20.322 1.695   -7.029  1.00 22.18 ? 103 ALA A C   1 
ATOM   663  O O   . ALA A 1 81  ? -21.102 0.920   -7.583  1.00 22.81 ? 103 ALA A O   1 
ATOM   664  C CB  . ALA A 1 81  ? -19.239 2.018   -9.294  1.00 22.64 ? 103 ALA A CB  1 
ATOM   665  N N   . ASN A 1 82  ? -20.260 1.857   -5.709  1.00 21.73 ? 104 ASN A N   1 
ATOM   666  C CA  . ASN A 1 82  ? -21.166 1.195   -4.762  1.00 20.36 ? 104 ASN A CA  1 
ATOM   667  C C   . ASN A 1 82  ? -21.003 -0.328  -4.592  1.00 19.62 ? 104 ASN A C   1 
ATOM   668  O O   . ASN A 1 82  ? -21.834 -0.983  -3.963  1.00 19.88 ? 104 ASN A O   1 
ATOM   669  C CB  . ASN A 1 82  ? -22.625 1.562   -5.066  1.00 20.90 ? 104 ASN A CB  1 
ATOM   670  C CG  . ASN A 1 82  ? -23.457 1.671   -3.827  1.00 20.14 ? 104 ASN A CG  1 
ATOM   671  O OD1 . ASN A 1 82  ? -23.114 2.390   -2.885  1.00 21.57 ? 104 ASN A OD1 1 
ATOM   672  N ND2 . ASN A 1 82  ? -24.589 0.973   -3.821  1.00 24.66 ? 104 ASN A ND2 1 
ATOM   673  N N   . HIS A 1 83  ? -19.908 -0.876  -5.108  1.00 18.02 ? 105 HIS A N   1 
ATOM   674  C CA  . HIS A 1 83  ? -19.673 -2.307  -5.019  1.00 16.85 ? 105 HIS A CA  1 
ATOM   675  C C   . HIS A 1 83  ? -19.157 -2.703  -3.639  1.00 14.84 ? 105 HIS A C   1 
ATOM   676  O O   . HIS A 1 83  ? -18.652 -1.864  -2.888  1.00 14.57 ? 105 HIS A O   1 
ATOM   677  C CB  . HIS A 1 83  ? -18.684 -2.750  -6.097  1.00 17.97 ? 105 HIS A CB  1 
ATOM   678  C CG  . HIS A 1 83  ? -19.279 -2.825  -7.469  1.00 20.70 ? 105 HIS A CG  1 
ATOM   679  N ND1 . HIS A 1 83  ? -19.296 -1.752  -8.335  1.00 23.91 ? 105 HIS A ND1 1 
ATOM   680  C CD2 . HIS A 1 83  ? -19.868 -3.851  -8.130  1.00 23.88 ? 105 HIS A CD2 1 
ATOM   681  C CE1 . HIS A 1 83  ? -19.876 -2.111  -9.467  1.00 23.39 ? 105 HIS A CE1 1 
ATOM   682  N NE2 . HIS A 1 83  ? -20.234 -3.378  -9.368  1.00 25.99 ? 105 HIS A NE2 1 
ATOM   683  N N   . THR A 1 84  ? -19.344 -3.977  -3.303  1.00 13.82 ? 106 THR A N   1 
ATOM   684  C CA  . THR A 1 84  ? -18.653 -4.580  -2.156  1.00 13.18 ? 106 THR A CA  1 
ATOM   685  C C   . THR A 1 84  ? -17.766 -5.713  -2.650  1.00 12.61 ? 106 THR A C   1 
ATOM   686  O O   . THR A 1 84  ? -17.908 -6.185  -3.780  1.00 13.93 ? 106 THR A O   1 
ATOM   687  C CB  . THR A 1 84  ? -19.625 -5.132  -1.082  1.00 13.92 ? 106 THR A CB  1 
ATOM   688  O OG1 . THR A 1 84  ? -20.341 -6.253  -1.615  1.00 15.47 ? 106 THR A OG1 1 
ATOM   689  C CG2 . THR A 1 84  ? -20.596 -4.062  -0.596  1.00 14.80 ? 106 THR A CG2 1 
ATOM   690  N N   . GLY A 1 85  ? -16.852 -6.167  -1.799  1.00 10.93 ? 107 GLY A N   1 
ATOM   691  C CA  . GLY A 1 85  ? -15.859 -7.161  -2.185  1.00 9.93  ? 107 GLY A CA  1 
ATOM   692  C C   . GLY A 1 85  ? -14.604 -6.496  -2.716  1.00 8.44  ? 107 GLY A C   1 
ATOM   693  O O   . GLY A 1 85  ? -14.426 -5.282  -2.582  1.00 8.81  ? 107 GLY A O   1 
ATOM   694  N N   . VAL A 1 86  ? -13.720 -7.288  -3.305  1.00 9.00  ? 108 VAL A N   1 
ATOM   695  C CA  . VAL A 1 86  ? -12.537 -6.730  -3.933  1.00 8.77  ? 108 VAL A CA  1 
ATOM   696  C C   . VAL A 1 86  ? -12.920 -6.256  -5.337  1.00 9.12  ? 108 VAL A C   1 
ATOM   697  O O   . VAL A 1 86  ? -13.070 -7.069  -6.266  1.00 12.05 ? 108 VAL A O   1 
ATOM   698  C CB  . VAL A 1 86  ? -11.375 -7.751  -3.976  1.00 8.98  ? 108 VAL A CB  1 
ATOM   699  C CG1 . VAL A 1 86  ? -10.155 -7.117  -4.603  1.00 9.53  ? 108 VAL A CG1 1 
ATOM   700  C CG2 . VAL A 1 86  ? -11.034 -8.289  -2.582  1.00 9.46  ? 108 VAL A CG2 1 
ATOM   701  N N   . TYR A 1 87  ? -13.102 -4.961  -5.496  1.00 8.47  ? 109 TYR A N   1 
ATOM   702  C CA  . TYR A 1 87  ? -13.542 -4.401  -6.767  1.00 8.97  ? 109 TYR A CA  1 
ATOM   703  C C   . TYR A 1 87  ? -12.324 -4.286  -7.682  1.00 8.70  ? 109 TYR A C   1 
ATOM   704  O O   . TYR A 1 87  ? -11.303 -3.701  -7.291  1.00 8.51  ? 109 TYR A O   1 
ATOM   705  C CB  . TYR A 1 87  ? -14.160 -3.032  -6.539  1.00 10.35 ? 109 TYR A CB  1 
ATOM   706  C CG  . TYR A 1 87  ? -14.525 -2.335  -7.831  1.00 13.02 ? 109 TYR A CG  1 
ATOM   707  C CD1 . TYR A 1 87  ? -15.681 -2.682  -8.536  1.00 15.69 ? 109 TYR A CD1 1 
ATOM   708  C CD2 . TYR A 1 87  ? -13.708 -1.338  -8.356  1.00 16.37 ? 109 TYR A CD2 1 
ATOM   709  C CE1 . TYR A 1 87  ? -16.010 -2.041  -9.743  1.00 19.77 ? 109 TYR A CE1 1 
ATOM   710  C CE2 . TYR A 1 87  ? -14.021 -0.698  -9.559  1.00 19.79 ? 109 TYR A CE2 1 
ATOM   711  C CZ  . TYR A 1 87  ? -15.176 -1.051  -10.236 1.00 20.42 ? 109 TYR A CZ  1 
ATOM   712  O OH  . TYR A 1 87  ? -15.488 -0.413  -11.418 1.00 24.06 ? 109 TYR A OH  1 
ATOM   713  N N   . ILE A 1 88  ? -12.428 -4.814  -8.889  1.00 8.42  ? 110 ILE A N   1 
ATOM   714  C CA  . ILE A 1 88  ? -11.342 -4.778  -9.857  1.00 9.16  ? 110 ILE A CA  1 
ATOM   715  C C   . ILE A 1 88  ? -11.546 -3.658  -10.864 1.00 8.54  ? 110 ILE A C   1 
ATOM   716  O O   . ILE A 1 88  ? -12.594 -3.590  -11.532 1.00 8.44  ? 110 ILE A O   1 
ATOM   717  C CB  . ILE A 1 88  ? -11.206 -6.129  -10.557 1.00 9.00  ? 110 ILE A CB  1 
ATOM   718  C CG1 . ILE A 1 88  ? -10.933 -7.245  -9.546  1.00 10.48 ? 110 ILE A CG1 1 
ATOM   719  C CG2 . ILE A 1 88  ? -10.085 -6.087  -11.597 1.00 11.07 ? 110 ILE A CG2 1 
ATOM   720  C CD1 . ILE A 1 88  ? -11.102 -8.639  -10.129 1.00 12.97 ? 110 ILE A CD1 1 
ATOM   721  N N   . LEU A 1 89  ? -10.548 -2.788  -10.986 1.00 7.27  ? 111 LEU A N   1 
ATOM   722  C CA  . LEU A 1 89  ? -10.579 -1.772  -12.028 1.00 7.99  ? 111 LEU A CA  1 
ATOM   723  C C   . LEU A 1 89  ? -10.469 -2.410  -13.395 1.00 8.13  ? 111 LEU A C   1 
ATOM   724  O O   . LEU A 1 89  ? -9.565  -3.194  -13.652 1.00 8.03  ? 111 LEU A O   1 
ATOM   725  C CB  . LEU A 1 89  ? -9.447  -0.765  -11.822 1.00 9.05  ? 111 LEU A CB  1 
ATOM   726  C CG  . LEU A 1 89  ? -9.292  0.340   -12.878 1.00 9.52  ? 111 LEU A CG  1 
ATOM   727  C CD1 . LEU A 1 89  ? -10.489 1.242   -12.949 1.00 10.90 ? 111 LEU A CD1 1 
ATOM   728  C CD2 . LEU A 1 89  ? -8.054  1.149   -12.555 1.00 11.93 ? 111 LEU A CD2 1 
ATOM   729  N N   . VAL A 1 90  ? -11.432 -2.104  -14.255 1.00 8.08  ? 112 VAL A N   1 
ATOM   730  C CA  . VAL A 1 90  ? -11.458 -2.673  -15.609 1.00 8.24  ? 112 VAL A CA  1 
ATOM   731  C C   . VAL A 1 90  ? -10.875 -1.711  -16.647 1.00 7.68  ? 112 VAL A C   1 
ATOM   732  O O   . VAL A 1 90  ? -9.973  -2.077  -17.379 1.00 8.76  ? 112 VAL A O   1 
ATOM   733  C CB  . VAL A 1 90  ? -12.868 -3.156  -16.005 1.00 8.15  ? 112 VAL A CB  1 
ATOM   734  C CG1 . VAL A 1 90  ? -12.870 -3.704  -17.426 1.00 10.20 ? 112 VAL A CG1 1 
ATOM   735  C CG2 . VAL A 1 90  ? -13.382 -4.209  -15.006 1.00 10.62 ? 112 VAL A CG2 1 
ATOM   736  N N   . THR A 1 91  ? -11.380 -0.489  -16.697 1.00 7.43  ? 113 THR A N   1 
ATOM   737  C CA  . THR A 1 91  ? -11.068 0.424   -17.796 1.00 7.86  ? 113 THR A CA  1 
ATOM   738  C C   . THR A 1 91  ? -10.493 1.716   -17.250 1.00 7.01  ? 113 THR A C   1 
ATOM   739  O O   . THR A 1 91  ? -11.174 2.427   -16.490 1.00 8.09  ? 113 THR A O   1 
ATOM   740  C CB  . THR A 1 91  ? -12.338 0.733   -18.616 1.00 8.94  ? 113 THR A CB  1 
ATOM   741  O OG1 . THR A 1 91  ? -12.885 -0.491  -19.121 1.00 11.58 ? 113 THR A OG1 1 
ATOM   742  C CG2 . THR A 1 91  ? -12.015 1.651   -19.785 1.00 10.05 ? 113 THR A CG2 1 
ATOM   743  N N   . SER A 1 92  ? -9.269  2.041   -17.644 1.00 5.79  ? 114 SER A N   1 
ATOM   744  C CA  . SER A 1 92  ? -8.664  3.313   -17.278 1.00 5.43  ? 114 SER A CA  1 
ATOM   745  C C   . SER A 1 92  ? -7.681  3.698   -18.358 1.00 6.03  ? 114 SER A C   1 
ATOM   746  O O   . SER A 1 92  ? -7.016  2.827   -18.923 1.00 7.32  ? 114 SER A O   1 
ATOM   747  C CB  . SER A 1 92  ? -7.943  3.171   -15.948 1.00 6.14  ? 114 SER A CB  1 
ATOM   748  O OG  . SER A 1 92  ? -7.282  4.378   -15.607 1.00 6.59  ? 114 SER A OG  1 
ATOM   749  N N   . ASN A 1 93  ? -7.517  4.986   -18.609 1.00 5.68  ? 115 ASN A N   1 
ATOM   750  C CA  . ASN A 1 93  ? -6.470  5.450   -19.525 1.00 6.05  ? 115 ASN A CA  1 
ATOM   751  C C   . ASN A 1 93  ? -5.073  5.402   -18.903 1.00 5.80  ? 115 ASN A C   1 
ATOM   752  O O   . ASN A 1 93  ? -4.088  5.421   -19.615 1.00 6.61  ? 115 ASN A O   1 
ATOM   753  C CB  . ASN A 1 93  ? -6.675  6.931   -19.904 1.00 5.93  ? 115 ASN A CB  1 
ATOM   754  C CG  . ASN A 1 93  ? -7.754  7.177   -20.943 1.00 5.58  ? 115 ASN A CG  1 
ATOM   755  O OD1 . ASN A 1 93  ? -8.203  6.263   -21.668 1.00 6.75  ? 115 ASN A OD1 1 
ATOM   756  N ND2 . ASN A 1 93  ? -8.154  8.436   -21.047 1.00 6.05  ? 115 ASN A ND2 1 
ATOM   757  N N   . THR A 1 94  ? -4.998  5.476   -17.568 1.00 5.80  ? 116 THR A N   1 
ATOM   758  C CA  . THR A 1 94  ? -3.777  5.944   -16.882 1.00 6.22  ? 116 THR A CA  1 
ATOM   759  C C   . THR A 1 94  ? -3.114  4.839   -16.076 1.00 5.60  ? 116 THR A C   1 
ATOM   760  O O   . THR A 1 94  ? -3.723  3.799   -15.821 1.00 6.14  ? 116 THR A O   1 
ATOM   761  C CB  . THR A 1 94  ? -4.108  7.141   -15.988 1.00 6.73  ? 116 THR A CB  1 
ATOM   762  O OG1 . THR A 1 94  ? -5.105  6.748   -15.058 1.00 8.00  ? 116 THR A OG1 1 
ATOM   763  C CG2 . THR A 1 94  ? -4.608  8.333   -16.823 1.00 8.37  ? 116 THR A CG2 1 
ATOM   764  N N   . SER A 1 95  ? -1.861  5.057   -15.680 1.00 6.12  ? 117 SER A N   1 
ATOM   765  C CA  . SER A 1 95  ? -1.001  3.995   -15.183 1.00 6.58  ? 117 SER A CA  1 
ATOM   766  C C   . SER A 1 95  ? -0.576  4.122   -13.721 1.00 6.96  ? 117 SER A C   1 
ATOM   767  O O   . SER A 1 95  ? 0.121   3.228   -13.219 1.00 8.00  ? 117 SER A O   1 
ATOM   768  C CB  . SER A 1 95  ? 0.250   3.939   -16.058 1.00 7.11  ? 117 SER A CB  1 
ATOM   769  O OG  . SER A 1 95  ? 0.938   5.172   -15.940 1.00 8.40  ? 117 SER A OG  1 
ATOM   770  N N   . HIS A 1 96  ? -0.927  5.217   -13.050 1.00 6.03  ? 118 HIS A N   1 
ATOM   771  C CA  . HIS A 1 96  ? -0.392  5.526   -11.710 1.00 6.39  ? 118 HIS A CA  1 
ATOM   772  C C   . HIS A 1 96  ? -1.479  5.474   -10.662 1.00 6.42  ? 118 HIS A C   1 
ATOM   773  O O   . HIS A 1 96  ? -2.525  6.109   -10.771 1.00 7.30  ? 118 HIS A O   1 
ATOM   774  C CB  . HIS A 1 96  ? 0.315   6.873   -11.726 1.00 8.06  ? 118 HIS A CB  1 
ATOM   775  C CG  . HIS A 1 96  ? 1.689   6.823   -12.320 1.00 7.60  ? 118 HIS A CG  1 
ATOM   776  N ND1 . HIS A 1 96  ? 1.960   6.249   -13.543 1.00 10.06 ? 118 HIS A ND1 1 
ATOM   777  C CD2 . HIS A 1 96  ? 2.878   7.284   -11.859 1.00 12.41 ? 118 HIS A CD2 1 
ATOM   778  C CE1 . HIS A 1 96  ? 3.253   6.349   -13.807 1.00 10.51 ? 118 HIS A CE1 1 
ATOM   779  N NE2 . HIS A 1 96  ? 3.830   6.973   -12.801 1.00 11.74 ? 118 HIS A NE2 1 
ATOM   780  N N   . TYR A 1 97  ? -1.228  4.695   -9.607  1.00 5.61  ? 119 TYR A N   1 
ATOM   781  C CA  . TYR A 1 97  ? -2.252  4.451   -8.575  1.00 5.88  ? 119 TYR A CA  1 
ATOM   782  C C   . TYR A 1 97  ? -1.585  4.517   -7.204  1.00 5.78  ? 119 TYR A C   1 
ATOM   783  O O   . TYR A 1 97  ? -0.448  4.998   -7.088  1.00 6.91  ? 119 TYR A O   1 
ATOM   784  C CB  . TYR A 1 97  ? -2.984  3.108   -8.817  1.00 5.98  ? 119 TYR A CB  1 
ATOM   785  C CG  . TYR A 1 97  ? -3.689  3.083   -10.155 1.00 6.00  ? 119 TYR A CG  1 
ATOM   786  C CD1 . TYR A 1 97  ? -4.923  3.702   -10.319 1.00 6.04  ? 119 TYR A CD1 1 
ATOM   787  C CD2 . TYR A 1 97  ? -3.104  2.473   -11.267 1.00 5.88  ? 119 TYR A CD2 1 
ATOM   788  C CE1 . TYR A 1 97  ? -5.574  3.701   -11.575 1.00 5.62  ? 119 TYR A CE1 1 
ATOM   789  C CE2 . TYR A 1 97  ? -3.742  2.486   -12.536 1.00 6.19  ? 119 TYR A CE2 1 
ATOM   790  C CZ  . TYR A 1 97  ? -4.966  3.084   -12.645 1.00 5.64  ? 119 TYR A CZ  1 
ATOM   791  O OH  . TYR A 1 97  ? -5.642  3.132   -13.840 1.00 7.30  ? 119 TYR A OH  1 
ATOM   792  N N   . ASP A 1 98  ? -2.270  4.077   -6.158  1.00 5.26  ? 120 ASP A N   1 
ATOM   793  C CA  . ASP A 1 98  ? -1.593  3.790   -4.879  1.00 5.73  ? 120 ASP A CA  1 
ATOM   794  C C   . ASP A 1 98  ? -1.117  2.340   -4.969  1.00 4.60  ? 120 ASP A C   1 
ATOM   795  O O   . ASP A 1 98  ? -1.219  1.697   -6.031  1.00 5.49  ? 120 ASP A O   1 
ATOM   796  C CB  . ASP A 1 98  ? -2.549  3.954   -3.700  1.00 5.60  ? 120 ASP A CB  1 
ATOM   797  C CG  . ASP A 1 98  ? -3.086  5.373   -3.548  1.00 6.16  ? 120 ASP A CG  1 
ATOM   798  O OD1 . ASP A 1 98  ? -2.502  6.346   -4.090  1.00 6.93  ? 120 ASP A OD1 1 
ATOM   799  O OD2 . ASP A 1 98  ? -4.120  5.491   -2.848  1.00 8.07  ? 120 ASP A OD2 1 
ATOM   800  N N   . THR A 1 99  ? -0.611  1.779   -3.873  1.00 4.97  ? 121 THR A N   1 
ATOM   801  C CA  . THR A 1 99  ? -0.322  0.350   -3.843  1.00 5.51  ? 121 THR A CA  1 
ATOM   802  C C   . THR A 1 99  ? -0.826  -0.301  -2.595  1.00 4.73  ? 121 THR A C   1 
ATOM   803  O O   . THR A 1 99  ? -0.966  0.351   -1.536  1.00 6.16  ? 121 THR A O   1 
ATOM   804  C CB  . THR A 1 99  ? 1.187   0.044   -4.045  1.00 6.51  ? 121 THR A CB  1 
ATOM   805  O OG1 . THR A 1 99  ? 1.352   -1.338  -4.400  1.00 7.59  ? 121 THR A OG1 1 
ATOM   806  C CG2 . THR A 1 99  ? 2.042   0.432   -2.863  1.00 8.62  ? 121 THR A CG2 1 
ATOM   807  N N   . TYR A 1 100 ? -1.075  -1.597  -2.692  1.00 4.51  ? 122 TYR A N   1 
ATOM   808  C CA  . TYR A 1 100 ? -1.199  -2.457  -1.529  1.00 4.73  ? 122 TYR A CA  1 
ATOM   809  C C   . TYR A 1 100 ? 0.084   -3.240  -1.379  1.00 4.97  ? 122 TYR A C   1 
ATOM   810  O O   . TYR A 1 100 ? 0.817   -3.482  -2.348  1.00 6.04  ? 122 TYR A O   1 
ATOM   811  C CB  . TYR A 1 100 ? -2.426  -3.386  -1.657  1.00 4.70  ? 122 TYR A CB  1 
ATOM   812  C CG  . TYR A 1 100 ? -3.676  -2.589  -1.782  1.00 4.34  ? 122 TYR A CG  1 
ATOM   813  C CD1 . TYR A 1 100 ? -4.290  -2.050  -0.650  1.00 5.37  ? 122 TYR A CD1 1 
ATOM   814  C CD2 . TYR A 1 100 ? -4.235  -2.306  -3.033  1.00 5.19  ? 122 TYR A CD2 1 
ATOM   815  C CE1 . TYR A 1 100 ? -5.421  -1.254  -0.759  1.00 5.80  ? 122 TYR A CE1 1 
ATOM   816  C CE2 . TYR A 1 100 ? -5.366  -1.520  -3.148  1.00 6.15  ? 122 TYR A CE2 1 
ATOM   817  C CZ  . TYR A 1 100 ? -5.940  -0.979  -2.006  1.00 5.61  ? 122 TYR A CZ  1 
ATOM   818  O OH  . TYR A 1 100 ? -7.035  -0.137  -2.037  1.00 6.73  ? 122 TYR A OH  1 
ATOM   819  N N   . CYS A 1 101 ? 0.385   -3.640  -0.146  1.00 5.30  ? 123 CYS A N   1 
ATOM   820  C CA  . CYS A 1 101 ? 1.548   -4.467  0.162   1.00 5.85  ? 123 CYS A CA  1 
ATOM   821  C C   . CYS A 1 101 ? 1.139   -5.527  1.172   1.00 5.23  ? 123 CYS A C   1 
ATOM   822  O O   . CYS A 1 101 ? 0.171   -5.342  1.924   1.00 5.62  ? 123 CYS A O   1 
ATOM   823  C CB  . CYS A 1 101 ? 2.669   -3.623  0.759   1.00 5.95  ? 123 CYS A CB  1 
ATOM   824  S SG  . CYS A 1 101 ? 3.371   -2.351  -0.286  1.00 9.50  ? 123 CYS A SG  1 
ATOM   825  N N   . PHE A 1 102 ? 1.871   -6.630  1.183   1.00 5.27  ? 124 PHE A N   1 
ATOM   826  C CA  . PHE A 1 102 ? 1.613   -7.753  2.059   1.00 5.74  ? 124 PHE A CA  1 
ATOM   827  C C   . PHE A 1 102 ? 2.865   -8.157  2.794   1.00 5.61  ? 124 PHE A C   1 
ATOM   828  O O   . PHE A 1 102 ? 3.873   -8.489  2.170   1.00 5.94  ? 124 PHE A O   1 
ATOM   829  C CB  . PHE A 1 102 ? 1.079   -8.958  1.258   1.00 5.93  ? 124 PHE A CB  1 
ATOM   830  C CG  . PHE A 1 102 ? 1.070   -10.228 2.050   1.00 5.44  ? 124 PHE A CG  1 
ATOM   831  C CD1 . PHE A 1 102 ? 0.205   -10.367 3.124   1.00 5.66  ? 124 PHE A CD1 1 
ATOM   832  C CD2 . PHE A 1 102 ? 1.980   -11.238 1.795   1.00 7.55  ? 124 PHE A CD2 1 
ATOM   833  C CE1 . PHE A 1 102 ? 0.221   -11.508 3.925   1.00 6.15  ? 124 PHE A CE1 1 
ATOM   834  C CE2 . PHE A 1 102 ? 2.009   -12.389 2.606   1.00 8.46  ? 124 PHE A CE2 1 
ATOM   835  C CZ  . PHE A 1 102 ? 1.111   -12.522 3.651   1.00 8.19  ? 124 PHE A CZ  1 
ATOM   836  N N   A ASN A 1 103 ? 2.754   -8.148  4.126   0.50 5.95  ? 125 ASN A N   1 
ATOM   837  N N   B ASN A 1 103 ? 2.788   -8.124  4.126   0.50 6.02  ? 125 ASN A N   1 
ATOM   838  C CA  A ASN A 1 103 ? 3.828   -8.520  5.037   0.50 6.77  ? 125 ASN A CA  1 
ATOM   839  C CA  B ASN A 1 103 ? 3.892   -8.562  4.964   0.50 6.69  ? 125 ASN A CA  1 
ATOM   840  C C   A ASN A 1 103 ? 3.442   -9.808  5.764   0.50 6.92  ? 125 ASN A C   1 
ATOM   841  C C   B ASN A 1 103 ? 3.474   -9.794  5.754   0.50 6.98  ? 125 ASN A C   1 
ATOM   842  O O   A ASN A 1 103 ? 2.592   -9.776  6.650   0.50 6.88  ? 125 ASN A O   1 
ATOM   843  O O   B ASN A 1 103 ? 2.637   -9.717  6.650   0.50 6.75  ? 125 ASN A O   1 
ATOM   844  C CB  A ASN A 1 103 ? 4.026   -7.403  6.060   0.50 7.44  ? 125 ASN A CB  1 
ATOM   845  C CB  B ASN A 1 103 ? 4.343   -7.445  5.893   0.50 7.80  ? 125 ASN A CB  1 
ATOM   846  C CG  A ASN A 1 103 ? 5.006   -7.791  7.146   0.50 9.20  ? 125 ASN A CG  1 
ATOM   847  C CG  B ASN A 1 103 ? 5.623   -7.786  6.607   0.50 8.09  ? 125 ASN A CG  1 
ATOM   848  O OD1 A ASN A 1 103 ? 5.818   -8.706  6.973   0.50 12.10 ? 125 ASN A OD1 1 
ATOM   849  O OD1 B ASN A 1 103 ? 5.837   -8.935  6.994   0.50 11.11 ? 125 ASN A OD1 1 
ATOM   850  N ND2 A ASN A 1 103 ? 4.914   -7.118  8.286   0.50 10.67 ? 125 ASN A ND2 1 
ATOM   851  N ND2 B ASN A 1 103 ? 6.496   -6.805  6.776   0.50 10.79 ? 125 ASN A ND2 1 
ATOM   852  N N   . ALA A 1 104 ? 4.054   -10.923 5.381   1.00 8.10  ? 126 ALA A N   1 
ATOM   853  C CA  . ALA A 1 104 ? 3.724   -12.209 5.994   1.00 9.42  ? 126 ALA A CA  1 
ATOM   854  C C   . ALA A 1 104 ? 3.982   -12.297 7.492   1.00 10.08 ? 126 ALA A C   1 
ATOM   855  O O   . ALA A 1 104 ? 3.380   -13.135 8.174   1.00 11.89 ? 126 ALA A O   1 
ATOM   856  C CB  . ALA A 1 104 ? 4.454   -13.339 5.280   1.00 11.21 ? 126 ALA A CB  1 
ATOM   857  N N   A SER A 1 105 ? 4.859   -11.444 8.008   0.50 9.49  ? 127 SER A N   1 
ATOM   858  N N   B SER A 1 105 ? 4.861   -11.447 8.015   0.50 9.58  ? 127 SER A N   1 
ATOM   859  C CA  A SER A 1 105 ? 5.215   -11.506 9.422   0.50 10.38 ? 127 SER A CA  1 
ATOM   860  C CA  B SER A 1 105 ? 5.206   -11.508 9.440   0.50 10.56 ? 127 SER A CA  1 
ATOM   861  C C   A SER A 1 105 ? 4.302   -10.659 10.319  0.50 10.23 ? 127 SER A C   1 
ATOM   862  C C   B SER A 1 105 ? 4.302   -10.646 10.324  0.50 10.33 ? 127 SER A C   1 
ATOM   863  O O   A SER A 1 105 ? 4.462   -10.659 11.538  0.50 11.31 ? 127 SER A O   1 
ATOM   864  O O   B SER A 1 105 ? 4.480   -10.610 11.540  0.50 11.42 ? 127 SER A O   1 
ATOM   865  C CB  A SER A 1 105 ? 6.689   -11.133 9.612   0.50 11.06 ? 127 SER A CB  1 
ATOM   866  C CB  B SER A 1 105 ? 6.672   -11.128 9.661   0.50 11.28 ? 127 SER A CB  1 
ATOM   867  O OG  A SER A 1 105 ? 7.524   -11.994 8.852   0.50 12.46 ? 127 SER A OG  1 
ATOM   868  O OG  B SER A 1 105 ? 6.845   -9.725  9.619   0.50 13.25 ? 127 SER A OG  1 
ATOM   869  N N   . ALA A 1 106 ? 3.324   -9.968  9.731   1.00 9.96  ? 128 ALA A N   1 
ATOM   870  C CA  . ALA A 1 106 ? 2.365   -9.171  10.486  1.00 9.30  ? 128 ALA A CA  1 
ATOM   871  C C   . ALA A 1 106 ? 1.387   -10.087 11.253  1.00 9.47  ? 128 ALA A C   1 
ATOM   872  O O   . ALA A 1 106 ? 1.327   -11.287 10.985  1.00 9.28  ? 128 ALA A O   1 
ATOM   873  C CB  . ALA A 1 106 ? 1.608   -8.227  9.534   1.00 9.98  ? 128 ALA A CB  1 
ATOM   874  N N   . PRO A 1 107 ? 0.613   -9.545  12.202  1.00 9.59  ? 129 PRO A N   1 
ATOM   875  C CA  . PRO A 1 107 ? -0.380  -10.377 12.896  1.00 9.53  ? 129 PRO A CA  1 
ATOM   876  C C   . PRO A 1 107 ? -1.486  -10.889 11.950  1.00 9.68  ? 129 PRO A C   1 
ATOM   877  O O   . PRO A 1 107 ? -1.708  -10.326 10.871  1.00 8.59  ? 129 PRO A O   1 
ATOM   878  C CB  . PRO A 1 107 ? -0.962  -9.423  13.941  1.00 9.96  ? 129 PRO A CB  1 
ATOM   879  C CG  . PRO A 1 107 ? 0.124   -8.401  14.170  1.00 11.31 ? 129 PRO A CG  1 
ATOM   880  C CD  . PRO A 1 107 ? 0.680   -8.186  12.775  1.00 10.42 ? 129 PRO A CD  1 
ATOM   881  N N   . PRO A 1 108 ? -2.207  -11.944 12.342  1.00 8.36  ? 130 PRO A N   1 
ATOM   882  C CA  . PRO A 1 108 ? -3.150  -12.586 11.409  1.00 8.61  ? 130 PRO A CA  1 
ATOM   883  C C   . PRO A 1 108 ? -4.430  -11.804 11.153  1.00 8.15  ? 130 PRO A C   1 
ATOM   884  O O   . PRO A 1 108 ? -5.093  -12.025 10.131  1.00 7.99  ? 130 PRO A O   1 
ATOM   885  C CB  . PRO A 1 108 ? -3.488  -13.921 12.110  1.00 9.35  ? 130 PRO A CB  1 
ATOM   886  C CG  . PRO A 1 108 ? -3.226  -13.656 13.588  1.00 9.55  ? 130 PRO A CG  1 
ATOM   887  C CD  . PRO A 1 108 ? -2.011  -12.751 13.561  1.00 9.43  ? 130 PRO A CD  1 
ATOM   888  N N   . GLU A 1 109 ? -4.805  -10.909 12.066  1.00 8.53  ? 131 GLU A N   1 
ATOM   889  C CA  . GLU A 1 109 ? -6.065  -10.197 11.923  1.00 9.32  ? 131 GLU A CA  1 
ATOM   890  C C   . GLU A 1 109 ? -5.818  -8.688  11.781  1.00 7.91  ? 131 GLU A C   1 
ATOM   891  O O   . GLU A 1 109 ? -4.945  -8.287  11.007  1.00 8.36  ? 131 GLU A O   1 
ATOM   892  C CB  . GLU A 1 109 ? -7.077  -10.648 12.987  1.00 11.05 ? 131 GLU A CB  1 
ATOM   893  C CG  . GLU A 1 109 ? -7.192  -12.196 12.985  1.00 15.07 ? 131 GLU A CG  1 
ATOM   894  C CD  . GLU A 1 109 ? -8.404  -12.731 13.686  1.00 21.05 ? 131 GLU A CD  1 
ATOM   895  O OE1 . GLU A 1 109 ? -8.410  -12.691 14.934  1.00 23.88 ? 131 GLU A OE1 1 
ATOM   896  O OE2 . GLU A 1 109 ? -9.321  -13.229 12.984  1.00 24.52 ? 131 GLU A OE2 1 
ATOM   897  N N   . GLU A 1 110 ? -6.544  -7.848  12.505  1.00 8.88  ? 132 GLU A N   1 
ATOM   898  C CA  . GLU A 1 110 ? -6.353  -6.405  12.390  1.00 10.32 ? 132 GLU A CA  1 
ATOM   899  C C   . GLU A 1 110 ? -5.180  -5.963  13.242  1.00 9.59  ? 132 GLU A C   1 
ATOM   900  O O   . GLU A 1 110 ? -5.119  -6.326  14.427  1.00 10.99 ? 132 GLU A O   1 
ATOM   901  C CB  . GLU A 1 110 ? -7.620  -5.687  12.841  1.00 12.09 ? 132 GLU A CB  1 
ATOM   902  C CG  . GLU A 1 110 ? -7.534  -4.170  12.850  1.00 15.02 ? 132 GLU A CG  1 
ATOM   903  C CD  . GLU A 1 110 ? -8.809  -3.544  13.397  1.00 18.96 ? 132 GLU A CD  1 
ATOM   904  O OE1 . GLU A 1 110 ? -9.104  -3.739  14.600  1.00 22.76 ? 132 GLU A OE1 1 
ATOM   905  O OE2 . GLU A 1 110 ? -9.506  -2.858  12.623  1.00 21.98 ? 132 GLU A OE2 1 
ATOM   906  N N   . ASP A 1 111 ? -4.250  -5.219  12.666  1.00 9.07  ? 133 ASP A N   1 
ATOM   907  C CA  . ASP A 1 111 ? -3.156  -4.620  13.403  1.00 9.37  ? 133 ASP A CA  1 
ATOM   908  C C   . ASP A 1 111 ? -3.144  -3.138  13.123  1.00 9.31  ? 133 ASP A C   1 
ATOM   909  O O   . ASP A 1 111 ? -2.656  -2.664  12.063  1.00 8.90  ? 133 ASP A O   1 
ATOM   910  C CB  . ASP A 1 111 ? -1.824  -5.254  13.014  1.00 9.07  ? 133 ASP A CB  1 
ATOM   911  C CG  . ASP A 1 111 ? -0.650  -4.624  13.731  1.00 10.11 ? 133 ASP A CG  1 
ATOM   912  O OD1 . ASP A 1 111 ? -0.864  -3.853  14.716  1.00 11.10 ? 133 ASP A OD1 1 
ATOM   913  O OD2 . ASP A 1 111 ? 0.500   -4.897  13.344  1.00 12.08 ? 133 ASP A OD2 1 
ATOM   914  N N   . CYS A 1 112 ? -3.710  -2.382  14.059  1.00 10.42 ? 134 CYS A N   1 
ATOM   915  C CA  . CYS A 1 112 ? -3.793  -0.945  13.887  1.00 12.16 ? 134 CYS A CA  1 
ATOM   916  C C   . CYS A 1 112 ? -2.748  -0.212  14.698  1.00 12.00 ? 134 CYS A C   1 
ATOM   917  O O   . CYS A 1 112 ? -2.963  0.956   15.048  1.00 12.94 ? 134 CYS A O   1 
ATOM   918  C CB  . CYS A 1 112 ? -5.206  -0.403  14.161  1.00 13.92 ? 134 CYS A CB  1 
ATOM   919  S SG  . CYS A 1 112 ? -6.318  -0.653  12.741  1.00 16.65 ? 134 CYS A SG  1 
ATOM   920  N N   . THR A 1 113 ? -1.628  -0.867  14.981  1.00 10.59 ? 135 THR A N   1 
ATOM   921  C CA  . THR A 1 113 ? -0.498  -0.169  15.560  1.00 10.76 ? 135 THR A CA  1 
ATOM   922  C C   . THR A 1 113 ? 0.180   0.608   14.443  1.00 10.05 ? 135 THR A C   1 
ATOM   923  O O   . THR A 1 113 ? -0.059  0.332   13.234  1.00 11.28 ? 135 THR A O   1 
ATOM   924  C CB  . THR A 1 113 ? 0.494   -1.119  16.232  1.00 10.31 ? 135 THR A CB  1 
ATOM   925  O OG1 . THR A 1 113 ? 0.971   -2.061  15.257  1.00 11.48 ? 135 THR A OG1 1 
ATOM   926  C CG2 . THR A 1 113 ? -0.167  -1.832  17.421  1.00 12.97 ? 135 THR A CG2 1 
ATOM   927  N N   A SER A 1 114 ? 1.011   1.578   14.815  0.50 10.40 ? 136 SER A N   1 
ATOM   928  N N   B SER A 1 114 ? 1.044   1.544   14.810  0.50 9.95  ? 136 SER A N   1 
ATOM   929  C CA  A SER A 1 114 ? 1.740   2.388   13.850  0.50 10.74 ? 136 SER A CA  1 
ATOM   930  C CA  B SER A 1 114 ? 1.710   2.384   13.836  0.50 9.95  ? 136 SER A CA  1 
ATOM   931  C C   A SER A 1 114 ? 2.831   1.579   13.183  0.50 10.84 ? 136 SER A C   1 
ATOM   932  C C   B SER A 1 114 ? 2.961   1.721   13.273  0.50 10.61 ? 136 SER A C   1 
ATOM   933  O O   A SER A 1 114 ? 3.290   0.568   13.718  0.50 11.24 ? 136 SER A O   1 
ATOM   934  O O   B SER A 1 114 ? 3.654   0.937   13.954  0.50 10.14 ? 136 SER A O   1 
ATOM   935  C CB  A SER A 1 114 ? 2.356   3.621   14.519  0.50 11.41 ? 136 SER A CB  1 
ATOM   936  C CB  B SER A 1 114 ? 2.018   3.753   14.445  0.50 9.91  ? 136 SER A CB  1 
ATOM   937  O OG  A SER A 1 114 ? 1.398   4.645   14.729  0.50 11.38 ? 136 SER A OG  1 
ATOM   938  O OG  B SER A 1 114 ? 2.651   3.596   15.701  0.50 8.89  ? 136 SER A OG  1 
ATOM   939  N N   . VAL A 1 115 ? 3.252   2.063   12.019  1.00 10.57 ? 137 VAL A N   1 
ATOM   940  C CA  . VAL A 1 115 ? 4.436   1.560   11.311  1.00 12.36 ? 137 VAL A CA  1 
ATOM   941  C C   . VAL A 1 115 ? 5.588   2.493   11.675  1.00 13.69 ? 137 VAL A C   1 
ATOM   942  O O   . VAL A 1 115 ? 5.468   3.724   11.557  1.00 14.43 ? 137 VAL A O   1 
ATOM   943  C CB  . VAL A 1 115 ? 4.190   1.562   9.781   1.00 11.96 ? 137 VAL A CB  1 
ATOM   944  C CG1 . VAL A 1 115 ? 5.455   1.174   9.021   1.00 12.85 ? 137 VAL A CG1 1 
ATOM   945  C CG2 . VAL A 1 115 ? 3.043   0.623   9.418   1.00 12.85 ? 137 VAL A CG2 1 
ATOM   946  N N   . THR A 1 116 ? 6.697   1.911   12.135  1.00 16.43 ? 138 THR A N   1 
ATOM   947  C CA  . THR A 1 116 ? 7.801   2.702   12.704  1.00 18.89 ? 138 THR A CA  1 
ATOM   948  C C   . THR A 1 116 ? 9.161   2.453   12.039  1.00 18.95 ? 138 THR A C   1 
ATOM   949  O O   . THR A 1 116 ? 10.207  2.828   12.585  1.00 19.54 ? 138 THR A O   1 
ATOM   950  C CB  . THR A 1 116 ? 7.955   2.463   14.242  1.00 19.88 ? 138 THR A CB  1 
ATOM   951  O OG1 . THR A 1 116 ? 7.929   1.057   14.525  1.00 22.97 ? 138 THR A OG1 1 
ATOM   952  C CG2 . THR A 1 116 ? 6.851   3.150   15.028  1.00 22.40 ? 138 THR A CG2 1 
ATOM   953  N N   . ASP A 1 117 ? 9.148   1.832   10.868  1.00 19.19 ? 139 ASP A N   1 
ATOM   954  C CA  . ASP A 1 117 ? 10.386  1.454   10.196  1.00 19.74 ? 139 ASP A CA  1 
ATOM   955  C C   . ASP A 1 117 ? 10.133  1.189   8.724   1.00 18.92 ? 139 ASP A C   1 
ATOM   956  O O   . ASP A 1 117 ? 9.026   0.811   8.322   1.00 18.42 ? 139 ASP A O   1 
ATOM   957  C CB  . ASP A 1 117 ? 11.001  0.209   10.862  1.00 21.16 ? 139 ASP A CB  1 
ATOM   958  C CG  . ASP A 1 117 ? 12.436  -0.076  10.406  1.00 23.57 ? 139 ASP A CG  1 
ATOM   959  O OD1 . ASP A 1 117 ? 13.122  0.822   9.852   1.00 27.35 ? 139 ASP A OD1 1 
ATOM   960  O OD2 . ASP A 1 117 ? 12.883  -1.223  10.617  1.00 28.12 ? 139 ASP A OD2 1 
ATOM   961  N N   . LEU A 1 118 ? 11.166  1.415   7.916   1.00 18.14 ? 140 LEU A N   1 
ATOM   962  C CA  . LEU A 1 118 ? 11.159  1.051   6.512   1.00 17.44 ? 140 LEU A CA  1 
ATOM   963  C C   . LEU A 1 118 ? 12.383  0.149   6.349   1.00 16.98 ? 140 LEU A C   1 
ATOM   964  O O   . LEU A 1 118 ? 13.450  0.603   5.882   1.00 16.87 ? 140 LEU A O   1 
ATOM   965  C CB  . LEU A 1 118 ? 11.228  2.298   5.625   1.00 17.64 ? 140 LEU A CB  1 
ATOM   966  C CG  . LEU A 1 118 ? 11.167  2.079   4.112   1.00 17.41 ? 140 LEU A CG  1 
ATOM   967  C CD1 . LEU A 1 118 ? 9.800   1.515   3.689   1.00 18.65 ? 140 LEU A CD1 1 
ATOM   968  C CD2 . LEU A 1 118 ? 11.469  3.361   3.352   1.00 19.62 ? 140 LEU A CD2 1 
ATOM   969  N N   . PRO A 1 119 ? 12.256  -1.125  6.759   1.00 16.07 ? 141 PRO A N   1 
ATOM   970  C CA  . PRO A 1 119 ? 13.442  -1.912  7.103   1.00 15.91 ? 141 PRO A CA  1 
ATOM   971  C C   . PRO A 1 119 ? 14.363  -2.241  5.933   1.00 15.34 ? 141 PRO A C   1 
ATOM   972  O O   . PRO A 1 119 ? 15.536  -2.550  6.141   1.00 15.84 ? 141 PRO A O   1 
ATOM   973  C CB  . PRO A 1 119 ? 12.842  -3.192  7.691   1.00 16.13 ? 141 PRO A CB  1 
ATOM   974  C CG  . PRO A 1 119 ? 11.491  -3.286  7.083   1.00 16.83 ? 141 PRO A CG  1 
ATOM   975  C CD  . PRO A 1 119 ? 11.006  -1.908  6.918   1.00 16.56 ? 141 PRO A CD  1 
ATOM   976  N N   . ASN A 1 120 ? 13.862  -2.172  4.713   1.00 13.45 ? 142 ASN A N   1 
ATOM   977  C CA  . ASN A 1 120 ? 14.621  -2.655  3.584   1.00 13.60 ? 142 ASN A CA  1 
ATOM   978  C C   . ASN A 1 120 ? 14.874  -1.588  2.532   1.00 12.38 ? 142 ASN A C   1 
ATOM   979  O O   . ASN A 1 120 ? 15.149  -1.905  1.383   1.00 13.41 ? 142 ASN A O   1 
ATOM   980  C CB  . ASN A 1 120 ? 13.925  -3.873  2.983   1.00 13.64 ? 142 ASN A CB  1 
ATOM   981  C CG  . ASN A 1 120 ? 14.850  -4.746  2.205   1.00 15.76 ? 142 ASN A CG  1 
ATOM   982  O OD1 . ASN A 1 120 ? 16.021  -4.931  2.589   1.00 17.63 ? 142 ASN A OD1 1 
ATOM   983  N ND2 . ASN A 1 120 ? 14.357  -5.309  1.114   1.00 16.45 ? 142 ASN A ND2 1 
ATOM   984  N N   . SER A 1 121 ? 14.769  -0.325  2.932   1.00 11.92 ? 143 SER A N   1 
ATOM   985  C CA  . SER A 1 121 ? 15.229  0.768   2.071   1.00 11.73 ? 143 SER A CA  1 
ATOM   986  C C   . SER A 1 121 ? 16.744  0.697   1.933   1.00 11.11 ? 143 SER A C   1 
ATOM   987  O O   . SER A 1 121 ? 17.440  0.121   2.781   1.00 11.52 ? 143 SER A O   1 
ATOM   988  C CB  . SER A 1 121 ? 14.826  2.115   2.656   1.00 12.02 ? 143 SER A CB  1 
ATOM   989  O OG  . SER A 1 121 ? 15.538  2.354   3.853   1.00 15.49 ? 143 SER A OG  1 
ATOM   990  N N   . PHE A 1 122 ? 17.235  1.245   0.841   1.00 10.44 ? 144 PHE A N   1 
ATOM   991  C CA  . PHE A 1 122 ? 18.672  1.235   0.606   1.00 10.51 ? 144 PHE A CA  1 
ATOM   992  C C   . PHE A 1 122 ? 19.261  2.632   0.729   1.00 11.04 ? 144 PHE A C   1 
ATOM   993  O O   . PHE A 1 122 ? 18.541  3.622   0.910   1.00 11.32 ? 144 PHE A O   1 
ATOM   994  C CB  . PHE A 1 122 ? 19.055  0.469   -0.677  1.00 12.46 ? 144 PHE A CB  1 
ATOM   995  C CG  . PHE A 1 122 ? 18.326  0.886   -1.922  1.00 13.44 ? 144 PHE A CG  1 
ATOM   996  C CD1 . PHE A 1 122 ? 18.787  1.952   -2.689  1.00 15.05 ? 144 PHE A CD1 1 
ATOM   997  C CD2 . PHE A 1 122 ? 17.228  0.163   -2.382  1.00 15.07 ? 144 PHE A CD2 1 
ATOM   998  C CE1 . PHE A 1 122 ? 18.144  2.326   -3.870  1.00 15.90 ? 144 PHE A CE1 1 
ATOM   999  C CE2 . PHE A 1 122 ? 16.575  0.527   -3.558  1.00 16.36 ? 144 PHE A CE2 1 
ATOM   1000 C CZ  . PHE A 1 122 ? 17.026  1.620   -4.298  1.00 16.53 ? 144 PHE A CZ  1 
ATOM   1001 N N   . ASP A 1 123 ? 20.592  2.712   0.702   1.00 10.56 ? 145 ASP A N   1 
ATOM   1002 C CA  . ASP A 1 123 ? 21.280  3.991   0.819   1.00 10.41 ? 145 ASP A CA  1 
ATOM   1003 C C   . ASP A 1 123 ? 20.805  4.946   -0.282  1.00 10.09 ? 145 ASP A C   1 
ATOM   1004 O O   . ASP A 1 123 ? 20.644  4.553   -1.430  1.00 11.33 ? 145 ASP A O   1 
ATOM   1005 C CB  . ASP A 1 123 ? 22.793  3.769   0.694   1.00 10.60 ? 145 ASP A CB  1 
ATOM   1006 C CG  . ASP A 1 123 ? 23.575  5.039   0.815   1.00 13.48 ? 145 ASP A CG  1 
ATOM   1007 O OD1 . ASP A 1 123 ? 23.864  5.441   1.954   1.00 14.71 ? 145 ASP A OD1 1 
ATOM   1008 O OD2 . ASP A 1 123 ? 23.902  5.627   -0.232  1.00 15.87 ? 145 ASP A OD2 1 
ATOM   1009 N N   . GLY A 1 124 ? 20.615  6.209   0.079   1.00 10.76 ? 146 GLY A N   1 
ATOM   1010 C CA  . GLY A 1 124 ? 20.217  7.200   -0.901  1.00 11.89 ? 146 GLY A CA  1 
ATOM   1011 C C   . GLY A 1 124 ? 19.996  8.563   -0.282  1.00 12.74 ? 146 GLY A C   1 
ATOM   1012 O O   . GLY A 1 124 ? 20.108  8.724   0.932   1.00 13.33 ? 146 GLY A O   1 
ATOM   1013 N N   . PRO A 1 125 ? 19.641  9.543   -1.119  1.00 13.37 ? 147 PRO A N   1 
ATOM   1014 C CA  . PRO A 1 125 ? 19.605  10.934  -0.689  1.00 14.21 ? 147 PRO A CA  1 
ATOM   1015 C C   . PRO A 1 125 ? 18.229  11.460  -0.267  1.00 14.50 ? 147 PRO A C   1 
ATOM   1016 O O   . PRO A 1 125 ? 18.133  12.599  0.180   1.00 15.27 ? 147 PRO A O   1 
ATOM   1017 C CB  . PRO A 1 125 ? 20.041  11.666  -1.952  1.00 14.99 ? 147 PRO A CB  1 
ATOM   1018 C CG  . PRO A 1 125 ? 19.461  10.855  -3.047  1.00 15.49 ? 147 PRO A CG  1 
ATOM   1019 C CD  . PRO A 1 125 ? 19.493  9.418   -2.581  1.00 14.47 ? 147 PRO A CD  1 
ATOM   1020 N N   . VAL A 1 126 ? 17.175  10.656  -0.406  1.00 13.57 ? 148 VAL A N   1 
ATOM   1021 C CA  . VAL A 1 126 ? 15.797  11.115  -0.185  1.00 13.69 ? 148 VAL A CA  1 
ATOM   1022 C C   . VAL A 1 126 ? 15.418  11.015  1.285   1.00 12.65 ? 148 VAL A C   1 
ATOM   1023 O O   . VAL A 1 126 ? 15.658  9.993   1.931   1.00 12.99 ? 148 VAL A O   1 
ATOM   1024 C CB  . VAL A 1 126 ? 14.792  10.291  -1.043  1.00 13.64 ? 148 VAL A CB  1 
ATOM   1025 C CG1 . VAL A 1 126 ? 13.388  10.873  -0.966  1.00 14.56 ? 148 VAL A CG1 1 
ATOM   1026 C CG2 . VAL A 1 126 ? 15.260  10.194  -2.507  1.00 15.11 ? 148 VAL A CG2 1 
ATOM   1027 N N   . THR A 1 127 ? 14.798  12.063  1.814   1.00 12.39 ? 149 THR A N   1 
ATOM   1028 C CA  . THR A 1 127 ? 14.175  11.969  3.122   1.00 12.71 ? 149 THR A CA  1 
ATOM   1029 C C   . THR A 1 127 ? 12.813  11.304  2.934   1.00 11.11 ? 149 THR A C   1 
ATOM   1030 O O   . THR A 1 127 ? 11.901  11.869  2.325   1.00 11.74 ? 149 THR A O   1 
ATOM   1031 C CB  . THR A 1 127 ? 14.005  13.344  3.773   1.00 13.30 ? 149 THR A CB  1 
ATOM   1032 O OG1 . THR A 1 127 ? 15.301  13.926  3.969   1.00 16.78 ? 149 THR A OG1 1 
ATOM   1033 C CG2 . THR A 1 127 ? 13.333  13.215  5.130   1.00 15.43 ? 149 THR A CG2 1 
ATOM   1034 N N   . ILE A 1 128 ? 12.704  10.084  3.429   1.00 10.02 ? 150 ILE A N   1 
ATOM   1035 C CA  . ILE A 1 128 ? 11.469  9.303   3.316   1.00 9.91  ? 150 ILE A CA  1 
ATOM   1036 C C   . ILE A 1 128 ? 10.758  9.316   4.660   1.00 10.11 ? 150 ILE A C   1 
ATOM   1037 O O   . ILE A 1 128 ? 11.337  8.917   5.681   1.00 10.35 ? 150 ILE A O   1 
ATOM   1038 C CB  . ILE A 1 128 ? 11.770  7.853   2.900   1.00 10.25 ? 150 ILE A CB  1 
ATOM   1039 C CG1 . ILE A 1 128 ? 12.564  7.814   1.595   1.00 11.90 ? 150 ILE A CG1 1 
ATOM   1040 C CG2 . ILE A 1 128 ? 10.473  7.056   2.749   1.00 10.95 ? 150 ILE A CG2 1 
ATOM   1041 C CD1 . ILE A 1 128 ? 13.206  6.455   1.313   1.00 14.65 ? 150 ILE A CD1 1 
ATOM   1042 N N   . THR A 1 129 ? 9.515   9.781   4.656   1.00 8.56  ? 151 THR A N   1 
ATOM   1043 C CA  . THR A 1 129 ? 8.743   9.846   5.884   1.00 8.90  ? 151 THR A CA  1 
ATOM   1044 C C   . THR A 1 129 ? 7.523   8.934   5.822   1.00 8.51  ? 151 THR A C   1 
ATOM   1045 O O   . THR A 1 129 ? 6.670   9.100   4.932   1.00 9.70  ? 151 THR A O   1 
ATOM   1046 C CB  . THR A 1 129 ? 8.293   11.299  6.191   1.00 9.75  ? 151 THR A CB  1 
ATOM   1047 O OG1 . THR A 1 129 ? 9.455   12.150  6.242   1.00 11.71 ? 151 THR A OG1 1 
ATOM   1048 C CG2 . THR A 1 129 ? 7.562   11.372  7.526   1.00 11.60 ? 151 THR A CG2 1 
ATOM   1049 N N   A ILE A 1 130 ? 7.454   7.988   6.749   0.50 8.28  ? 152 ILE A N   1 
ATOM   1050 N N   B ILE A 1 130 ? 7.446   7.983   6.743   0.50 8.17  ? 152 ILE A N   1 
ATOM   1051 C CA  A ILE A 1 130 ? 6.265   7.170   6.957   0.50 8.41  ? 152 ILE A CA  1 
ATOM   1052 C CA  B ILE A 1 130 ? 6.245   7.173   6.921   0.50 8.16  ? 152 ILE A CA  1 
ATOM   1053 C C   A ILE A 1 130 ? 5.297   7.986   7.797   0.50 7.41  ? 152 ILE A C   1 
ATOM   1054 C C   B ILE A 1 130 ? 5.286   7.943   7.806   0.50 7.28  ? 152 ILE A C   1 
ATOM   1055 O O   A ILE A 1 130 ? 5.672   8.477   8.877   0.50 7.46  ? 152 ILE A O   1 
ATOM   1056 O O   B ILE A 1 130 ? 5.654   8.356   8.929   0.50 7.46  ? 152 ILE A O   1 
ATOM   1057 C CB  A ILE A 1 130 ? 6.618   5.881   7.714   0.50 9.09  ? 152 ILE A CB  1 
ATOM   1058 C CB  B ILE A 1 130 ? 6.571   5.832   7.584   0.50 8.92  ? 152 ILE A CB  1 
ATOM   1059 C CG1 A ILE A 1 130 ? 7.791   5.181   7.021   0.50 10.81 ? 152 ILE A CG1 1 
ATOM   1060 C CG1 B ILE A 1 130 ? 7.385   4.958   6.621   0.50 9.45  ? 152 ILE A CG1 1 
ATOM   1061 C CG2 A ILE A 1 130 ? 5.402   4.957   7.810   0.50 10.48 ? 152 ILE A CG2 1 
ATOM   1062 C CG2 B ILE A 1 130 ? 5.282   5.120   8.044   0.50 10.16 ? 152 ILE A CG2 1 
ATOM   1063 C CD1 A ILE A 1 130 ? 7.578   4.977   5.549   0.50 12.99 ? 152 ILE A CD1 1 
ATOM   1064 C CD1 B ILE A 1 130 ? 8.059   3.797   7.297   0.50 11.54 ? 152 ILE A CD1 1 
ATOM   1065 N N   . VAL A 1 131 ? 4.081   8.164   7.299   1.00 6.76  ? 153 VAL A N   1 
ATOM   1066 C CA  . VAL A 1 131 ? 3.046   8.898   8.021   1.00 6.52  ? 153 VAL A CA  1 
ATOM   1067 C C   . VAL A 1 131 ? 1.907   7.940   8.330   1.00 5.99  ? 153 VAL A C   1 
ATOM   1068 O O   . VAL A 1 131 ? 1.287   7.388   7.410   1.00 6.58  ? 153 VAL A O   1 
ATOM   1069 C CB  . VAL A 1 131 ? 2.524   10.078  7.184   1.00 7.15  ? 153 VAL A CB  1 
ATOM   1070 C CG1 . VAL A 1 131 ? 1.591   10.957  8.015   1.00 7.78  ? 153 VAL A CG1 1 
ATOM   1071 C CG2 . VAL A 1 131 ? 3.687   10.922  6.608   1.00 7.88  ? 153 VAL A CG2 1 
ATOM   1072 N N   . ASN A 1 132 ? 1.648   7.725   9.610   1.00 6.34  ? 154 ASN A N   1 
ATOM   1073 C CA  . ASN A 1 132 ? 0.537   6.925   10.068  1.00 6.65  ? 154 ASN A CA  1 
ATOM   1074 C C   . ASN A 1 132 ? -0.739  7.738   10.105  1.00 6.08  ? 154 ASN A C   1 
ATOM   1075 O O   . ASN A 1 132 ? -0.697  8.971   10.124  1.00 6.54  ? 154 ASN A O   1 
ATOM   1076 C CB  . ASN A 1 132 ? 0.887   6.341   11.423  1.00 6.99  ? 154 ASN A CB  1 
ATOM   1077 C CG  . ASN A 1 132 ? 1.971   5.309   11.303  1.00 6.99  ? 154 ASN A CG  1 
ATOM   1078 O OD1 . ASN A 1 132 ? 1.701   4.150   10.940  1.00 7.67  ? 154 ASN A OD1 1 
ATOM   1079 N ND2 . ASN A 1 132 ? 3.200   5.693   11.589  1.00 7.13  ? 154 ASN A ND2 1 
ATOM   1080 N N   . ARG A 1 133 ? -1.886  7.069   10.121  1.00 6.37  ? 155 ARG A N   1 
ATOM   1081 C CA  . ARG A 1 133 ? -3.143  7.780   10.102  1.00 6.68  ? 155 ARG A CA  1 
ATOM   1082 C C   . ARG A 1 133 ? -3.351  8.601   11.389  1.00 6.30  ? 155 ARG A C   1 
ATOM   1083 O O   . ARG A 1 133 ? -3.998  9.645   11.357  1.00 6.42  ? 155 ARG A O   1 
ATOM   1084 C CB  . ARG A 1 133 ? -4.302  6.811   9.792   1.00 7.69  ? 155 ARG A CB  1 
ATOM   1085 C CG  . ARG A 1 133 ? -5.716  7.425   9.715   1.00 8.43  ? 155 ARG A CG  1 
ATOM   1086 C CD  . ARG A 1 133 ? -5.966  8.425   8.591   1.00 10.11 ? 155 ARG A CD  1 
ATOM   1087 N NE  . ARG A 1 133 ? -5.329  9.714   8.863   1.00 11.15 ? 155 ARG A NE  1 
ATOM   1088 C CZ  . ARG A 1 133 ? -5.532  10.822  8.165   1.00 10.51 ? 155 ARG A CZ  1 
ATOM   1089 N NH1 . ARG A 1 133 ? -6.420  10.838  7.175   1.00 13.63 ? 155 ARG A NH1 1 
ATOM   1090 N NH2 . ARG A 1 133 ? -4.879  11.920  8.503   1.00 13.92 ? 155 ARG A NH2 1 
ATOM   1091 N N   . ASP A 1 134 ? -2.738  8.157   12.496  1.00 6.33  ? 156 ASP A N   1 
ATOM   1092 C CA  . ASP A 1 134 ? -2.799  8.911   13.754  1.00 6.82  ? 156 ASP A CA  1 
ATOM   1093 C C   . ASP A 1 134 ? -1.781  10.027  13.801  1.00 6.70  ? 156 ASP A C   1 
ATOM   1094 O O   . ASP A 1 134 ? -1.681  10.694  14.848  1.00 7.45  ? 156 ASP A O   1 
ATOM   1095 C CB  . ASP A 1 134 ? -2.668  7.997   14.984  1.00 7.84  ? 156 ASP A CB  1 
ATOM   1096 C CG  . ASP A 1 134 ? -1.276  7.416   15.167  1.00 7.72  ? 156 ASP A CG  1 
ATOM   1097 O OD1 . ASP A 1 134 ? -0.358  7.718   14.389  1.00 8.03  ? 156 ASP A OD1 1 
ATOM   1098 O OD2 . ASP A 1 134 ? -1.133  6.625   16.141  1.00 8.69  ? 156 ASP A OD2 1 
ATOM   1099 N N   . GLY A 1 135 ? -1.045  10.257  12.725  1.00 6.89  ? 157 GLY A N   1 
ATOM   1100 C CA  . GLY A 1 135 ? -0.129  11.380  12.630  1.00 6.86  ? 157 GLY A CA  1 
ATOM   1101 C C   . GLY A 1 135 ? 1.306   11.059  12.999  1.00 7.16  ? 157 GLY A C   1 
ATOM   1102 O O   . GLY A 1 135 ? 2.212   11.839  12.691  1.00 8.24  ? 157 GLY A O   1 
ATOM   1103 N N   A THR A 1 136 ? 1.502   9.918   13.677  0.50 7.35  ? 158 THR A N   1 
ATOM   1104 N N   B THR A 1 136 ? 1.532   9.942   13.650  0.50 6.61  ? 158 THR A N   1 
ATOM   1105 C CA  A THR A 1 136 ? 2.836   9.431   14.086  0.50 8.16  ? 158 THR A CA  1 
ATOM   1106 C CA  B THR A 1 136 ? 2.885   9.674   14.046  0.50 6.90  ? 158 THR A CA  1 
ATOM   1107 C C   A THR A 1 136 ? 3.721   9.345   12.828  0.50 7.53  ? 158 THR A C   1 
ATOM   1108 C C   B THR A 1 136 ? 3.743   9.333   12.846  0.50 6.70  ? 158 THR A C   1 
ATOM   1109 O O   A THR A 1 136 ? 3.258   8.845   11.792  0.50 7.37  ? 158 THR A O   1 
ATOM   1110 O O   B THR A 1 136 ? 3.320   8.631   11.906  0.50 6.82  ? 158 THR A O   1 
ATOM   1111 C CB  A THR A 1 136 ? 2.776   8.028   14.830  0.50 8.74  ? 158 THR A CB  1 
ATOM   1112 C CB  B THR A 1 136 ? 2.937   8.584   15.059  0.50 6.32  ? 158 THR A CB  1 
ATOM   1113 O OG1 A THR A 1 136 ? 1.909   8.079   15.978  0.50 9.38  ? 158 THR A OG1 1 
ATOM   1114 O OG1 B THR A 1 136 ? 2.377   7.394   14.482  0.50 6.14  ? 158 THR A OG1 1 
ATOM   1115 C CG2 A THR A 1 136 ? 4.160   7.590   15.299  0.50 9.53  ? 158 THR A CG2 1 
ATOM   1116 C CG2 B THR A 1 136 ? 2.123   9.000   16.295  0.50 7.56  ? 158 THR A CG2 1 
ATOM   1117 N N   . ARG A 1 137 ? 4.957   9.850   12.895  1.00 7.75  ? 159 ARG A N   1 
ATOM   1118 C CA  . ARG A 1 137 ? 5.865   9.833   11.759  1.00 8.48  ? 159 ARG A CA  1 
ATOM   1119 C C   . ARG A 1 137 ? 7.183   9.187   12.109  1.00 9.75  ? 159 ARG A C   1 
ATOM   1120 O O   . ARG A 1 137 ? 7.641   9.279   13.252  1.00 11.16 ? 159 ARG A O   1 
ATOM   1121 C CB  . ARG A 1 137 ? 6.131   11.248  11.262  1.00 9.65  ? 159 ARG A CB  1 
ATOM   1122 C CG  . ARG A 1 137 ? 4.938   11.839  10.544  1.00 9.07  ? 159 ARG A CG  1 
ATOM   1123 C CD  . ARG A 1 137 ? 5.123   13.333  10.267  1.00 10.07 ? 159 ARG A CD  1 
ATOM   1124 N NE  . ARG A 1 137 ? 4.230   13.861  9.231   1.00 10.20 ? 159 ARG A NE  1 
ATOM   1125 C CZ  . ARG A 1 137 ? 2.951   14.151  9.373   1.00 14.08 ? 159 ARG A CZ  1 
ATOM   1126 N NH1 . ARG A 1 137 ? 2.316   13.969  10.536  1.00 14.88 ? 159 ARG A NH1 1 
ATOM   1127 N NH2 . ARG A 1 137 ? 2.314   14.643  8.304   1.00 15.69 ? 159 ARG A NH2 1 
ATOM   1128 N N   . TYR A 1 138 ? 7.779   8.542   11.120  1.00 9.94  ? 160 TYR A N   1 
ATOM   1129 C CA  . TYR A 1 138 ? 9.137   7.999   11.182  1.00 11.29 ? 160 TYR A CA  1 
ATOM   1130 C C   . TYR A 1 138 ? 9.832   8.407   9.891   1.00 11.65 ? 160 TYR A C   1 
ATOM   1131 O O   . TYR A 1 138 ? 9.303   8.170   8.792   1.00 12.45 ? 160 TYR A O   1 
ATOM   1132 C CB  . TYR A 1 138 ? 9.093   6.468   11.290  1.00 12.02 ? 160 TYR A CB  1 
ATOM   1133 C CG  . TYR A 1 138 ? 10.448  5.829   11.057  1.00 15.27 ? 160 TYR A CG  1 
ATOM   1134 C CD1 . TYR A 1 138 ? 11.405  5.810   12.080  1.00 18.82 ? 160 TYR A CD1 1 
ATOM   1135 C CD2 . TYR A 1 138 ? 10.800  5.279   9.818   1.00 17.10 ? 160 TYR A CD2 1 
ATOM   1136 C CE1 . TYR A 1 138 ? 12.671  5.247   11.885  1.00 19.88 ? 160 TYR A CE1 1 
ATOM   1137 C CE2 . TYR A 1 138 ? 12.083  4.711   9.620   1.00 18.48 ? 160 TYR A CE2 1 
ATOM   1138 C CZ  . TYR A 1 138 ? 13.003  4.696   10.661  1.00 19.88 ? 160 TYR A CZ  1 
ATOM   1139 O OH  . TYR A 1 138 ? 14.259  4.139   10.484  1.00 23.10 ? 160 TYR A OH  1 
ATOM   1140 N N   . SER A 1 139 ? 11.028  8.968   9.998   1.00 12.63 ? 161 SER A N   1 
ATOM   1141 C CA  . SER A 1 139 ? 11.770  9.430   8.830   1.00 13.27 ? 161 SER A CA  1 
ATOM   1142 C C   . SER A 1 139 ? 13.150  8.794   8.768   1.00 13.62 ? 161 SER A C   1 
ATOM   1143 O O   . SER A 1 139 ? 13.768  8.511   9.805   1.00 13.01 ? 161 SER A O   1 
ATOM   1144 C CB  . SER A 1 139 ? 11.931  10.957  8.817   1.00 14.98 ? 161 SER A CB  1 
ATOM   1145 O OG  . SER A 1 139 ? 10.691  11.641  8.789   1.00 18.61 ? 161 SER A OG  1 
ATOM   1146 N N   . LYS A 1 140 ? 13.632  8.600   7.550   1.00 12.90 ? 162 LYS A N   1 
ATOM   1147 C CA  . LYS A 1 140 ? 15.001  8.172   7.334   1.00 14.30 ? 162 LYS A CA  1 
ATOM   1148 C C   . LYS A 1 140 ? 15.447  8.646   5.965   1.00 14.39 ? 162 LYS A C   1 
ATOM   1149 O O   . LYS A 1 140 ? 14.625  8.907   5.075   1.00 14.74 ? 162 LYS A O   1 
ATOM   1150 C CB  . LYS A 1 140 ? 15.110  6.652   7.457   1.00 14.83 ? 162 LYS A CB  1 
ATOM   1151 C CG  . LYS A 1 140 ? 14.471  5.881   6.311   1.00 16.35 ? 162 LYS A CG  1 
ATOM   1152 C CD  . LYS A 1 140 ? 14.369  4.393   6.599   1.00 19.40 ? 162 LYS A CD  1 
ATOM   1153 C CE  . LYS A 1 140 ? 15.743  3.742   6.740   1.00 19.76 ? 162 LYS A CE  1 
ATOM   1154 N NZ  . LYS A 1 140 ? 15.667  2.255   6.809   1.00 21.74 ? 162 LYS A NZ  1 
ATOM   1155 N N   . LYS A 1 141 ? 16.755  8.763   5.791   1.00 14.35 ? 163 LYS A N   1 
ATOM   1156 C CA  . LYS A 1 141 ? 17.333  9.087   4.507   1.00 14.47 ? 163 LYS A CA  1 
ATOM   1157 C C   . LYS A 1 141 ? 17.604  7.791   3.758   1.00 13.60 ? 163 LYS A C   1 
ATOM   1158 O O   . LYS A 1 141 ? 18.189  6.861   4.308   1.00 14.96 ? 163 LYS A O   1 
ATOM   1159 C CB  . LYS A 1 141 ? 18.635  9.858   4.724   1.00 15.82 ? 163 LYS A CB  1 
ATOM   1160 C CG  . LYS A 1 141 ? 19.133  10.639  3.533   1.00 19.42 ? 163 LYS A CG  1 
ATOM   1161 C CD  . LYS A 1 141 ? 20.545  11.207  3.772   1.00 23.18 ? 163 LYS A CD  1 
ATOM   1162 C CE  . LYS A 1 141 ? 21.598  10.109  4.075   1.00 25.15 ? 163 LYS A CE  1 
ATOM   1163 N NZ  . LYS A 1 141 ? 22.030  9.318   2.877   1.00 27.12 ? 163 LYS A NZ  1 
ATOM   1164 N N   . GLY A 1 142 ? 17.156  7.713   2.514   1.00 11.88 ? 164 GLY A N   1 
ATOM   1165 C CA  . GLY A 1 142 ? 17.393  6.528   1.729   1.00 11.47 ? 164 GLY A CA  1 
ATOM   1166 C C   . GLY A 1 142 ? 16.827  6.611   0.331   1.00 11.02 ? 164 GLY A C   1 
ATOM   1167 O O   . GLY A 1 142 ? 16.623  7.709   -0.208  1.00 12.23 ? 164 GLY A O   1 
ATOM   1168 N N   . GLU A 1 143 ? 16.581  5.439   -0.245  1.00 10.76 ? 165 GLU A N   1 
ATOM   1169 C CA  . GLU A 1 143 ? 15.950  5.319   -1.550  1.00 10.75 ? 165 GLU A CA  1 
ATOM   1170 C C   . GLU A 1 143 ? 15.296  3.947   -1.581  1.00 10.28 ? 165 GLU A C   1 
ATOM   1171 O O   . GLU A 1 143 ? 15.701  3.038   -0.838  1.00 10.52 ? 165 GLU A O   1 
ATOM   1172 C CB  . GLU A 1 143 ? 16.989  5.483   -2.670  1.00 11.36 ? 165 GLU A CB  1 
ATOM   1173 C CG  . GLU A 1 143 ? 16.444  5.369   -4.098  1.00 13.51 ? 165 GLU A CG  1 
ATOM   1174 C CD  . GLU A 1 143 ? 15.308  6.342   -4.387  1.00 15.88 ? 165 GLU A CD  1 
ATOM   1175 O OE1 . GLU A 1 143 ? 15.578  7.500   -4.790  1.00 16.81 ? 165 GLU A OE1 1 
ATOM   1176 O OE2 . GLU A 1 143 ? 14.120  5.946   -4.252  1.00 14.78 ? 165 GLU A OE2 1 
ATOM   1177 N N   . TYR A 1 144 ? 14.290  3.794   -2.442  1.00 10.73 ? 166 TYR A N   1 
ATOM   1178 C CA  . TYR A 1 144 ? 13.690  2.476   -2.668  1.00 11.05 ? 166 TYR A CA  1 
ATOM   1179 C C   . TYR A 1 144 ? 13.453  2.186   -4.137  1.00 11.77 ? 166 TYR A C   1 
ATOM   1180 O O   . TYR A 1 144 ? 13.221  1.043   -4.490  1.00 11.14 ? 166 TYR A O   1 
ATOM   1181 C CB  . TYR A 1 144 ? 12.378  2.268   -1.882  1.00 11.40 ? 166 TYR A CB  1 
ATOM   1182 C CG  . TYR A 1 144 ? 11.296  3.244   -2.287  1.00 10.60 ? 166 TYR A CG  1 
ATOM   1183 C CD1 . TYR A 1 144 ? 10.423  2.959   -3.351  1.00 11.72 ? 166 TYR A CD1 1 
ATOM   1184 C CD2 . TYR A 1 144 ? 11.162  4.469   -1.639  1.00 12.60 ? 166 TYR A CD2 1 
ATOM   1185 C CE1 . TYR A 1 144 ? 9.440   3.876   -3.756  1.00 12.30 ? 166 TYR A CE1 1 
ATOM   1186 C CE2 . TYR A 1 144 ? 10.187  5.391   -2.033  1.00 15.70 ? 166 TYR A CE2 1 
ATOM   1187 C CZ  . TYR A 1 144 ? 9.332   5.087   -3.090  1.00 13.44 ? 166 TYR A CZ  1 
ATOM   1188 O OH  . TYR A 1 144 ? 8.378   6.021   -3.459  1.00 16.06 ? 166 TYR A OH  1 
ATOM   1189 N N   . ARG A 1 145 ? 13.536  3.209   -4.991  1.00 12.93 ? 167 ARG A N   1 
ATOM   1190 C CA  . ARG A 1 145 ? 13.221  3.051   -6.420  1.00 13.99 ? 167 ARG A CA  1 
ATOM   1191 C C   . ARG A 1 145 ? 14.420  2.496   -7.165  1.00 15.47 ? 167 ARG A C   1 
ATOM   1192 O O   . ARG A 1 145 ? 15.520  3.049   -7.062  1.00 16.37 ? 167 ARG A O   1 
ATOM   1193 C CB  . ARG A 1 145 ? 12.792  4.394   -7.017  1.00 14.37 ? 167 ARG A CB  1 
ATOM   1194 C CG  . ARG A 1 145 ? 11.504  4.912   -6.413  1.00 14.41 ? 167 ARG A CG  1 
ATOM   1195 C CD  . ARG A 1 145 ? 11.297  6.389   -6.653  1.00 15.63 ? 167 ARG A CD  1 
ATOM   1196 N NE  . ARG A 1 145 ? 12.349  7.208   -6.045  1.00 16.09 ? 167 ARG A NE  1 
ATOM   1197 C CZ  . ARG A 1 145 ? 12.423  8.533   -6.154  1.00 18.54 ? 167 ARG A CZ  1 
ATOM   1198 N NH1 . ARG A 1 145 ? 11.499  9.203   -6.841  1.00 18.60 ? 167 ARG A NH1 1 
ATOM   1199 N NH2 . ARG A 1 145 ? 13.419  9.186   -5.576  1.00 18.58 ? 167 ARG A NH2 1 
ATOM   1200 N N   . THR A 1 146 ? 14.228  1.390   -7.871  1.00 15.90 ? 168 THR A N   1 
ATOM   1201 C CA  . THR A 1 146 ? 15.319  0.752   -8.601  1.00 18.14 ? 168 THR A CA  1 
ATOM   1202 C C   . THR A 1 146 ? 15.258  1.018   -10.107 1.00 19.49 ? 168 THR A C   1 
ATOM   1203 O O   . THR A 1 146 ? 16.212  0.701   -10.825 1.00 20.51 ? 168 THR A O   1 
ATOM   1204 C CB  . THR A 1 146 ? 15.372  -0.772  -8.353  1.00 17.59 ? 168 THR A CB  1 
ATOM   1205 O OG1 . THR A 1 146 ? 14.273  -1.404  -9.019  1.00 18.55 ? 168 THR A OG1 1 
ATOM   1206 C CG2 . THR A 1 146 ? 15.345  -1.091  -6.851  1.00 18.39 ? 168 THR A CG2 1 
ATOM   1207 N N   . HIS A 1 147 ? 14.157  1.595   -10.587 1.00 20.35 ? 169 HIS A N   1 
ATOM   1208 C CA  . HIS A 1 147 ? 13.997  1.919   -12.013 1.00 22.24 ? 169 HIS A CA  1 
ATOM   1209 C C   . HIS A 1 147 ? 14.118  3.433   -12.222 1.00 23.24 ? 169 HIS A C   1 
ATOM   1210 O O   . HIS A 1 147 ? 13.417  4.210   -11.569 1.00 23.34 ? 169 HIS A O   1 
ATOM   1211 C CB  . HIS A 1 147 ? 12.642  1.420   -12.531 1.00 21.88 ? 169 HIS A CB  1 
ATOM   1212 C CG  . HIS A 1 147 ? 12.483  -0.070  -12.489 1.00 23.19 ? 169 HIS A CG  1 
ATOM   1213 N ND1 . HIS A 1 147 ? 12.024  -0.742  -11.376 1.00 24.39 ? 169 HIS A ND1 1 
ATOM   1214 C CD2 . HIS A 1 147 ? 12.717  -1.018  -13.428 1.00 24.38 ? 169 HIS A CD2 1 
ATOM   1215 C CE1 . HIS A 1 147 ? 11.981  -2.037  -11.630 1.00 24.26 ? 169 HIS A CE1 1 
ATOM   1216 N NE2 . HIS A 1 147 ? 12.398  -2.232  -12.869 1.00 26.15 ? 169 HIS A NE2 1 
ATOM   1217 N N   . GLN A 1 148 ? 15.011  3.850   -13.123 1.00 25.00 ? 170 GLN A N   1 
ATOM   1218 C CA  . GLN A 1 148 ? 15.269  5.280   -13.375 1.00 26.17 ? 170 GLN A CA  1 
ATOM   1219 C C   . GLN A 1 148 ? 14.025  6.050   -13.834 1.00 26.61 ? 170 GLN A C   1 
ATOM   1220 O O   . GLN A 1 148 ? 13.827  7.212   -13.458 1.00 27.00 ? 170 GLN A O   1 
ATOM   1221 C CB  . GLN A 1 148 ? 16.409  5.453   -14.391 1.00 26.68 ? 170 GLN A CB  1 
ATOM   1222 C CG  . GLN A 1 148 ? 16.948  6.885   -14.523 1.00 28.50 ? 170 GLN A CG  1 
ATOM   1223 C CD  . GLN A 1 148 ? 17.551  7.424   -13.232 1.00 31.20 ? 170 GLN A CD  1 
ATOM   1224 O OE1 . GLN A 1 148 ? 18.413  6.791   -12.618 1.00 32.82 ? 170 GLN A OE1 1 
ATOM   1225 N NE2 . GLN A 1 148 ? 17.098  8.604   -12.816 1.00 32.21 ? 170 GLN A NE2 1 
ATOM   1226 N N   . GLU A 1 149 ? 13.186  5.388   -14.629 1.00 27.34 ? 171 GLU A N   1 
ATOM   1227 C CA  . GLU A 1 149 ? 11.947  5.979   -15.148 1.00 28.02 ? 171 GLU A CA  1 
ATOM   1228 C C   . GLU A 1 149 ? 10.996  6.395   -14.029 1.00 27.59 ? 171 GLU A C   1 
ATOM   1229 O O   . GLU A 1 149 ? 10.125  7.240   -14.232 1.00 27.73 ? 171 GLU A O   1 
ATOM   1230 C CB  . GLU A 1 149 ? 11.237  5.014   -16.106 1.00 28.44 ? 171 GLU A CB  1 
ATOM   1231 C CG  . GLU A 1 149 ? 12.175  4.104   -16.907 1.00 31.05 ? 171 GLU A CG  1 
ATOM   1232 C CD  . GLU A 1 149 ? 12.582  2.851   -16.131 1.00 34.23 ? 171 GLU A CD  1 
ATOM   1233 O OE1 . GLU A 1 149 ? 11.688  2.057   -15.764 1.00 36.34 ? 171 GLU A OE1 1 
ATOM   1234 O OE2 . GLU A 1 149 ? 13.795  2.657   -15.900 1.00 35.91 ? 171 GLU A OE2 1 
ATOM   1235 N N   . ASP A 1 150 ? 11.172  5.808   -12.846 1.00 26.90 ? 172 ASP A N   1 
ATOM   1236 C CA  . ASP A 1 150 ? 10.343  6.149   -11.692 1.00 26.57 ? 172 ASP A CA  1 
ATOM   1237 C C   . ASP A 1 150 ? 10.858  7.352   -10.903 1.00 27.58 ? 172 ASP A C   1 
ATOM   1238 O O   . ASP A 1 150 ? 10.124  7.915   -10.089 1.00 28.43 ? 172 ASP A O   1 
ATOM   1239 C CB  . ASP A 1 150 ? 10.169  4.933   -10.780 1.00 25.24 ? 172 ASP A CB  1 
ATOM   1240 C CG  . ASP A 1 150 ? 9.321   3.856   -11.416 1.00 22.67 ? 172 ASP A CG  1 
ATOM   1241 O OD1 . ASP A 1 150 ? 8.386   4.204   -12.174 1.00 20.40 ? 172 ASP A OD1 1 
ATOM   1242 O OD2 . ASP A 1 150 ? 9.580   2.668   -11.155 1.00 17.04 ? 172 ASP A OD2 1 
ATOM   1243 N N   . ILE A 1 151 ? 12.101  7.750   -11.164 1.00 28.36 ? 173 ILE A N   1 
ATOM   1244 C CA  . ILE A 1 151 ? 12.749  8.819   -10.400 1.00 29.03 ? 173 ILE A CA  1 
ATOM   1245 C C   . ILE A 1 151 ? 12.725  10.154  -11.145 1.00 29.61 ? 173 ILE A C   1 
ATOM   1246 O O   . ILE A 1 151 ? 11.987  11.065  -10.760 1.00 30.54 ? 173 ILE A O   1 
ATOM   1247 C CB  . ILE A 1 151 ? 14.194  8.432   -10.004 1.00 29.20 ? 173 ILE A CB  1 
ATOM   1248 C CG1 . ILE A 1 151 ? 14.194  7.095   -9.248  1.00 28.52 ? 173 ILE A CG1 1 
ATOM   1249 C CG2 . ILE A 1 151 ? 14.834  9.534   -9.160  1.00 29.07 ? 173 ILE A CG2 1 
ATOM   1250 C CD1 . ILE A 1 151 ? 15.554  6.468   -9.044  1.00 28.84 ? 173 ILE A CD1 1 
HETATM 1251 S S   . DMS B 2 .   ? -1.674  3.906   12.817  1.00 13.82 ? 201 DMS A S   1 
HETATM 1252 O O   . DMS B 2 .   ? -2.569  5.379   12.598  1.00 10.83 ? 201 DMS A O   1 
HETATM 1253 C C1  . DMS B 2 .   ? -1.795  3.783   14.634  1.00 10.77 ? 201 DMS A C1  1 
HETATM 1254 C C2  . DMS B 2 .   ? -2.853  2.682   12.339  1.00 11.09 ? 201 DMS A C2  1 
HETATM 1255 S S   . SO4 C 3 .   ? 4.311   -3.461  7.811   1.00 33.68 ? 202 SO4 A S   1 
HETATM 1256 O O1  . SO4 C 3 .   ? 4.893   -3.161  9.123   1.00 36.00 ? 202 SO4 A O1  1 
HETATM 1257 O O2  . SO4 C 3 .   ? 3.379   -4.578  7.968   1.00 35.32 ? 202 SO4 A O2  1 
HETATM 1258 O O3  . SO4 C 3 .   ? 3.648   -2.255  7.309   1.00 36.62 ? 202 SO4 A O3  1 
HETATM 1259 O O4  . SO4 C 3 .   ? 5.375   -3.831  6.873   1.00 33.46 ? 202 SO4 A O4  1 
HETATM 1260 C CAJ . 4WO D 4 .   ? -5.457  10.336  3.881   1.00 17.21 ? 203 4WO A CAJ 1 
HETATM 1261 C CAH . 4WO D 4 .   ? -4.118  10.764  4.387   1.00 15.46 ? 203 4WO A CAH 1 
HETATM 1262 C CAO . 4WO D 4 .   ? -3.488  9.738   5.140   1.00 12.90 ? 203 4WO A CAO 1 
HETATM 1263 C CAF . 4WO D 4 .   ? -2.465  10.145  5.985   1.00 13.15 ? 203 4WO A CAF 1 
HETATM 1264 C CAD . 4WO D 4 .   ? -1.780  9.223   6.757   1.00 10.92 ? 203 4WO A CAD 1 
HETATM 1265 C CAE . 4WO D 4 .   ? -2.103  7.862   6.692   1.00 8.84  ? 203 4WO A CAE 1 
HETATM 1266 C CAN . 4WO D 4 .   ? -3.148  7.436   5.853   1.00 9.59  ? 203 4WO A CAN 1 
HETATM 1267 N NAB . 4WO D 4 .   ? -3.476  6.119   5.795   1.00 9.17  ? 203 4WO A NAB 1 
HETATM 1268 C CAP . 4WO D 4 .   ? -3.845  8.375   5.059   1.00 11.89 ? 203 4WO A CAP 1 
HETATM 1269 C CAK . 4WO D 4 .   ? -4.893  7.964   4.200   1.00 14.14 ? 203 4WO A CAK 1 
HETATM 1270 N NAQ . 4WO D 4 .   ? -5.358  9.015   3.242   1.00 16.96 ? 203 4WO A NAQ 1 
HETATM 1271 C CAI . 4WO D 4 .   ? -6.661  8.749   2.617   1.00 20.57 ? 203 4WO A CAI 1 
HETATM 1272 C CAG . 4WO D 4 .   ? -6.574  7.612   1.608   1.00 20.45 ? 203 4WO A CAG 1 
HETATM 1273 C CAM . 4WO D 4 .   ? -6.857  6.329   2.373   1.00 18.43 ? 203 4WO A CAM 1 
HETATM 1274 O OAC . 4WO D 4 .   ? -7.377  6.349   3.492   1.00 21.13 ? 203 4WO A OAC 1 
HETATM 1275 O OAL . 4WO D 4 .   ? -6.479  5.192   1.743   1.00 21.20 ? 203 4WO A OAL 1 
HETATM 1276 C CAA . 4WO D 4 .   ? -6.689  4.103   2.652   1.00 20.08 ? 203 4WO A CAA 1 
HETATM 1277 O O   . HOH E 5 .   ? -5.010  -16.165 1.442   1.00 18.05 ? 301 HOH A O   1 
HETATM 1278 O O   . HOH E 5 .   ? 24.839  7.917   -0.519  1.00 28.14 ? 302 HOH A O   1 
HETATM 1279 O O   . HOH E 5 .   ? 17.664  3.678   3.664   1.00 16.24 ? 303 HOH A O   1 
HETATM 1280 O O   . HOH E 5 .   ? -0.173  15.041  8.067   1.00 16.08 ? 304 HOH A O   1 
HETATM 1281 O O   . HOH E 5 .   ? 5.825   6.053   -9.767  1.00 23.57 ? 305 HOH A O   1 
HETATM 1282 O O   . HOH E 5 .   ? 2.094   -11.497 -2.138  1.00 12.07 ? 306 HOH A O   1 
HETATM 1283 O O   . HOH E 5 .   ? -3.356  6.932   -13.094 1.00 10.01 ? 307 HOH A O   1 
HETATM 1284 O O   . HOH E 5 .   ? 1.143   5.578   17.146  1.00 9.18  ? 308 HOH A O   1 
HETATM 1285 O O   . HOH E 5 .   ? -10.353 7.397   -6.577  1.00 19.89 ? 309 HOH A O   1 
HETATM 1286 O O   . HOH E 5 .   ? -3.327  -7.654  15.799  1.00 27.36 ? 310 HOH A O   1 
HETATM 1287 O O   . HOH E 5 .   ? -9.401  5.240   1.403   1.00 21.87 ? 311 HOH A O   1 
HETATM 1288 O O   . HOH E 5 .   ? 5.327   14.422  6.885   1.00 20.85 ? 312 HOH A O   1 
HETATM 1289 O O   . HOH E 5 .   ? -5.197  5.270   12.961  1.00 10.64 ? 313 HOH A O   1 
HETATM 1290 O O   . HOH E 5 .   ? 0.106   7.236   -4.410  1.00 9.39  ? 314 HOH A O   1 
HETATM 1291 O O   . HOH E 5 .   ? 17.860  8.660   -5.515  1.00 26.60 ? 315 HOH A O   1 
HETATM 1292 O O   . HOH E 5 .   ? -18.520 0.748   -2.264  1.00 13.40 ? 316 HOH A O   1 
HETATM 1293 O O   . HOH E 5 .   ? 11.400  2.008   -9.195  1.00 15.18 ? 317 HOH A O   1 
HETATM 1294 O O   . HOH E 5 .   ? -3.208  5.612   17.500  1.00 10.03 ? 318 HOH A O   1 
HETATM 1295 O O   . HOH E 5 .   ? 17.080  14.476  1.777   1.00 29.03 ? 319 HOH A O   1 
HETATM 1296 O O   . HOH E 5 .   ? 22.659  4.860   4.292   1.00 18.17 ? 320 HOH A O   1 
HETATM 1297 O O   . HOH E 5 .   ? 1.863   -5.124  11.019  1.00 14.30 ? 321 HOH A O   1 
HETATM 1298 O O   . HOH E 5 .   ? -5.193  -10.254 -9.435  1.00 15.82 ? 322 HOH A O   1 
HETATM 1299 O O   . HOH E 5 .   ? 3.258   -10.725 -5.575  1.00 19.88 ? 323 HOH A O   1 
HETATM 1300 O O   . HOH E 5 .   ? 1.746   1.209   -14.016 1.00 15.91 ? 324 HOH A O   1 
HETATM 1301 O O   . HOH E 5 .   ? -2.113  -7.777  10.014  1.00 7.12  ? 325 HOH A O   1 
HETATM 1302 O O   . HOH E 5 .   ? -23.151 1.409   3.261   1.00 27.73 ? 326 HOH A O   1 
HETATM 1303 O O   . HOH E 5 .   ? 2.391   -5.451  15.223  1.00 26.90 ? 327 HOH A O   1 
HETATM 1304 O O   . HOH E 5 .   ? 2.958   5.807   -17.657 1.00 22.03 ? 328 HOH A O   1 
HETATM 1305 O O   . HOH E 5 .   ? -5.843  1.550   -21.028 1.00 10.46 ? 329 HOH A O   1 
HETATM 1306 O O   . HOH E 5 .   ? -2.325  -16.470 -2.865  1.00 14.43 ? 330 HOH A O   1 
HETATM 1307 O O   . HOH E 5 .   ? -1.266  4.186   9.955   1.00 10.95 ? 331 HOH A O   1 
HETATM 1308 O O   . HOH E 5 .   ? 7.733   -6.397  -4.077  1.00 21.86 ? 332 HOH A O   1 
HETATM 1309 O O   . HOH E 5 .   ? -8.752  6.563   -16.355 1.00 10.98 ? 333 HOH A O   1 
HETATM 1310 O O   . HOH E 5 .   ? 7.820   -1.567  8.960   1.00 23.20 ? 334 HOH A O   1 
HETATM 1311 O O   . HOH E 5 .   ? 13.079  -1.262  -2.991  1.00 13.06 ? 335 HOH A O   1 
HETATM 1312 O O   . HOH E 5 .   ? -2.754  5.162   3.132   1.00 9.39  ? 336 HOH A O   1 
HETATM 1313 O O   . HOH E 5 .   ? -15.238 -0.850  -17.718 1.00 27.26 ? 337 HOH A O   1 
HETATM 1314 O O   . HOH E 5 .   ? 17.542  0.211   5.548   1.00 21.45 ? 338 HOH A O   1 
HETATM 1315 O O   . HOH E 5 .   ? 0.523   12.816  4.999   1.00 17.04 ? 339 HOH A O   1 
HETATM 1316 O O   . HOH E 5 .   ? 11.886  9.515   12.585  1.00 28.36 ? 340 HOH A O   1 
HETATM 1317 O O   . HOH E 5 .   ? -4.316  -3.233  16.644  1.00 18.45 ? 341 HOH A O   1 
HETATM 1318 O O   . HOH E 5 .   ? 9.805   8.409   14.781  1.00 22.90 ? 342 HOH A O   1 
HETATM 1319 O O   . HOH E 5 .   ? -13.284 -12.072 1.194   1.00 15.53 ? 343 HOH A O   1 
HETATM 1320 O O   . HOH E 5 .   ? -13.681 3.565   -15.977 1.00 25.30 ? 344 HOH A O   1 
HETATM 1321 O O   . HOH E 5 .   ? -14.756 -5.291  -12.053 1.00 14.03 ? 345 HOH A O   1 
HETATM 1322 O O   . HOH E 5 .   ? -10.104 -8.712  12.251  1.00 24.32 ? 346 HOH A O   1 
HETATM 1323 O O   . HOH E 5 .   ? 5.309   -10.866 2.599   1.00 18.38 ? 347 HOH A O   1 
HETATM 1324 O O   . HOH E 5 .   ? 8.163   13.329  -3.667  1.00 25.53 ? 348 HOH A O   1 
HETATM 1325 O O   . HOH E 5 .   ? 24.047  4.726   -2.895  1.00 20.57 ? 349 HOH A O   1 
HETATM 1326 O O   . HOH E 5 .   ? -10.343 -0.965  7.008   1.00 15.22 ? 350 HOH A O   1 
HETATM 1327 O O   . HOH E 5 .   ? 3.936   0.379   16.726  1.00 21.66 ? 351 HOH A O   1 
HETATM 1328 O O   . HOH E 5 .   ? -12.041 5.125   -12.425 1.00 28.30 ? 352 HOH A O   1 
HETATM 1329 O O   . HOH E 5 .   ? 20.816  6.596   3.167   1.00 15.44 ? 353 HOH A O   1 
HETATM 1330 O O   . HOH E 5 .   ? 5.792   -8.003  -5.209  1.00 14.27 ? 354 HOH A O   1 
HETATM 1331 O O   . HOH E 5 .   ? -3.249  -12.258 -7.604  1.00 20.55 ? 355 HOH A O   1 
HETATM 1332 O O   . HOH E 5 .   ? -2.908  -16.735 -0.211  1.00 17.73 ? 356 HOH A O   1 
HETATM 1333 O O   . HOH E 5 .   ? -4.869  -15.199 -5.642  1.00 13.32 ? 357 HOH A O   1 
HETATM 1334 O O   . HOH E 5 .   ? -7.985  1.599   5.183   1.00 22.25 ? 358 HOH A O   1 
HETATM 1335 O O   . HOH E 5 .   ? -8.211  -10.934 -12.223 1.00 20.84 ? 359 HOH A O   1 
HETATM 1336 O O   . HOH E 5 .   ? 3.848   11.934  -5.591  1.00 22.45 ? 360 HOH A O   1 
HETATM 1337 O O   . HOH E 5 .   ? -10.985 4.943   -15.040 1.00 17.45 ? 361 HOH A O   1 
HETATM 1338 O O   . HOH E 5 .   ? -4.170  12.980  0.615   1.00 22.76 ? 362 HOH A O   1 
HETATM 1339 O O   . HOH E 5 .   ? 7.672   11.725  14.837  1.00 25.88 ? 363 HOH A O   1 
HETATM 1340 O O   . HOH E 5 .   ? 6.794   -10.558 4.010   1.00 24.95 ? 364 HOH A O   1 
HETATM 1341 O O   . HOH E 5 .   ? -5.894  5.008   7.011   1.00 13.84 ? 365 HOH A O   1 
HETATM 1342 O O   . HOH E 5 .   ? 5.092   -12.599 0.591   1.00 25.35 ? 366 HOH A O   1 
HETATM 1343 O O   . HOH E 5 .   ? -14.216 -10.181 -3.302  1.00 16.89 ? 367 HOH A O   1 
HETATM 1344 O O   . HOH E 5 .   ? -0.206  13.290  2.402   1.00 16.28 ? 368 HOH A O   1 
HETATM 1345 O O   . HOH E 5 .   ? -9.424  -5.765  -15.079 1.00 11.94 ? 369 HOH A O   1 
HETATM 1346 O O   . HOH E 5 .   ? -4.026  -10.347 14.862  1.00 13.55 ? 370 HOH A O   1 
HETATM 1347 O O   . HOH E 5 .   ? 3.205   -14.187 -0.343  1.00 19.93 ? 371 HOH A O   1 
HETATM 1348 O O   . HOH E 5 .   ? -14.876 -6.320  -9.597  1.00 15.71 ? 372 HOH A O   1 
HETATM 1349 O O   . HOH E 5 .   ? 5.744   0.488   -14.190 1.00 26.47 ? 373 HOH A O   1 
HETATM 1350 O O   . HOH E 5 .   ? -14.620 0.405   -14.166 1.00 18.19 ? 374 HOH A O   1 
HETATM 1351 O O   . HOH E 5 .   ? -13.556 3.559   3.191   1.00 31.01 ? 375 HOH A O   1 
HETATM 1352 O O   . HOH E 5 .   ? -13.758 4.922   -6.690  1.00 27.49 ? 376 HOH A O   1 
HETATM 1353 O O   . HOH E 5 .   ? -5.558  2.867   8.724   1.00 12.51 ? 377 HOH A O   1 
HETATM 1354 O O   . HOH E 5 .   ? -5.150  11.408  -5.883  1.00 23.55 ? 378 HOH A O   1 
HETATM 1355 O O   . HOH E 5 .   ? -8.461  8.771   6.133   1.00 26.93 ? 379 HOH A O   1 
HETATM 1356 O O   . HOH E 5 .   ? 1.960   14.327  1.290   1.00 21.32 ? 380 HOH A O   1 
HETATM 1357 O O   . HOH E 5 .   ? -20.888 -5.637  -5.553  1.00 26.50 ? 381 HOH A O   1 
HETATM 1358 O O   . HOH E 5 .   ? -5.950  -11.027 16.691  1.00 25.38 ? 382 HOH A O   1 
HETATM 1359 O O   . HOH E 5 .   ? -1.464  12.955  7.177   1.00 18.41 ? 383 HOH A O   1 
HETATM 1360 O O   . HOH E 5 .   ? -7.226  0.889   7.725   1.00 18.30 ? 384 HOH A O   1 
HETATM 1361 O O   . HOH E 5 .   ? -13.888 -7.415  -13.487 1.00 20.89 ? 385 HOH A O   1 
HETATM 1362 O O   . HOH E 5 .   ? -10.608 -6.063  -19.404 1.00 12.97 ? 386 HOH A O   1 
HETATM 1363 O O   . HOH E 5 .   ? 26.997  8.500   3.065   1.00 27.37 ? 387 HOH A O   1 
HETATM 1364 O O   . HOH E 5 .   ? -12.777 -4.770  -20.778 1.00 21.29 ? 388 HOH A O   1 
HETATM 1365 O O   . HOH E 5 .   ? -7.464  2.228   15.601  1.00 18.54 ? 389 HOH A O   1 
HETATM 1366 O O   . HOH E 5 .   ? -8.327  2.181   12.840  1.00 19.99 ? 390 HOH A O   1 
# 
